data_1NWB
#
_entry.id   1NWB
#
_entity_poly.entity_id   1
_entity_poly.type   'polypeptide(L)'
_entity_poly.pdbx_seq_one_letter_code
;MQEQAQQFIFKVTDKAVEEIKKVAQENNIENPILRIRVVPGGCSGFQYAMGFDDTVEEGDHVFEYDGVKVVIDPFSMPYV
NGAELDYVVDFMGGGFTIRNPNATGSCGCGSSFSCGLEHHHHHH
;
_entity_poly.pdbx_strand_id   A
#
# COMPACT_ATOMS: atom_id res chain seq x y z
CA MET A 1 -4.90 -21.89 -13.02
C MET A 1 -3.54 -21.55 -13.63
N GLN A 2 -2.85 -20.62 -12.99
CA GLN A 2 -1.54 -20.19 -13.46
C GLN A 2 -1.06 -18.98 -12.66
N GLU A 3 0.20 -18.63 -12.89
CA GLU A 3 0.80 -17.50 -12.20
C GLU A 3 0.18 -16.19 -12.70
N GLN A 4 0.04 -15.25 -11.78
CA GLN A 4 -0.52 -13.96 -12.11
C GLN A 4 0.58 -12.90 -12.20
N ALA A 5 1.25 -12.89 -13.34
CA ALA A 5 2.33 -11.94 -13.57
C ALA A 5 1.74 -10.54 -13.76
N GLN A 6 2.29 -9.59 -13.03
CA GLN A 6 1.83 -8.21 -13.11
C GLN A 6 2.75 -7.30 -12.29
N GLN A 7 3.23 -6.26 -12.94
CA GLN A 7 4.11 -5.31 -12.30
C GLN A 7 3.51 -3.90 -12.34
N PHE A 8 2.90 -3.51 -11.24
CA PHE A 8 2.27 -2.20 -11.14
C PHE A 8 3.33 -1.12 -10.90
N ILE A 9 3.24 -0.07 -11.71
CA ILE A 9 4.16 1.04 -11.61
C ILE A 9 3.82 1.87 -10.37
N PHE A 10 4.71 1.80 -9.38
CA PHE A 10 4.51 2.54 -8.14
C PHE A 10 5.84 2.77 -7.43
N LYS A 11 5.90 3.88 -6.71
CA LYS A 11 7.10 4.23 -5.97
C LYS A 11 6.71 4.70 -4.56
N VAL A 12 7.06 3.89 -3.59
CA VAL A 12 6.76 4.21 -2.19
C VAL A 12 8.06 4.45 -1.44
N THR A 13 8.01 5.42 -0.53
CA THR A 13 9.18 5.77 0.26
C THR A 13 9.61 4.57 1.11
N ASP A 14 10.69 4.78 1.85
CA ASP A 14 11.23 3.73 2.71
C ASP A 14 10.43 3.70 4.02
N LYS A 15 9.85 4.84 4.35
CA LYS A 15 9.07 4.97 5.57
C LYS A 15 7.82 4.09 5.45
N ALA A 16 7.13 4.23 4.33
CA ALA A 16 5.93 3.47 4.08
C ALA A 16 6.23 1.98 4.27
N VAL A 17 7.20 1.49 3.52
CA VAL A 17 7.59 0.10 3.59
C VAL A 17 7.95 -0.24 5.04
N GLU A 18 8.69 0.67 5.66
CA GLU A 18 9.10 0.47 7.04
C GLU A 18 7.88 0.35 7.95
N GLU A 19 6.83 1.08 7.58
CA GLU A 19 5.60 1.07 8.35
C GLU A 19 4.94 -0.31 8.27
N ILE A 20 5.02 -0.91 7.10
CA ILE A 20 4.44 -2.22 6.88
C ILE A 20 5.30 -3.28 7.56
N LYS A 21 6.61 -3.11 7.42
CA LYS A 21 7.56 -4.03 8.03
C LYS A 21 7.42 -3.98 9.56
N LYS A 22 7.26 -2.76 10.05
CA LYS A 22 7.12 -2.55 11.48
C LYS A 22 5.77 -3.12 11.95
N VAL A 23 4.72 -2.71 11.25
CA VAL A 23 3.38 -3.17 11.58
C VAL A 23 3.37 -4.70 11.65
N ALA A 24 3.96 -5.31 10.62
CA ALA A 24 4.02 -6.75 10.56
C ALA A 24 4.94 -7.27 11.66
N GLN A 25 6.05 -6.58 11.83
CA GLN A 25 7.02 -6.96 12.85
C GLN A 25 6.36 -7.00 14.22
N GLU A 26 5.40 -6.11 14.41
CA GLU A 26 4.68 -6.04 15.68
C GLU A 26 3.59 -7.12 15.73
N ASN A 27 3.40 -7.77 14.59
CA ASN A 27 2.40 -8.83 14.50
C ASN A 27 3.10 -10.18 14.40
N ASN A 28 4.41 -10.12 14.19
CA ASN A 28 5.20 -11.33 14.08
C ASN A 28 5.03 -11.92 12.68
N ILE A 29 4.75 -11.05 11.73
CA ILE A 29 4.56 -11.47 10.36
C ILE A 29 5.85 -11.21 9.56
N GLU A 30 6.10 -12.10 8.61
CA GLU A 30 7.28 -11.99 7.78
C GLU A 30 6.89 -11.85 6.31
N ASN A 31 5.60 -11.66 6.09
CA ASN A 31 5.08 -11.50 4.75
C ASN A 31 3.84 -10.62 4.78
N PRO A 32 4.05 -9.32 5.13
CA PRO A 32 2.96 -8.37 5.20
C PRO A 32 2.50 -7.95 3.80
N ILE A 33 1.20 -8.02 3.59
CA ILE A 33 0.63 -7.65 2.31
C ILE A 33 -0.03 -6.27 2.42
N LEU A 34 0.54 -5.32 1.68
CA LEU A 34 0.03 -3.96 1.68
C LEU A 34 -1.01 -3.81 0.57
N ARG A 35 -2.24 -3.56 0.98
CA ARG A 35 -3.33 -3.38 0.02
C ARG A 35 -3.72 -1.90 -0.07
N ILE A 36 -4.09 -1.50 -1.27
CA ILE A 36 -4.48 -0.12 -1.51
C ILE A 36 -6.01 -0.05 -1.61
N ARG A 37 -6.58 0.90 -0.88
CA ARG A 37 -8.01 1.09 -0.87
C ARG A 37 -8.36 2.57 -0.67
N VAL A 38 -9.02 3.13 -1.66
CA VAL A 38 -9.42 4.52 -1.60
C VAL A 38 -10.30 4.75 -0.37
N VAL A 39 -9.93 5.76 0.41
CA VAL A 39 -10.67 6.09 1.61
C VAL A 39 -11.06 7.57 1.58
N PRO A 40 -12.34 7.82 1.96
CA PRO A 40 -12.84 9.19 1.97
C PRO A 40 -12.29 9.97 3.17
N GLY A 41 -11.30 10.80 2.89
CA GLY A 41 -10.68 11.61 3.93
C GLY A 41 -11.42 12.93 4.11
N GLY A 42 -10.76 14.01 3.72
CA GLY A 42 -11.33 15.33 3.85
C GLY A 42 -10.29 16.42 3.61
N CYS A 43 -10.39 17.48 4.39
CA CYS A 43 -9.46 18.59 4.29
C CYS A 43 -8.05 18.05 4.53
N SER A 44 -7.97 17.05 5.39
CA SER A 44 -6.69 16.44 5.71
C SER A 44 -6.02 15.91 4.45
N GLY A 45 -6.83 15.28 3.61
CA GLY A 45 -6.33 14.72 2.36
C GLY A 45 -7.03 13.41 2.02
N PHE A 46 -7.31 13.24 0.73
CA PHE A 46 -7.98 12.04 0.26
C PHE A 46 -6.99 10.90 0.03
N GLN A 47 -6.18 10.65 1.06
CA GLN A 47 -5.19 9.59 0.98
C GLN A 47 -5.74 8.30 1.57
N TYR A 48 -5.51 7.21 0.85
CA TYR A 48 -5.97 5.91 1.29
C TYR A 48 -5.06 5.33 2.38
N ALA A 49 -5.70 4.74 3.38
CA ALA A 49 -4.95 4.15 4.48
C ALA A 49 -4.44 2.77 4.07
N MET A 50 -3.42 2.32 4.79
CA MET A 50 -2.83 1.02 4.50
C MET A 50 -3.19 0.00 5.59
N GLY A 51 -2.81 -1.24 5.34
CA GLY A 51 -3.09 -2.31 6.28
C GLY A 51 -2.33 -3.59 5.91
N PHE A 52 -2.41 -4.56 6.79
CA PHE A 52 -1.73 -5.83 6.57
C PHE A 52 -2.74 -6.95 6.29
N ASP A 53 -2.60 -7.55 5.12
CA ASP A 53 -3.49 -8.63 4.73
C ASP A 53 -2.67 -9.90 4.49
N ASP A 54 -3.39 -10.99 4.20
CA ASP A 54 -2.74 -12.26 3.96
C ASP A 54 -3.28 -12.85 2.65
N THR A 55 -4.60 -12.80 2.51
CA THR A 55 -5.25 -13.33 1.32
C THR A 55 -4.97 -12.43 0.12
N VAL A 56 -5.54 -12.82 -1.01
CA VAL A 56 -5.36 -12.06 -2.24
C VAL A 56 -6.72 -11.89 -2.93
N GLU A 57 -6.80 -10.85 -3.75
CA GLU A 57 -8.03 -10.57 -4.48
C GLU A 57 -8.10 -11.43 -5.73
N GLU A 58 -9.25 -11.40 -6.37
CA GLU A 58 -9.47 -12.17 -7.59
C GLU A 58 -8.89 -11.41 -8.79
N GLY A 59 -7.67 -10.93 -8.62
CA GLY A 59 -7.00 -10.19 -9.68
C GLY A 59 -6.62 -8.79 -9.21
N ASP A 60 -5.61 -8.74 -8.36
CA ASP A 60 -5.14 -7.47 -7.83
C ASP A 60 -3.70 -7.24 -8.28
N HIS A 61 -3.40 -5.98 -8.56
CA HIS A 61 -2.06 -5.61 -8.99
C HIS A 61 -1.06 -5.87 -7.87
N VAL A 62 -0.54 -7.09 -7.85
CA VAL A 62 0.41 -7.48 -6.83
C VAL A 62 1.79 -6.92 -7.20
N PHE A 63 2.26 -5.99 -6.37
CA PHE A 63 3.56 -5.37 -6.60
C PHE A 63 4.52 -5.70 -5.46
N GLU A 64 5.61 -6.36 -5.82
CA GLU A 64 6.62 -6.73 -4.84
C GLU A 64 7.33 -5.49 -4.31
N TYR A 65 7.52 -5.48 -3.00
CA TYR A 65 8.17 -4.36 -2.35
C TYR A 65 9.54 -4.78 -1.78
N ASP A 66 10.09 -3.90 -0.95
CA ASP A 66 11.37 -4.17 -0.34
C ASP A 66 11.24 -5.35 0.63
N GLY A 67 11.07 -6.53 0.04
CA GLY A 67 10.92 -7.74 0.84
C GLY A 67 9.53 -7.81 1.47
N VAL A 68 8.55 -7.35 0.72
CA VAL A 68 7.17 -7.36 1.19
C VAL A 68 6.23 -7.42 -0.01
N LYS A 69 5.04 -7.95 0.24
CA LYS A 69 4.04 -8.07 -0.80
C LYS A 69 3.07 -6.88 -0.72
N VAL A 70 2.59 -6.47 -1.88
CA VAL A 70 1.67 -5.35 -1.94
C VAL A 70 0.66 -5.59 -3.08
N VAL A 71 -0.51 -5.01 -2.92
CA VAL A 71 -1.56 -5.15 -3.91
C VAL A 71 -2.37 -3.85 -4.00
N ILE A 72 -3.04 -3.67 -5.12
CA ILE A 72 -3.84 -2.49 -5.34
C ILE A 72 -5.09 -2.85 -6.13
N ASP A 73 -6.23 -2.40 -5.62
CA ASP A 73 -7.50 -2.69 -6.28
C ASP A 73 -7.48 -2.11 -7.70
N PRO A 74 -8.47 -2.56 -8.51
CA PRO A 74 -8.58 -2.11 -9.89
C PRO A 74 -9.10 -0.68 -9.95
N PHE A 75 -9.80 -0.28 -8.89
CA PHE A 75 -10.36 1.06 -8.83
C PHE A 75 -9.35 2.05 -8.23
N SER A 76 -8.52 1.52 -7.35
CA SER A 76 -7.50 2.35 -6.70
C SER A 76 -6.22 2.35 -7.54
N MET A 77 -6.13 1.37 -8.42
CA MET A 77 -4.96 1.25 -9.29
C MET A 77 -4.74 2.53 -10.09
N PRO A 78 -5.85 3.02 -10.73
CA PRO A 78 -5.78 4.23 -11.52
C PRO A 78 -5.71 5.47 -10.62
N TYR A 79 -5.68 5.22 -9.32
CA TYR A 79 -5.62 6.30 -8.34
C TYR A 79 -4.21 6.43 -7.76
N VAL A 80 -3.31 5.61 -8.29
CA VAL A 80 -1.93 5.62 -7.83
C VAL A 80 -1.01 5.19 -8.97
N ASN A 81 -1.41 5.54 -10.18
CA ASN A 81 -0.64 5.19 -11.36
C ASN A 81 0.76 5.82 -11.26
N GLY A 82 1.72 4.97 -10.93
CA GLY A 82 3.10 5.42 -10.79
C GLY A 82 3.21 6.55 -9.77
N ALA A 83 2.16 6.68 -8.97
CA ALA A 83 2.12 7.71 -7.95
C ALA A 83 3.02 7.30 -6.78
N GLU A 84 3.18 8.22 -5.84
CA GLU A 84 4.00 7.97 -4.67
C GLU A 84 3.19 8.19 -3.39
N LEU A 85 3.32 7.24 -2.47
CA LEU A 85 2.61 7.32 -1.21
C LEU A 85 3.62 7.40 -0.07
N ASP A 86 3.71 8.58 0.53
CA ASP A 86 4.63 8.79 1.63
C ASP A 86 3.88 8.64 2.96
N TYR A 87 4.06 7.49 3.58
CA TYR A 87 3.42 7.22 4.85
C TYR A 87 4.23 7.78 6.02
N VAL A 88 3.57 8.62 6.81
CA VAL A 88 4.21 9.23 7.96
C VAL A 88 4.16 8.26 9.14
N VAL A 89 5.07 8.47 10.08
CA VAL A 89 5.14 7.63 11.26
C VAL A 89 5.13 8.51 12.50
N ASP A 90 4.12 8.29 13.34
CA ASP A 90 3.98 9.06 14.57
C ASP A 90 2.96 8.37 15.48
N PHE A 91 2.79 8.95 16.66
CA PHE A 91 1.85 8.41 17.64
C PHE A 91 1.84 6.88 17.58
N MET A 92 0.65 6.32 17.70
CA MET A 92 0.48 4.87 17.68
C MET A 92 0.24 4.38 16.24
N GLY A 93 0.77 5.14 15.29
CA GLY A 93 0.61 4.81 13.89
C GLY A 93 1.36 5.80 13.00
N GLY A 94 0.60 6.72 12.43
CA GLY A 94 1.16 7.73 11.56
C GLY A 94 0.07 8.48 10.79
N GLY A 95 0.39 8.82 9.55
CA GLY A 95 -0.55 9.53 8.71
C GLY A 95 -0.52 8.99 7.28
N PHE A 96 -1.33 9.61 6.43
CA PHE A 96 -1.41 9.20 5.03
C PHE A 96 -1.15 10.38 4.10
N THR A 97 -0.03 10.30 3.40
CA THR A 97 0.35 11.35 2.46
C THR A 97 0.72 10.75 1.10
N ILE A 98 0.22 11.38 0.06
CA ILE A 98 0.50 10.93 -1.30
C ILE A 98 0.86 12.13 -2.18
N ARG A 99 1.88 11.94 -3.00
CA ARG A 99 2.33 12.99 -3.88
C ARG A 99 2.32 12.51 -5.33
N ASN A 100 1.87 13.39 -6.21
CA ASN A 100 1.80 13.06 -7.63
C ASN A 100 2.59 14.10 -8.43
N PRO A 101 3.58 13.59 -9.20
CA PRO A 101 4.43 14.45 -10.02
C PRO A 101 3.67 14.95 -11.25
N MET A 1 -5.16 -23.03 -17.74
CA MET A 1 -3.84 -22.43 -17.56
C MET A 1 -3.76 -21.06 -18.22
N GLN A 2 -3.44 -20.06 -17.41
CA GLN A 2 -3.33 -18.70 -17.91
C GLN A 2 -2.65 -17.81 -16.87
N GLU A 3 -2.48 -16.55 -17.23
CA GLU A 3 -1.86 -15.59 -16.34
C GLU A 3 -2.48 -14.20 -16.53
N GLN A 4 -2.54 -13.47 -15.43
CA GLN A 4 -3.11 -12.13 -15.46
C GLN A 4 -2.11 -11.11 -14.91
N ALA A 5 -1.91 -10.05 -15.68
CA ALA A 5 -0.99 -9.00 -15.29
C ALA A 5 -1.37 -8.49 -13.90
N GLN A 6 -0.40 -8.56 -13.00
CA GLN A 6 -0.62 -8.10 -11.63
C GLN A 6 0.55 -7.23 -11.18
N GLN A 7 1.00 -6.38 -12.09
CA GLN A 7 2.10 -5.48 -11.78
C GLN A 7 1.68 -4.02 -12.02
N PHE A 8 1.47 -3.32 -10.92
CA PHE A 8 1.08 -1.92 -11.00
C PHE A 8 2.29 -0.99 -10.88
N ILE A 9 2.25 0.08 -11.65
CA ILE A 9 3.33 1.05 -11.63
C ILE A 9 3.08 2.07 -10.52
N PHE A 10 3.90 1.98 -9.48
CA PHE A 10 3.78 2.88 -8.35
C PHE A 10 5.08 2.92 -7.53
N LYS A 11 5.31 4.07 -6.90
CA LYS A 11 6.50 4.24 -6.09
C LYS A 11 6.09 4.72 -4.70
N VAL A 12 6.59 4.03 -3.69
CA VAL A 12 6.28 4.38 -2.31
C VAL A 12 7.59 4.59 -1.54
N THR A 13 7.58 5.59 -0.69
CA THR A 13 8.75 5.90 0.11
C THR A 13 9.08 4.74 1.06
N ASP A 14 10.35 4.68 1.43
CA ASP A 14 10.81 3.62 2.32
C ASP A 14 10.08 3.74 3.66
N LYS A 15 9.59 4.94 3.94
CA LYS A 15 8.88 5.20 5.17
C LYS A 15 7.59 4.38 5.18
N ALA A 16 6.95 4.30 4.02
CA ALA A 16 5.72 3.56 3.89
C ALA A 16 6.03 2.06 3.95
N VAL A 17 6.98 1.64 3.14
CA VAL A 17 7.38 0.25 3.09
C VAL A 17 7.90 -0.16 4.48
N GLU A 18 8.94 0.53 4.91
CA GLU A 18 9.54 0.25 6.20
C GLU A 18 8.49 0.30 7.31
N GLU A 19 7.42 1.02 7.03
CA GLU A 19 6.33 1.16 7.99
C GLU A 19 5.50 -0.13 8.02
N ILE A 20 5.65 -0.92 6.97
CA ILE A 20 4.92 -2.18 6.87
C ILE A 20 5.60 -3.23 7.74
N LYS A 21 6.89 -3.42 7.47
CA LYS A 21 7.67 -4.40 8.22
C LYS A 21 7.61 -4.07 9.71
N LYS A 22 7.31 -2.81 9.99
CA LYS A 22 7.21 -2.35 11.36
C LYS A 22 5.95 -2.93 12.01
N VAL A 23 4.84 -2.76 11.31
CA VAL A 23 3.57 -3.28 11.80
C VAL A 23 3.58 -4.80 11.74
N ALA A 24 4.41 -5.32 10.85
CA ALA A 24 4.52 -6.76 10.69
C ALA A 24 5.32 -7.34 11.85
N GLN A 25 6.47 -6.75 12.09
CA GLN A 25 7.34 -7.20 13.18
C GLN A 25 6.63 -7.07 14.52
N GLU A 26 5.55 -6.29 14.50
CA GLU A 26 4.76 -6.08 15.71
C GLU A 26 3.66 -7.13 15.82
N ASN A 27 3.64 -8.02 14.84
CA ASN A 27 2.64 -9.08 14.83
C ASN A 27 3.31 -10.39 14.40
N ASN A 28 4.63 -10.39 14.45
CA ASN A 28 5.40 -11.56 14.08
C ASN A 28 4.97 -12.01 12.68
N ILE A 29 4.82 -11.04 11.80
CA ILE A 29 4.42 -11.32 10.43
C ILE A 29 5.66 -11.33 9.53
N GLU A 30 5.67 -12.27 8.59
CA GLU A 30 6.79 -12.38 7.67
C GLU A 30 6.31 -12.22 6.23
N ASN A 31 5.03 -11.88 6.11
CA ASN A 31 4.43 -11.69 4.80
C ASN A 31 3.29 -10.68 4.91
N PRO A 32 3.66 -9.42 5.24
CA PRO A 32 2.69 -8.35 5.37
C PRO A 32 2.19 -7.88 4.01
N ILE A 33 0.92 -8.18 3.74
CA ILE A 33 0.32 -7.79 2.47
C ILE A 33 -0.36 -6.44 2.64
N LEU A 34 0.36 -5.40 2.24
CA LEU A 34 -0.16 -4.05 2.34
C LEU A 34 -0.85 -3.67 1.02
N ARG A 35 -2.14 -3.39 1.13
CA ARG A 35 -2.92 -3.03 -0.04
C ARG A 35 -3.28 -1.53 0.00
N ILE A 36 -3.20 -0.91 -1.17
CA ILE A 36 -3.51 0.51 -1.27
C ILE A 36 -4.96 0.68 -1.73
N ARG A 37 -5.79 1.13 -0.80
CA ARG A 37 -7.19 1.34 -1.08
C ARG A 37 -7.57 2.81 -0.83
N VAL A 38 -8.59 3.26 -1.55
CA VAL A 38 -9.06 4.62 -1.41
C VAL A 38 -9.75 4.78 -0.06
N VAL A 39 -9.82 6.02 0.40
CA VAL A 39 -10.45 6.32 1.68
C VAL A 39 -11.02 7.74 1.64
N PRO A 40 -12.39 7.80 1.60
CA PRO A 40 -13.07 9.07 1.55
C PRO A 40 -13.04 9.77 2.92
N GLY A 41 -11.85 10.20 3.30
CA GLY A 41 -11.67 10.87 4.58
C GLY A 41 -12.07 12.34 4.49
N GLY A 42 -11.41 13.05 3.58
CA GLY A 42 -11.68 14.46 3.38
C GLY A 42 -11.77 14.80 1.88
N CYS A 43 -12.44 15.90 1.61
CA CYS A 43 -12.60 16.34 0.23
C CYS A 43 -11.24 16.78 -0.31
N SER A 44 -10.56 17.60 0.48
CA SER A 44 -9.25 18.09 0.10
C SER A 44 -8.18 17.08 0.50
N GLY A 45 -8.28 16.60 1.74
CA GLY A 45 -7.33 15.63 2.24
C GLY A 45 -7.41 14.31 1.46
N PHE A 46 -8.13 13.36 2.03
CA PHE A 46 -8.29 12.07 1.41
C PHE A 46 -6.94 11.41 1.14
N GLN A 47 -6.63 10.39 1.94
CA GLN A 47 -5.38 9.69 1.81
C GLN A 47 -5.62 8.17 1.88
N TYR A 48 -4.73 7.43 1.23
CA TYR A 48 -4.83 5.99 1.22
C TYR A 48 -4.22 5.38 2.48
N ALA A 49 -5.08 4.79 3.30
CA ALA A 49 -4.64 4.17 4.53
C ALA A 49 -4.07 2.79 4.23
N MET A 50 -3.26 2.30 5.16
CA MET A 50 -2.65 0.99 5.00
C MET A 50 -3.51 -0.10 5.64
N GLY A 51 -3.08 -1.34 5.46
CA GLY A 51 -3.79 -2.48 6.00
C GLY A 51 -3.12 -3.79 5.61
N PHE A 52 -3.09 -4.72 6.57
CA PHE A 52 -2.48 -6.01 6.34
C PHE A 52 -3.54 -7.12 6.33
N ASP A 53 -3.72 -7.72 5.16
CA ASP A 53 -4.69 -8.79 5.02
C ASP A 53 -3.96 -10.11 4.78
N ASP A 54 -4.74 -11.18 4.72
CA ASP A 54 -4.18 -12.51 4.51
C ASP A 54 -4.93 -13.19 3.37
N THR A 55 -4.85 -12.59 2.19
CA THR A 55 -5.51 -13.13 1.02
C THR A 55 -5.22 -12.26 -0.21
N VAL A 56 -5.64 -12.76 -1.36
CA VAL A 56 -5.44 -12.05 -2.60
C VAL A 56 -6.73 -12.07 -3.43
N GLU A 57 -6.86 -11.08 -4.29
CA GLU A 57 -8.04 -10.98 -5.14
C GLU A 57 -7.82 -11.75 -6.44
N GLU A 58 -8.90 -11.88 -7.20
CA GLU A 58 -8.85 -12.59 -8.47
C GLU A 58 -8.40 -11.65 -9.58
N GLY A 59 -7.60 -10.67 -9.20
CA GLY A 59 -7.09 -9.70 -10.15
C GLY A 59 -6.52 -8.47 -9.44
N ASP A 60 -5.51 -8.72 -8.61
CA ASP A 60 -4.88 -7.64 -7.86
C ASP A 60 -3.39 -7.58 -8.22
N HIS A 61 -2.97 -6.40 -8.62
CA HIS A 61 -1.58 -6.20 -9.00
C HIS A 61 -0.68 -6.36 -7.76
N VAL A 62 -0.07 -7.52 -7.67
CA VAL A 62 0.82 -7.82 -6.56
C VAL A 62 2.24 -7.38 -6.89
N PHE A 63 2.79 -6.52 -6.05
CA PHE A 63 4.13 -6.01 -6.25
C PHE A 63 5.06 -6.46 -5.12
N GLU A 64 6.14 -7.13 -5.52
CA GLU A 64 7.11 -7.60 -4.54
C GLU A 64 7.98 -6.46 -4.04
N TYR A 65 8.06 -6.34 -2.73
CA TYR A 65 8.85 -5.29 -2.12
C TYR A 65 10.03 -5.88 -1.34
N ASP A 66 10.64 -5.04 -0.52
CA ASP A 66 11.77 -5.46 0.28
C ASP A 66 11.33 -6.52 1.30
N GLY A 67 11.03 -7.70 0.77
CA GLY A 67 10.59 -8.80 1.60
C GLY A 67 9.17 -8.56 2.12
N VAL A 68 8.36 -7.96 1.26
CA VAL A 68 6.97 -7.67 1.60
C VAL A 68 6.12 -7.68 0.34
N LYS A 69 4.85 -8.01 0.51
CA LYS A 69 3.92 -8.06 -0.60
C LYS A 69 2.96 -6.88 -0.51
N VAL A 70 2.58 -6.38 -1.67
CA VAL A 70 1.66 -5.25 -1.74
C VAL A 70 0.74 -5.43 -2.95
N VAL A 71 -0.44 -4.83 -2.84
CA VAL A 71 -1.42 -4.91 -3.92
C VAL A 71 -2.19 -3.59 -3.99
N ILE A 72 -2.84 -3.39 -5.12
CA ILE A 72 -3.62 -2.18 -5.33
C ILE A 72 -4.85 -2.51 -6.18
N ASP A 73 -6.00 -2.14 -5.64
CA ASP A 73 -7.26 -2.40 -6.34
C ASP A 73 -7.13 -1.96 -7.80
N PRO A 74 -8.02 -2.53 -8.65
CA PRO A 74 -8.01 -2.22 -10.07
C PRO A 74 -8.61 -0.83 -10.32
N PHE A 75 -9.44 -0.39 -9.39
CA PHE A 75 -10.08 0.91 -9.49
C PHE A 75 -9.22 2.00 -8.85
N SER A 76 -8.41 1.58 -7.88
CA SER A 76 -7.54 2.50 -7.18
C SER A 76 -6.20 2.61 -7.91
N MET A 77 -5.92 1.61 -8.74
CA MET A 77 -4.69 1.58 -9.50
C MET A 77 -4.55 2.82 -10.38
N PRO A 78 -5.64 3.11 -11.15
CA PRO A 78 -5.65 4.26 -12.03
C PRO A 78 -5.85 5.55 -11.24
N TYR A 79 -5.94 5.40 -9.92
CA TYR A 79 -6.11 6.54 -9.04
C TYR A 79 -4.77 7.06 -8.53
N VAL A 80 -3.81 6.15 -8.47
CA VAL A 80 -2.49 6.50 -8.00
C VAL A 80 -1.44 5.81 -8.87
N ASN A 81 -1.80 5.62 -10.13
CA ASN A 81 -0.90 4.97 -11.08
C ASN A 81 0.29 5.88 -11.36
N GLY A 82 1.46 5.42 -10.93
CA GLY A 82 2.68 6.19 -11.13
C GLY A 82 2.93 7.14 -9.95
N ALA A 83 1.83 7.65 -9.42
CA ALA A 83 1.92 8.57 -8.29
C ALA A 83 2.73 7.92 -7.17
N GLU A 84 2.86 8.66 -6.07
CA GLU A 84 3.61 8.17 -4.93
C GLU A 84 2.85 8.47 -3.63
N LEU A 85 2.82 7.49 -2.75
CA LEU A 85 2.14 7.64 -1.47
C LEU A 85 3.18 7.71 -0.35
N ASP A 86 3.31 8.90 0.23
CA ASP A 86 4.26 9.10 1.30
C ASP A 86 3.54 8.99 2.64
N TYR A 87 4.10 8.16 3.52
CA TYR A 87 3.52 7.95 4.83
C TYR A 87 3.98 9.03 5.81
N VAL A 88 3.00 9.68 6.42
CA VAL A 88 3.28 10.73 7.38
C VAL A 88 3.84 10.11 8.67
N VAL A 89 4.64 10.90 9.37
CA VAL A 89 5.23 10.43 10.61
C VAL A 89 4.94 11.44 11.72
N ASP A 90 4.24 10.97 12.74
CA ASP A 90 3.88 11.81 13.87
C ASP A 90 3.42 10.93 15.04
N PHE A 91 2.96 11.60 16.09
CA PHE A 91 2.48 10.88 17.26
C PHE A 91 3.32 9.63 17.53
N MET A 92 2.63 8.58 17.93
CA MET A 92 3.30 7.31 18.21
C MET A 92 3.28 6.41 16.98
N GLY A 93 3.20 7.03 15.82
CA GLY A 93 3.17 6.29 14.57
C GLY A 93 3.25 7.24 13.37
N GLY A 94 2.09 7.44 12.74
CA GLY A 94 2.01 8.32 11.59
C GLY A 94 0.66 8.19 10.90
N GLY A 95 0.67 8.34 9.58
CA GLY A 95 -0.55 8.25 8.81
C GLY A 95 -0.23 8.00 7.33
N PHE A 96 -1.24 8.27 6.49
CA PHE A 96 -1.08 8.08 5.06
C PHE A 96 -1.26 9.40 4.31
N THR A 97 -0.30 9.68 3.44
CA THR A 97 -0.34 10.91 2.66
C THR A 97 0.20 10.66 1.25
N ILE A 98 -0.22 11.51 0.33
CA ILE A 98 0.20 11.39 -1.06
C ILE A 98 0.87 12.71 -1.49
N ARG A 99 1.92 12.56 -2.29
CA ARG A 99 2.66 13.71 -2.78
C ARG A 99 2.71 13.69 -4.30
N ASN A 100 1.79 14.44 -4.90
CA ASN A 100 1.73 14.52 -6.35
C ASN A 100 2.69 15.60 -6.85
N PRO A 101 3.66 15.16 -7.68
CA PRO A 101 4.66 16.08 -8.22
C PRO A 101 4.05 16.93 -9.34
N MET A 1 -1.45 -20.86 -20.51
CA MET A 1 -1.82 -20.55 -19.14
C MET A 1 -2.24 -19.08 -19.00
N GLN A 2 -3.50 -18.89 -18.64
CA GLN A 2 -4.03 -17.55 -18.47
C GLN A 2 -3.27 -16.81 -17.36
N GLU A 3 -2.21 -16.12 -17.78
CA GLU A 3 -1.39 -15.37 -16.84
C GLU A 3 -2.13 -14.12 -16.38
N GLN A 4 -2.04 -13.86 -15.08
CA GLN A 4 -2.70 -12.70 -14.51
C GLN A 4 -1.68 -11.59 -14.24
N ALA A 5 -1.71 -10.58 -15.10
CA ALA A 5 -0.79 -9.46 -14.97
C ALA A 5 -0.92 -8.86 -13.57
N GLN A 6 0.19 -8.88 -12.85
CA GLN A 6 0.22 -8.34 -11.50
C GLN A 6 1.43 -7.41 -11.32
N GLN A 7 1.52 -6.45 -12.23
CA GLN A 7 2.61 -5.49 -12.19
C GLN A 7 2.06 -4.06 -12.08
N PHE A 8 2.09 -3.54 -10.86
CA PHE A 8 1.60 -2.20 -10.62
C PHE A 8 2.75 -1.20 -10.48
N ILE A 9 2.66 -0.12 -11.25
CA ILE A 9 3.68 0.90 -11.22
C ILE A 9 3.39 1.88 -10.08
N PHE A 10 4.24 1.82 -9.06
CA PHE A 10 4.09 2.69 -7.91
C PHE A 10 5.40 2.82 -7.14
N LYS A 11 5.61 4.00 -6.57
CA LYS A 11 6.81 4.26 -5.81
C LYS A 11 6.43 4.74 -4.40
N VAL A 12 6.74 3.91 -3.42
CA VAL A 12 6.43 4.22 -2.04
C VAL A 12 7.74 4.49 -1.28
N THR A 13 7.69 5.48 -0.41
CA THR A 13 8.85 5.85 0.38
C THR A 13 9.33 4.65 1.21
N ASP A 14 10.50 4.82 1.81
CA ASP A 14 11.08 3.78 2.63
C ASP A 14 10.36 3.72 3.98
N LYS A 15 9.83 4.87 4.38
CA LYS A 15 9.12 4.98 5.64
C LYS A 15 7.85 4.12 5.57
N ALA A 16 7.14 4.25 4.47
CA ALA A 16 5.92 3.49 4.27
C ALA A 16 6.22 1.99 4.38
N VAL A 17 7.11 1.54 3.51
CA VAL A 17 7.49 0.13 3.50
C VAL A 17 8.00 -0.26 4.89
N GLU A 18 8.82 0.62 5.46
CA GLU A 18 9.37 0.37 6.78
C GLU A 18 8.25 0.26 7.81
N GLU A 19 7.12 0.86 7.48
CA GLU A 19 5.96 0.83 8.36
C GLU A 19 5.20 -0.48 8.20
N ILE A 20 5.24 -1.00 6.99
CA ILE A 20 4.54 -2.25 6.68
C ILE A 20 5.27 -3.40 7.37
N LYS A 21 6.57 -3.46 7.17
CA LYS A 21 7.39 -4.50 7.76
C LYS A 21 7.45 -4.30 9.28
N LYS A 22 7.21 -3.06 9.68
CA LYS A 22 7.24 -2.71 11.09
C LYS A 22 5.97 -3.24 11.77
N VAL A 23 4.84 -2.92 11.16
CA VAL A 23 3.55 -3.36 11.69
C VAL A 23 3.50 -4.88 11.69
N ALA A 24 4.05 -5.46 10.62
CA ALA A 24 4.07 -6.90 10.48
C ALA A 24 4.96 -7.50 11.57
N GLN A 25 6.18 -6.97 11.66
CA GLN A 25 7.13 -7.44 12.64
C GLN A 25 6.51 -7.40 14.04
N GLU A 26 5.55 -6.51 14.21
CA GLU A 26 4.88 -6.35 15.48
C GLU A 26 3.80 -7.42 15.65
N ASN A 27 3.51 -8.09 14.54
CA ASN A 27 2.50 -9.13 14.54
C ASN A 27 3.16 -10.47 14.21
N ASN A 28 4.49 -10.46 14.19
CA ASN A 28 5.24 -11.66 13.89
C ASN A 28 4.89 -12.14 12.49
N ILE A 29 4.62 -11.19 11.61
CA ILE A 29 4.26 -11.50 10.24
C ILE A 29 5.50 -11.33 9.35
N GLU A 30 5.67 -12.29 8.45
CA GLU A 30 6.80 -12.27 7.54
C GLU A 30 6.31 -12.07 6.10
N ASN A 31 5.04 -11.76 5.98
CA ASN A 31 4.44 -11.55 4.67
C ASN A 31 3.30 -10.53 4.80
N PRO A 32 3.69 -9.27 5.13
CA PRO A 32 2.72 -8.20 5.28
C PRO A 32 2.20 -7.72 3.91
N ILE A 33 0.95 -8.04 3.64
CA ILE A 33 0.33 -7.66 2.39
C ILE A 33 -0.39 -6.31 2.57
N LEU A 34 0.22 -5.28 1.99
CA LEU A 34 -0.35 -3.94 2.08
C LEU A 34 -1.26 -3.70 0.88
N ARG A 35 -2.47 -3.27 1.17
CA ARG A 35 -3.44 -3.00 0.12
C ARG A 35 -3.70 -1.49 0.03
N ILE A 36 -3.56 -0.97 -1.19
CA ILE A 36 -3.77 0.45 -1.42
C ILE A 36 -5.24 0.68 -1.77
N ARG A 37 -5.95 1.29 -0.84
CA ARG A 37 -7.36 1.58 -1.03
C ARG A 37 -7.62 3.08 -0.90
N VAL A 38 -8.57 3.56 -1.71
CA VAL A 38 -8.91 4.97 -1.69
C VAL A 38 -9.71 5.28 -0.42
N VAL A 39 -9.64 6.54 -0.01
CA VAL A 39 -10.35 6.97 1.19
C VAL A 39 -11.15 8.24 0.86
N PRO A 40 -12.43 8.01 0.47
CA PRO A 40 -13.31 9.13 0.13
C PRO A 40 -13.78 9.86 1.40
N GLY A 41 -12.92 10.74 1.89
CA GLY A 41 -13.24 11.50 3.08
C GLY A 41 -12.55 12.87 3.05
N GLY A 42 -13.33 13.91 3.31
CA GLY A 42 -12.82 15.26 3.31
C GLY A 42 -13.12 15.98 2.00
N CYS A 43 -13.09 17.29 2.07
CA CYS A 43 -13.37 18.11 0.89
C CYS A 43 -12.11 18.15 0.02
N SER A 44 -11.00 18.47 0.66
CA SER A 44 -9.73 18.55 -0.04
C SER A 44 -8.86 17.34 0.33
N GLY A 45 -8.89 17.00 1.61
CA GLY A 45 -8.11 15.88 2.10
C GLY A 45 -8.49 14.59 1.37
N PHE A 46 -7.46 13.86 0.95
CA PHE A 46 -7.66 12.61 0.24
C PHE A 46 -6.35 11.84 0.10
N GLN A 47 -6.18 10.87 0.98
CA GLN A 47 -4.98 10.05 0.96
C GLN A 47 -5.33 8.57 1.14
N TYR A 48 -4.43 7.72 0.66
CA TYR A 48 -4.65 6.28 0.77
C TYR A 48 -4.04 5.72 2.06
N ALA A 49 -4.89 5.09 2.84
CA ALA A 49 -4.45 4.51 4.10
C ALA A 49 -3.78 3.16 3.83
N MET A 50 -2.97 2.74 4.79
CA MET A 50 -2.27 1.47 4.67
C MET A 50 -2.82 0.43 5.64
N GLY A 51 -2.30 -0.78 5.52
CA GLY A 51 -2.74 -1.87 6.39
C GLY A 51 -1.93 -3.14 6.11
N PHE A 52 -2.38 -4.23 6.71
CA PHE A 52 -1.72 -5.51 6.54
C PHE A 52 -2.73 -6.63 6.38
N ASP A 53 -2.55 -7.39 5.30
CA ASP A 53 -3.44 -8.50 5.01
C ASP A 53 -2.62 -9.78 4.83
N ASP A 54 -3.33 -10.89 4.70
CA ASP A 54 -2.67 -12.18 4.52
C ASP A 54 -3.23 -12.86 3.27
N THR A 55 -4.55 -12.81 3.15
CA THR A 55 -5.22 -13.42 2.02
C THR A 55 -4.89 -12.66 0.73
N VAL A 56 -5.45 -13.14 -0.37
CA VAL A 56 -5.22 -12.51 -1.66
C VAL A 56 -6.51 -12.54 -2.47
N GLU A 57 -6.61 -11.60 -3.40
CA GLU A 57 -7.78 -11.51 -4.25
C GLU A 57 -7.63 -12.40 -5.48
N GLU A 58 -8.71 -12.52 -6.22
CA GLU A 58 -8.70 -13.34 -7.42
C GLU A 58 -8.16 -12.53 -8.61
N GLY A 59 -7.12 -11.76 -8.33
CA GLY A 59 -6.50 -10.93 -9.35
C GLY A 59 -6.19 -9.53 -8.82
N ASP A 60 -5.27 -9.48 -7.87
CA ASP A 60 -4.88 -8.22 -7.28
C ASP A 60 -3.48 -7.84 -7.75
N HIS A 61 -3.29 -6.55 -7.98
CA HIS A 61 -2.01 -6.05 -8.45
C HIS A 61 -0.95 -6.27 -7.36
N VAL A 62 -0.43 -7.49 -7.33
CA VAL A 62 0.58 -7.84 -6.35
C VAL A 62 1.92 -7.26 -6.78
N PHE A 63 2.42 -6.33 -5.98
CA PHE A 63 3.69 -5.69 -6.28
C PHE A 63 4.71 -5.97 -5.17
N GLU A 64 5.81 -6.59 -5.58
CA GLU A 64 6.88 -6.93 -4.64
C GLU A 64 7.49 -5.66 -4.07
N TYR A 65 7.68 -5.66 -2.76
CA TYR A 65 8.26 -4.51 -2.09
C TYR A 65 9.63 -4.87 -1.49
N ASP A 66 10.12 -3.98 -0.63
CA ASP A 66 11.40 -4.19 0.02
C ASP A 66 11.29 -5.35 1.00
N GLY A 67 11.15 -6.55 0.44
CA GLY A 67 11.04 -7.74 1.25
C GLY A 67 9.65 -7.84 1.89
N VAL A 68 8.65 -7.40 1.14
CA VAL A 68 7.28 -7.43 1.61
C VAL A 68 6.33 -7.54 0.42
N LYS A 69 5.10 -7.96 0.71
CA LYS A 69 4.10 -8.11 -0.32
C LYS A 69 3.13 -6.92 -0.26
N VAL A 70 2.63 -6.55 -1.42
CA VAL A 70 1.69 -5.44 -1.52
C VAL A 70 0.68 -5.71 -2.63
N VAL A 71 -0.45 -5.03 -2.54
CA VAL A 71 -1.50 -5.19 -3.53
C VAL A 71 -2.23 -3.86 -3.72
N ILE A 72 -2.81 -3.71 -4.90
CA ILE A 72 -3.54 -2.49 -5.22
C ILE A 72 -4.75 -2.84 -6.09
N ASP A 73 -5.93 -2.59 -5.53
CA ASP A 73 -7.16 -2.88 -6.24
C ASP A 73 -7.05 -2.37 -7.68
N PRO A 74 -7.96 -2.90 -8.54
CA PRO A 74 -7.97 -2.50 -9.94
C PRO A 74 -8.57 -1.11 -10.12
N PHE A 75 -9.38 -0.72 -9.16
CA PHE A 75 -10.02 0.59 -9.18
C PHE A 75 -9.06 1.67 -8.69
N SER A 76 -8.05 1.25 -7.96
CA SER A 76 -7.06 2.16 -7.42
C SER A 76 -5.94 2.38 -8.44
N MET A 77 -5.86 1.46 -9.39
CA MET A 77 -4.84 1.55 -10.43
C MET A 77 -4.94 2.87 -11.18
N PRO A 78 -6.17 3.16 -11.68
CA PRO A 78 -6.41 4.39 -12.42
C PRO A 78 -6.47 5.59 -11.49
N TYR A 79 -6.22 5.32 -10.22
CA TYR A 79 -6.23 6.37 -9.21
C TYR A 79 -4.82 6.77 -8.80
N VAL A 80 -3.99 5.76 -8.61
CA VAL A 80 -2.61 6.00 -8.21
C VAL A 80 -1.67 5.34 -9.24
N ASN A 81 -1.95 5.62 -10.50
CA ASN A 81 -1.15 5.08 -11.58
C ASN A 81 0.14 5.90 -11.71
N GLY A 82 1.21 5.34 -11.17
CA GLY A 82 2.51 6.01 -11.22
C GLY A 82 2.69 6.95 -10.04
N ALA A 83 1.56 7.39 -9.50
CA ALA A 83 1.58 8.30 -8.36
C ALA A 83 2.39 7.67 -7.22
N GLU A 84 2.54 8.45 -6.15
CA GLU A 84 3.28 7.98 -5.00
C GLU A 84 2.50 8.25 -3.72
N LEU A 85 2.82 7.47 -2.69
CA LEU A 85 2.15 7.61 -1.41
C LEU A 85 3.19 7.56 -0.29
N ASP A 86 3.43 8.72 0.30
CA ASP A 86 4.39 8.81 1.39
C ASP A 86 3.66 8.74 2.73
N TYR A 87 4.07 7.78 3.55
CA TYR A 87 3.46 7.60 4.85
C TYR A 87 4.12 8.51 5.90
N VAL A 88 3.28 9.09 6.74
CA VAL A 88 3.77 9.98 7.78
C VAL A 88 3.97 9.18 9.07
N VAL A 89 5.02 9.55 9.79
CA VAL A 89 5.33 8.88 11.05
C VAL A 89 5.51 9.93 12.15
N ASP A 90 4.56 9.94 13.07
CA ASP A 90 4.60 10.88 14.18
C ASP A 90 3.59 10.45 15.24
N PHE A 91 3.06 11.44 15.94
CA PHE A 91 2.08 11.18 16.98
C PHE A 91 0.88 10.41 16.44
N MET A 92 0.79 10.38 15.11
CA MET A 92 -0.30 9.68 14.46
C MET A 92 -0.05 8.17 14.43
N GLY A 93 1.06 7.78 15.04
CA GLY A 93 1.42 6.38 15.10
C GLY A 93 1.55 5.78 13.69
N GLY A 94 1.86 6.65 12.75
CA GLY A 94 2.02 6.24 11.36
C GLY A 94 0.75 6.55 10.55
N GLY A 95 0.76 7.71 9.92
CA GLY A 95 -0.37 8.13 9.11
C GLY A 95 -0.10 7.90 7.63
N PHE A 96 -0.95 8.50 6.81
CA PHE A 96 -0.82 8.37 5.37
C PHE A 96 -0.83 9.75 4.68
N THR A 97 -0.09 9.83 3.59
CA THR A 97 -0.01 11.08 2.85
C THR A 97 0.31 10.80 1.38
N ILE A 98 -0.28 11.62 0.52
CA ILE A 98 -0.08 11.47 -0.92
C ILE A 98 0.79 12.63 -1.42
N ARG A 99 1.70 12.29 -2.33
CA ARG A 99 2.59 13.30 -2.90
C ARG A 99 2.54 13.23 -4.43
N ASN A 100 1.73 14.12 -5.00
CA ASN A 100 1.58 14.18 -6.44
C ASN A 100 2.93 14.50 -7.08
N PRO A 101 3.43 13.54 -7.90
CA PRO A 101 4.70 13.72 -8.57
C PRO A 101 4.58 14.70 -9.73
N MET A 1 1.96 -23.10 -14.30
CA MET A 1 1.59 -22.61 -12.98
C MET A 1 0.32 -21.75 -13.06
N GLN A 2 -0.14 -21.33 -11.89
CA GLN A 2 -1.33 -20.51 -11.81
C GLN A 2 -1.10 -19.33 -10.85
N GLU A 3 -0.53 -18.27 -11.39
CA GLU A 3 -0.24 -17.09 -10.60
C GLU A 3 -0.39 -15.83 -11.46
N GLN A 4 -1.08 -14.84 -10.90
CA GLN A 4 -1.30 -13.59 -11.60
C GLN A 4 -0.06 -12.71 -11.52
N ALA A 5 0.91 -13.02 -12.37
CA ALA A 5 2.15 -12.27 -12.40
C ALA A 5 1.90 -10.92 -13.07
N GLN A 6 2.20 -9.86 -12.32
CA GLN A 6 2.02 -8.51 -12.82
C GLN A 6 2.49 -7.48 -11.78
N GLN A 7 3.31 -6.56 -12.25
CA GLN A 7 3.84 -5.52 -11.37
C GLN A 7 3.44 -4.14 -11.88
N PHE A 8 2.48 -3.53 -11.20
CA PHE A 8 2.01 -2.22 -11.58
C PHE A 8 3.02 -1.14 -11.20
N ILE A 9 2.89 0.00 -11.85
CA ILE A 9 3.78 1.12 -11.58
C ILE A 9 3.42 1.76 -10.24
N PHE A 10 4.30 1.58 -9.28
CA PHE A 10 4.08 2.13 -7.95
C PHE A 10 5.39 2.24 -7.17
N LYS A 11 5.55 3.38 -6.50
CA LYS A 11 6.75 3.61 -5.71
C LYS A 11 6.36 4.20 -4.35
N VAL A 12 6.72 3.47 -3.31
CA VAL A 12 6.40 3.90 -1.95
C VAL A 12 7.71 4.14 -1.19
N THR A 13 7.75 5.26 -0.48
CA THR A 13 8.93 5.61 0.29
C THR A 13 9.29 4.48 1.26
N ASP A 14 10.56 4.45 1.63
CA ASP A 14 11.04 3.43 2.56
C ASP A 14 10.33 3.59 3.90
N LYS A 15 9.87 4.80 4.15
CA LYS A 15 9.17 5.10 5.39
C LYS A 15 7.88 4.29 5.45
N ALA A 16 7.20 4.23 4.32
CA ALA A 16 5.95 3.48 4.22
C ALA A 16 6.25 1.99 4.27
N VAL A 17 7.18 1.57 3.42
CA VAL A 17 7.55 0.16 3.35
C VAL A 17 8.11 -0.27 4.70
N GLU A 18 8.98 0.56 5.25
CA GLU A 18 9.58 0.28 6.54
C GLU A 18 8.57 0.49 7.66
N GLU A 19 7.40 0.99 7.28
CA GLU A 19 6.35 1.25 8.24
C GLU A 19 5.45 0.02 8.38
N ILE A 20 5.55 -0.87 7.39
CA ILE A 20 4.76 -2.09 7.40
C ILE A 20 5.51 -3.18 8.16
N LYS A 21 6.83 -3.11 8.08
CA LYS A 21 7.68 -4.08 8.76
C LYS A 21 7.40 -4.02 10.27
N LYS A 22 7.16 -2.81 10.75
CA LYS A 22 6.88 -2.62 12.17
C LYS A 22 5.46 -3.08 12.47
N VAL A 23 4.61 -2.99 11.45
CA VAL A 23 3.22 -3.40 11.60
C VAL A 23 3.14 -4.93 11.54
N ALA A 24 3.95 -5.50 10.66
CA ALA A 24 3.97 -6.94 10.50
C ALA A 24 4.73 -7.57 11.67
N GLN A 25 5.81 -6.91 12.06
CA GLN A 25 6.63 -7.39 13.17
C GLN A 25 5.75 -7.66 14.39
N GLU A 26 4.86 -6.72 14.67
CA GLU A 26 3.97 -6.83 15.80
C GLU A 26 2.94 -7.94 15.56
N ASN A 27 2.84 -8.35 14.30
CA ASN A 27 1.91 -9.38 13.91
C ASN A 27 2.68 -10.67 13.62
N ASN A 28 3.97 -10.63 13.93
CA ASN A 28 4.82 -11.79 13.70
C ASN A 28 4.79 -12.15 12.22
N ILE A 29 4.47 -11.16 11.40
CA ILE A 29 4.41 -11.37 9.96
C ILE A 29 5.71 -10.87 9.31
N GLU A 30 6.21 -11.67 8.38
CA GLU A 30 7.43 -11.32 7.68
C GLU A 30 7.14 -11.05 6.21
N ASN A 31 5.86 -11.00 5.89
CA ASN A 31 5.44 -10.75 4.52
C ASN A 31 4.08 -10.05 4.53
N PRO A 32 4.11 -8.74 4.88
CA PRO A 32 2.89 -7.95 4.93
C PRO A 32 2.41 -7.60 3.52
N ILE A 33 1.14 -7.23 3.44
CA ILE A 33 0.54 -6.87 2.16
C ILE A 33 -0.20 -5.55 2.31
N LEU A 34 0.33 -4.53 1.64
CA LEU A 34 -0.27 -3.21 1.68
C LEU A 34 -1.31 -3.09 0.57
N ARG A 35 -2.56 -3.02 1.00
CA ARG A 35 -3.67 -2.90 0.05
C ARG A 35 -4.11 -1.44 -0.05
N ILE A 36 -4.07 -0.92 -1.28
CA ILE A 36 -4.47 0.44 -1.53
C ILE A 36 -5.98 0.49 -1.80
N ARG A 37 -6.65 1.36 -1.07
CA ARG A 37 -8.09 1.52 -1.22
C ARG A 37 -8.51 2.95 -0.88
N VAL A 38 -9.17 3.59 -1.84
CA VAL A 38 -9.63 4.94 -1.64
C VAL A 38 -10.59 4.99 -0.46
N VAL A 39 -10.21 5.80 0.53
CA VAL A 39 -11.03 5.95 1.73
C VAL A 39 -11.91 7.19 1.59
N PRO A 40 -13.25 6.94 1.58
CA PRO A 40 -14.20 8.03 1.46
C PRO A 40 -14.32 8.82 2.77
N GLY A 41 -13.27 9.58 3.05
CA GLY A 41 -13.24 10.37 4.27
C GLY A 41 -12.67 11.76 4.00
N GLY A 42 -13.57 12.73 3.86
CA GLY A 42 -13.16 14.10 3.59
C GLY A 42 -12.98 14.33 2.09
N CYS A 43 -13.82 15.20 1.56
CA CYS A 43 -13.76 15.52 0.14
C CYS A 43 -12.62 16.52 -0.08
N SER A 44 -12.09 17.01 1.02
CA SER A 44 -10.99 17.97 0.98
C SER A 44 -9.70 17.30 1.41
N GLY A 45 -9.80 16.51 2.47
CA GLY A 45 -8.64 15.80 3.00
C GLY A 45 -8.87 14.29 2.99
N PHE A 46 -8.10 13.61 2.15
CA PHE A 46 -8.20 12.17 2.04
C PHE A 46 -6.91 11.56 1.48
N GLN A 47 -6.50 10.46 2.10
CA GLN A 47 -5.29 9.79 1.68
C GLN A 47 -5.53 8.27 1.60
N TYR A 48 -4.61 7.59 0.91
CA TYR A 48 -4.71 6.15 0.76
C TYR A 48 -4.03 5.43 1.91
N ALA A 49 -4.84 4.93 2.83
CA ALA A 49 -4.33 4.22 3.98
C ALA A 49 -4.05 2.77 3.60
N MET A 50 -2.92 2.26 4.08
CA MET A 50 -2.53 0.89 3.80
C MET A 50 -2.36 0.09 5.08
N GLY A 51 -2.30 -1.23 4.92
CA GLY A 51 -2.13 -2.12 6.07
C GLY A 51 -2.12 -3.59 5.61
N PHE A 52 -1.61 -4.43 6.50
CA PHE A 52 -1.53 -5.85 6.21
C PHE A 52 -2.92 -6.48 6.18
N ASP A 53 -3.31 -6.96 5.01
CA ASP A 53 -4.61 -7.59 4.84
C ASP A 53 -4.51 -9.07 5.21
N ASP A 54 -5.65 -9.73 5.21
CA ASP A 54 -5.71 -11.14 5.53
C ASP A 54 -5.00 -11.94 4.44
N THR A 55 -5.24 -11.54 3.19
CA THR A 55 -4.63 -12.21 2.06
C THR A 55 -4.77 -11.34 0.80
N VAL A 56 -4.27 -11.88 -0.30
CA VAL A 56 -4.33 -11.18 -1.57
C VAL A 56 -5.69 -11.42 -2.22
N GLU A 57 -6.08 -10.48 -3.08
CA GLU A 57 -7.35 -10.57 -3.77
C GLU A 57 -7.21 -11.41 -5.04
N GLU A 58 -8.34 -11.73 -5.64
CA GLU A 58 -8.36 -12.53 -6.86
C GLU A 58 -8.20 -11.62 -8.08
N GLY A 59 -7.66 -10.43 -7.83
CA GLY A 59 -7.44 -9.47 -8.90
C GLY A 59 -6.71 -8.23 -8.38
N ASP A 60 -5.64 -8.48 -7.64
CA ASP A 60 -4.85 -7.40 -7.09
C ASP A 60 -3.41 -7.52 -7.58
N HIS A 61 -2.92 -6.45 -8.17
CA HIS A 61 -1.57 -6.41 -8.69
C HIS A 61 -0.57 -6.56 -7.54
N VAL A 62 -0.04 -7.77 -7.40
CA VAL A 62 0.91 -8.05 -6.35
C VAL A 62 2.27 -7.48 -6.73
N PHE A 63 2.76 -6.57 -5.90
CA PHE A 63 4.05 -5.94 -6.15
C PHE A 63 5.05 -6.29 -5.06
N GLU A 64 6.07 -7.04 -5.46
CA GLU A 64 7.11 -7.46 -4.52
C GLU A 64 7.97 -6.26 -4.12
N TYR A 65 8.20 -6.15 -2.82
CA TYR A 65 9.01 -5.06 -2.30
C TYR A 65 10.22 -5.60 -1.54
N ASP A 66 10.81 -4.72 -0.75
CA ASP A 66 11.98 -5.08 0.04
C ASP A 66 11.58 -6.12 1.09
N GLY A 67 11.29 -7.32 0.61
CA GLY A 67 10.89 -8.40 1.49
C GLY A 67 9.45 -8.22 1.97
N VAL A 68 8.72 -7.37 1.25
CA VAL A 68 7.33 -7.11 1.59
C VAL A 68 6.48 -7.21 0.32
N LYS A 69 5.19 -7.40 0.52
CA LYS A 69 4.26 -7.53 -0.58
C LYS A 69 3.36 -6.29 -0.62
N VAL A 70 2.99 -5.90 -1.83
CA VAL A 70 2.14 -4.73 -2.03
C VAL A 70 1.08 -5.06 -3.07
N VAL A 71 -0.08 -4.43 -2.91
CA VAL A 71 -1.18 -4.65 -3.83
C VAL A 71 -1.95 -3.34 -4.01
N ILE A 72 -2.70 -3.26 -5.10
CA ILE A 72 -3.48 -2.08 -5.40
C ILE A 72 -4.80 -2.49 -6.05
N ASP A 73 -5.88 -1.92 -5.55
CA ASP A 73 -7.20 -2.22 -6.08
C ASP A 73 -7.24 -1.88 -7.57
N PRO A 74 -8.21 -2.52 -8.29
CA PRO A 74 -8.36 -2.29 -9.71
C PRO A 74 -9.00 -0.93 -9.99
N PHE A 75 -9.72 -0.44 -8.99
CA PHE A 75 -10.39 0.85 -9.12
C PHE A 75 -9.52 1.97 -8.53
N SER A 76 -8.69 1.59 -7.57
CA SER A 76 -7.80 2.55 -6.93
C SER A 76 -6.48 2.64 -7.69
N MET A 77 -6.21 1.60 -8.46
CA MET A 77 -4.99 1.55 -9.25
C MET A 77 -4.90 2.75 -10.20
N PRO A 78 -6.02 2.96 -10.95
CA PRO A 78 -6.07 4.05 -11.90
C PRO A 78 -6.25 5.40 -11.18
N TYR A 79 -6.28 5.32 -9.86
CA TYR A 79 -6.44 6.51 -9.05
C TYR A 79 -5.12 6.90 -8.36
N VAL A 80 -4.24 5.92 -8.27
CA VAL A 80 -2.96 6.13 -7.63
C VAL A 80 -1.84 5.72 -8.60
N ASN A 81 -2.25 5.30 -9.79
CA ASN A 81 -1.31 4.87 -10.80
C ASN A 81 -0.26 5.97 -11.02
N GLY A 82 0.91 5.54 -11.45
CA GLY A 82 2.00 6.47 -11.70
C GLY A 82 2.05 7.56 -10.62
N ALA A 83 2.03 7.10 -9.37
CA ALA A 83 2.07 8.02 -8.24
C ALA A 83 2.67 7.30 -7.04
N GLU A 84 3.24 8.09 -6.14
CA GLU A 84 3.85 7.55 -4.93
C GLU A 84 3.01 7.90 -3.70
N LEU A 85 3.23 7.14 -2.65
CA LEU A 85 2.50 7.36 -1.41
C LEU A 85 3.49 7.36 -0.24
N ASP A 86 3.70 8.54 0.32
CA ASP A 86 4.61 8.68 1.44
C ASP A 86 3.81 8.62 2.75
N TYR A 87 4.19 7.68 3.59
CA TYR A 87 3.52 7.50 4.87
C TYR A 87 4.13 8.43 5.92
N VAL A 88 3.24 9.17 6.58
CA VAL A 88 3.68 10.09 7.62
C VAL A 88 4.11 9.30 8.86
N VAL A 89 4.98 9.92 9.64
CA VAL A 89 5.47 9.29 10.86
C VAL A 89 5.28 10.24 12.04
N ASP A 90 4.52 9.78 13.02
CA ASP A 90 4.26 10.58 14.20
C ASP A 90 3.68 9.68 15.30
N PHE A 91 3.57 10.25 16.50
CA PHE A 91 3.04 9.52 17.63
C PHE A 91 3.45 8.04 17.57
N MET A 92 2.51 7.19 17.93
CA MET A 92 2.75 5.76 17.92
C MET A 92 2.43 5.15 16.56
N GLY A 93 2.50 5.99 15.54
CA GLY A 93 2.23 5.55 14.19
C GLY A 93 1.62 6.69 13.35
N GLY A 94 2.46 7.29 12.53
CA GLY A 94 2.02 8.38 11.68
C GLY A 94 0.83 7.96 10.82
N GLY A 95 0.55 8.77 9.80
CA GLY A 95 -0.55 8.50 8.90
C GLY A 95 -0.04 8.19 7.49
N PHE A 96 -0.90 8.43 6.52
CA PHE A 96 -0.55 8.18 5.13
C PHE A 96 -0.74 9.44 4.29
N THR A 97 0.23 9.69 3.41
CA THR A 97 0.17 10.84 2.53
C THR A 97 0.60 10.47 1.11
N ILE A 98 -0.15 10.97 0.15
CA ILE A 98 0.13 10.69 -1.25
C ILE A 98 0.37 12.01 -1.98
N ARG A 99 1.35 11.98 -2.88
CA ARG A 99 1.68 13.16 -3.66
C ARG A 99 1.59 12.86 -5.15
N ASN A 100 0.51 13.34 -5.75
CA ASN A 100 0.29 13.13 -7.18
C ASN A 100 0.91 14.28 -7.96
N PRO A 101 1.39 13.95 -9.19
CA PRO A 101 2.02 14.94 -10.05
C PRO A 101 0.96 15.87 -10.67
N MET A 1 -1.61 -23.70 -15.17
CA MET A 1 -2.30 -22.51 -14.70
C MET A 1 -1.44 -21.26 -14.91
N GLN A 2 -2.12 -20.13 -14.97
CA GLN A 2 -1.44 -18.85 -15.17
C GLN A 2 -2.00 -17.79 -14.24
N GLU A 3 -1.09 -17.08 -13.58
CA GLU A 3 -1.50 -16.04 -12.66
C GLU A 3 -1.62 -14.70 -13.39
N GLN A 4 -2.41 -13.81 -12.79
CA GLN A 4 -2.62 -12.49 -13.37
C GLN A 4 -1.34 -11.66 -13.28
N ALA A 5 -0.42 -11.93 -14.19
CA ALA A 5 0.84 -11.21 -14.22
C ALA A 5 0.59 -9.76 -14.63
N GLN A 6 1.06 -8.86 -13.79
CA GLN A 6 0.89 -7.43 -14.05
C GLN A 6 1.68 -6.61 -13.02
N GLN A 7 2.62 -5.84 -13.53
CA GLN A 7 3.45 -5.00 -12.67
C GLN A 7 3.20 -3.52 -12.98
N PHE A 8 2.36 -2.92 -12.15
CA PHE A 8 2.03 -1.51 -12.32
C PHE A 8 3.12 -0.62 -11.71
N ILE A 9 3.12 0.63 -12.16
CA ILE A 9 4.09 1.60 -11.66
C ILE A 9 3.57 2.24 -10.38
N PHE A 10 4.30 2.01 -9.30
CA PHE A 10 3.92 2.56 -8.01
C PHE A 10 5.11 2.60 -7.05
N LYS A 11 5.52 3.82 -6.73
CA LYS A 11 6.66 4.01 -5.83
C LYS A 11 6.14 4.45 -4.46
N VAL A 12 6.64 3.79 -3.42
CA VAL A 12 6.24 4.11 -2.07
C VAL A 12 7.49 4.38 -1.23
N THR A 13 7.46 5.50 -0.52
CA THR A 13 8.57 5.88 0.34
C THR A 13 8.93 4.74 1.30
N ASP A 14 10.21 4.68 1.62
CA ASP A 14 10.70 3.64 2.52
C ASP A 14 9.90 3.69 3.83
N LYS A 15 9.39 4.88 4.12
CA LYS A 15 8.61 5.09 5.34
C LYS A 15 7.34 4.24 5.26
N ALA A 16 6.75 4.22 4.08
CA ALA A 16 5.53 3.46 3.86
C ALA A 16 5.82 1.97 4.04
N VAL A 17 6.76 1.48 3.25
CA VAL A 17 7.15 0.07 3.33
C VAL A 17 7.56 -0.27 4.76
N GLU A 18 8.46 0.56 5.29
CA GLU A 18 8.95 0.35 6.64
C GLU A 18 7.77 0.22 7.61
N GLU A 19 6.76 1.05 7.39
CA GLU A 19 5.58 1.03 8.23
C GLU A 19 4.93 -0.36 8.21
N ILE A 20 5.18 -1.07 7.13
CA ILE A 20 4.63 -2.41 6.97
C ILE A 20 5.53 -3.42 7.69
N LYS A 21 6.83 -3.21 7.53
CA LYS A 21 7.81 -4.10 8.14
C LYS A 21 7.74 -3.93 9.66
N LYS A 22 7.63 -2.69 10.10
CA LYS A 22 7.55 -2.39 11.51
C LYS A 22 6.25 -2.96 12.08
N VAL A 23 5.16 -2.70 11.38
CA VAL A 23 3.86 -3.20 11.80
C VAL A 23 3.91 -4.72 11.94
N ALA A 24 4.23 -5.37 10.83
CA ALA A 24 4.31 -6.82 10.82
C ALA A 24 5.34 -7.28 11.85
N GLN A 25 6.39 -6.47 12.00
CA GLN A 25 7.44 -6.79 12.96
C GLN A 25 6.86 -6.87 14.37
N GLU A 26 5.78 -6.13 14.59
CA GLU A 26 5.13 -6.13 15.89
C GLU A 26 4.12 -7.27 15.98
N ASN A 27 3.97 -7.97 14.86
CA ASN A 27 3.04 -9.08 14.81
C ASN A 27 3.80 -10.36 14.44
N ASN A 28 5.11 -10.29 14.59
CA ASN A 28 5.97 -11.43 14.29
C ASN A 28 5.64 -11.94 12.88
N ILE A 29 5.22 -11.01 12.04
CA ILE A 29 4.88 -11.36 10.66
C ILE A 29 6.11 -11.19 9.77
N GLU A 30 6.25 -12.12 8.84
CA GLU A 30 7.37 -12.09 7.92
C GLU A 30 6.89 -11.99 6.48
N ASN A 31 5.58 -11.80 6.34
CA ASN A 31 4.97 -11.69 5.03
C ASN A 31 3.73 -10.79 5.13
N PRO A 32 3.98 -9.49 5.43
CA PRO A 32 2.89 -8.53 5.54
C PRO A 32 2.35 -8.14 4.16
N ILE A 33 1.03 -8.19 4.05
CA ILE A 33 0.37 -7.86 2.80
C ILE A 33 -0.21 -6.45 2.91
N LEU A 34 0.46 -5.51 2.27
CA LEU A 34 0.01 -4.13 2.28
C LEU A 34 -0.88 -3.87 1.07
N ARG A 35 -2.10 -3.44 1.36
CA ARG A 35 -3.06 -3.15 0.30
C ARG A 35 -3.39 -1.65 0.28
N ILE A 36 -3.27 -1.07 -0.90
CA ILE A 36 -3.55 0.34 -1.07
C ILE A 36 -4.97 0.50 -1.63
N ARG A 37 -5.85 1.02 -0.79
CA ARG A 37 -7.23 1.23 -1.18
C ARG A 37 -7.63 2.70 -0.97
N VAL A 38 -8.65 3.11 -1.70
CA VAL A 38 -9.14 4.48 -1.59
C VAL A 38 -10.10 4.58 -0.41
N VAL A 39 -9.72 5.43 0.54
CA VAL A 39 -10.53 5.64 1.73
C VAL A 39 -10.61 7.13 2.03
N PRO A 40 -11.63 7.79 1.41
CA PRO A 40 -11.83 9.21 1.61
C PRO A 40 -12.43 9.50 2.99
N GLY A 41 -11.73 9.04 4.01
CA GLY A 41 -12.19 9.24 5.38
C GLY A 41 -12.32 10.73 5.70
N GLY A 42 -11.19 11.41 5.71
CA GLY A 42 -11.17 12.83 5.99
C GLY A 42 -11.77 13.64 4.84
N CYS A 43 -12.60 14.60 5.20
CA CYS A 43 -13.25 15.44 4.22
C CYS A 43 -12.17 16.06 3.33
N SER A 44 -11.16 16.60 3.98
CA SER A 44 -10.05 17.23 3.27
C SER A 44 -8.77 16.40 3.46
N GLY A 45 -8.96 15.18 3.94
CA GLY A 45 -7.83 14.29 4.16
C GLY A 45 -8.09 12.92 3.56
N PHE A 46 -8.46 12.93 2.28
CA PHE A 46 -8.74 11.69 1.57
C PHE A 46 -7.45 11.10 1.00
N GLN A 47 -7.07 9.97 1.56
CA GLN A 47 -5.87 9.28 1.13
C GLN A 47 -6.03 7.77 1.27
N TYR A 48 -5.04 7.05 0.78
CA TYR A 48 -5.05 5.59 0.85
C TYR A 48 -4.43 5.10 2.16
N ALA A 49 -5.24 4.39 2.93
CA ALA A 49 -4.77 3.86 4.21
C ALA A 49 -4.09 2.50 3.97
N MET A 50 -3.27 2.11 4.93
CA MET A 50 -2.56 0.85 4.83
C MET A 50 -3.27 -0.24 5.65
N GLY A 51 -2.73 -1.45 5.54
CA GLY A 51 -3.30 -2.57 6.25
C GLY A 51 -2.50 -3.85 5.99
N PHE A 52 -2.80 -4.87 6.78
CA PHE A 52 -2.11 -6.15 6.65
C PHE A 52 -3.11 -7.30 6.62
N ASP A 53 -3.41 -7.75 5.41
CA ASP A 53 -4.35 -8.85 5.22
C ASP A 53 -3.72 -9.89 4.28
N ASP A 54 -3.69 -11.12 4.75
CA ASP A 54 -3.12 -12.21 3.97
C ASP A 54 -3.99 -12.43 2.72
N THR A 55 -5.30 -12.47 2.95
CA THR A 55 -6.24 -12.69 1.87
C THR A 55 -5.84 -11.86 0.65
N VAL A 56 -6.36 -12.26 -0.50
CA VAL A 56 -6.07 -11.57 -1.75
C VAL A 56 -7.33 -11.52 -2.61
N GLU A 57 -7.38 -10.53 -3.49
CA GLU A 57 -8.52 -10.36 -4.37
C GLU A 57 -8.34 -11.20 -5.63
N GLU A 58 -9.41 -11.26 -6.42
CA GLU A 58 -9.38 -12.02 -7.65
C GLU A 58 -8.79 -11.18 -8.78
N GLY A 59 -8.00 -10.20 -8.40
CA GLY A 59 -7.38 -9.32 -9.37
C GLY A 59 -6.70 -8.13 -8.68
N ASP A 60 -5.84 -8.46 -7.72
CA ASP A 60 -5.12 -7.44 -6.98
C ASP A 60 -3.73 -7.25 -7.59
N HIS A 61 -3.28 -6.00 -7.60
CA HIS A 61 -1.98 -5.68 -8.14
C HIS A 61 -0.88 -6.14 -7.18
N VAL A 62 -0.28 -7.27 -7.53
CA VAL A 62 0.79 -7.82 -6.70
C VAL A 62 2.07 -7.01 -6.90
N PHE A 63 2.49 -6.37 -5.84
CA PHE A 63 3.70 -5.55 -5.88
C PHE A 63 4.78 -6.12 -4.96
N GLU A 64 5.84 -6.61 -5.57
CA GLU A 64 6.95 -7.18 -4.81
C GLU A 64 7.79 -6.06 -4.18
N TYR A 65 8.00 -6.18 -2.88
CA TYR A 65 8.79 -5.20 -2.16
C TYR A 65 9.98 -5.86 -1.45
N ASP A 66 10.59 -5.10 -0.55
CA ASP A 66 11.72 -5.59 0.20
C ASP A 66 11.28 -6.72 1.12
N GLY A 67 10.95 -7.85 0.51
CA GLY A 67 10.50 -9.01 1.27
C GLY A 67 9.10 -8.79 1.82
N VAL A 68 8.28 -8.11 1.03
CA VAL A 68 6.91 -7.83 1.42
C VAL A 68 6.01 -7.84 0.18
N LYS A 69 4.78 -8.30 0.39
CA LYS A 69 3.83 -8.38 -0.70
C LYS A 69 2.81 -7.25 -0.56
N VAL A 70 2.35 -6.76 -1.69
CA VAL A 70 1.37 -5.68 -1.70
C VAL A 70 0.25 -6.02 -2.69
N VAL A 71 -0.88 -5.39 -2.48
CA VAL A 71 -2.04 -5.62 -3.35
C VAL A 71 -2.81 -4.31 -3.51
N ILE A 72 -2.75 -3.77 -4.70
CA ILE A 72 -3.43 -2.52 -5.01
C ILE A 72 -4.80 -2.83 -5.62
N ASP A 73 -5.60 -1.79 -5.78
CA ASP A 73 -6.94 -1.94 -6.34
C ASP A 73 -6.91 -1.48 -7.80
N PRO A 74 -7.93 -1.94 -8.57
CA PRO A 74 -8.04 -1.59 -9.97
C PRO A 74 -8.52 -0.14 -10.14
N PHE A 75 -9.17 0.36 -9.09
CA PHE A 75 -9.68 1.72 -9.11
C PHE A 75 -8.64 2.69 -8.57
N SER A 76 -7.57 2.14 -8.02
CA SER A 76 -6.50 2.95 -7.46
C SER A 76 -5.47 3.27 -8.54
N MET A 77 -5.41 2.40 -9.54
CA MET A 77 -4.47 2.58 -10.63
C MET A 77 -4.69 3.94 -11.32
N PRO A 78 -5.97 4.18 -11.70
CA PRO A 78 -6.33 5.42 -12.36
C PRO A 78 -6.36 6.59 -11.37
N TYR A 79 -6.01 6.28 -10.13
CA TYR A 79 -5.99 7.29 -9.08
C TYR A 79 -4.57 7.54 -8.59
N VAL A 80 -3.72 6.53 -8.79
CA VAL A 80 -2.34 6.62 -8.37
C VAL A 80 -1.43 6.03 -9.45
N ASN A 81 -1.79 6.31 -10.70
CA ASN A 81 -1.03 5.81 -11.83
C ASN A 81 0.32 6.51 -11.88
N GLY A 82 1.35 5.78 -11.48
CA GLY A 82 2.70 6.32 -11.47
C GLY A 82 2.93 7.21 -10.25
N ALA A 83 1.86 7.40 -9.49
CA ALA A 83 1.93 8.24 -8.30
C ALA A 83 2.64 7.46 -7.19
N GLU A 84 2.96 8.18 -6.12
CA GLU A 84 3.64 7.57 -4.98
C GLU A 84 2.86 7.86 -3.70
N LEU A 85 2.80 6.84 -2.85
CA LEU A 85 2.10 6.96 -1.58
C LEU A 85 3.13 7.14 -0.46
N ASP A 86 3.19 8.37 0.05
CA ASP A 86 4.11 8.69 1.13
C ASP A 86 3.38 8.61 2.47
N TYR A 87 3.64 7.54 3.20
CA TYR A 87 3.02 7.32 4.49
C TYR A 87 3.80 8.03 5.60
N VAL A 88 3.07 8.77 6.43
CA VAL A 88 3.67 9.49 7.53
C VAL A 88 3.81 8.57 8.74
N VAL A 89 4.78 8.89 9.58
CA VAL A 89 5.02 8.10 10.78
C VAL A 89 5.02 9.02 12.00
N ASP A 90 4.14 8.69 12.95
CA ASP A 90 4.04 9.47 14.16
C ASP A 90 3.24 8.68 15.21
N PHE A 91 2.97 9.34 16.33
CA PHE A 91 2.22 8.71 17.40
C PHE A 91 2.56 7.22 17.51
N MET A 92 1.53 6.43 17.77
CA MET A 92 1.72 4.99 17.91
C MET A 92 1.41 4.28 16.58
N GLY A 93 1.62 5.01 15.50
CA GLY A 93 1.38 4.46 14.17
C GLY A 93 1.88 5.40 13.09
N GLY A 94 0.94 5.98 12.35
CA GLY A 94 1.28 6.90 11.28
C GLY A 94 0.01 7.41 10.58
N GLY A 95 0.23 8.03 9.43
CA GLY A 95 -0.87 8.57 8.65
C GLY A 95 -0.70 8.26 7.16
N PHE A 96 -1.56 8.87 6.36
CA PHE A 96 -1.51 8.67 4.92
C PHE A 96 -1.28 10.00 4.19
N THR A 97 -0.44 9.93 3.17
CA THR A 97 -0.13 11.12 2.38
C THR A 97 0.37 10.71 0.99
N ILE A 98 -0.01 11.52 0.01
CA ILE A 98 0.39 11.26 -1.36
C ILE A 98 0.79 12.57 -2.03
N ARG A 99 1.79 12.48 -2.90
CA ARG A 99 2.28 13.65 -3.61
C ARG A 99 2.10 13.48 -5.12
N ASN A 100 1.05 14.11 -5.62
CA ASN A 100 0.75 14.03 -7.04
C ASN A 100 1.76 14.88 -7.82
N PRO A 101 2.33 14.25 -8.89
CA PRO A 101 3.31 14.95 -9.72
C PRO A 101 2.63 15.98 -10.63
N MET A 1 -5.19 -20.68 -12.56
CA MET A 1 -5.28 -21.19 -11.20
C MET A 1 -3.95 -21.02 -10.47
N GLN A 2 -3.58 -19.77 -10.27
CA GLN A 2 -2.33 -19.46 -9.58
C GLN A 2 -2.09 -17.95 -9.58
N GLU A 3 -0.93 -17.56 -9.07
CA GLU A 3 -0.57 -16.15 -9.00
C GLU A 3 -0.25 -15.63 -10.40
N GLN A 4 -0.73 -14.42 -10.67
CA GLN A 4 -0.50 -13.79 -11.95
C GLN A 4 0.58 -12.70 -11.84
N ALA A 5 1.54 -12.76 -12.75
CA ALA A 5 2.62 -11.80 -12.74
C ALA A 5 2.10 -10.45 -13.27
N GLN A 6 2.39 -9.42 -12.50
CA GLN A 6 1.97 -8.08 -12.87
C GLN A 6 2.65 -7.03 -11.98
N GLN A 7 3.32 -6.09 -12.63
CA GLN A 7 4.02 -5.04 -11.91
C GLN A 7 3.48 -3.67 -12.33
N PHE A 8 2.62 -3.12 -11.50
CA PHE A 8 2.02 -1.83 -11.77
C PHE A 8 2.95 -0.70 -11.31
N ILE A 9 2.72 0.48 -11.88
CA ILE A 9 3.52 1.64 -11.54
C ILE A 9 3.18 2.10 -10.11
N PHE A 10 4.14 1.91 -9.21
CA PHE A 10 3.95 2.29 -7.83
C PHE A 10 5.29 2.46 -7.12
N LYS A 11 5.33 3.43 -6.21
CA LYS A 11 6.54 3.70 -5.45
C LYS A 11 6.16 4.10 -4.03
N VAL A 12 6.80 3.43 -3.08
CA VAL A 12 6.55 3.71 -1.67
C VAL A 12 7.88 3.84 -0.93
N THR A 13 8.00 4.94 -0.20
CA THR A 13 9.22 5.19 0.56
C THR A 13 9.44 4.11 1.61
N ASP A 14 10.63 4.09 2.16
CA ASP A 14 10.98 3.11 3.18
C ASP A 14 10.14 3.36 4.43
N LYS A 15 9.82 4.63 4.64
CA LYS A 15 9.02 5.02 5.79
C LYS A 15 7.69 4.26 5.75
N ALA A 16 7.10 4.21 4.57
CA ALA A 16 5.83 3.53 4.40
C ALA A 16 6.04 2.02 4.56
N VAL A 17 7.01 1.52 3.81
CA VAL A 17 7.34 0.10 3.86
C VAL A 17 7.63 -0.30 5.31
N GLU A 18 8.47 0.48 5.95
CA GLU A 18 8.85 0.22 7.32
C GLU A 18 7.61 0.22 8.22
N GLU A 19 6.77 1.22 8.01
CA GLU A 19 5.55 1.35 8.79
C GLU A 19 4.83 0.01 8.88
N ILE A 20 4.94 -0.77 7.80
CA ILE A 20 4.30 -2.08 7.76
C ILE A 20 5.18 -3.08 8.51
N LYS A 21 6.49 -2.89 8.39
CA LYS A 21 7.44 -3.77 9.04
C LYS A 21 7.15 -3.79 10.55
N LYS A 22 6.72 -2.64 11.05
CA LYS A 22 6.41 -2.51 12.47
C LYS A 22 5.07 -3.20 12.75
N VAL A 23 4.13 -3.00 11.85
CA VAL A 23 2.81 -3.59 12.00
C VAL A 23 2.93 -5.12 11.90
N ALA A 24 3.78 -5.55 10.98
CA ALA A 24 4.00 -6.98 10.78
C ALA A 24 4.87 -7.52 11.91
N GLN A 25 5.87 -6.73 12.27
CA GLN A 25 6.79 -7.13 13.34
C GLN A 25 6.00 -7.45 14.61
N GLU A 26 5.06 -6.57 14.93
CA GLU A 26 4.24 -6.75 16.11
C GLU A 26 3.35 -7.97 15.97
N ASN A 27 3.16 -8.39 14.72
CA ASN A 27 2.34 -9.55 14.42
C ASN A 27 3.25 -10.74 14.07
N ASN A 28 4.55 -10.50 14.18
CA ASN A 28 5.52 -11.54 13.88
C ASN A 28 5.37 -11.96 12.42
N ILE A 29 4.99 -11.00 11.59
CA ILE A 29 4.80 -11.26 10.18
C ILE A 29 6.09 -10.90 9.43
N GLU A 30 6.46 -11.77 8.50
CA GLU A 30 7.66 -11.55 7.71
C GLU A 30 7.29 -11.34 6.24
N ASN A 31 6.00 -11.27 5.99
CA ASN A 31 5.50 -11.07 4.63
C ASN A 31 4.15 -10.36 4.69
N PRO A 32 4.20 -9.05 5.04
CA PRO A 32 3.00 -8.24 5.14
C PRO A 32 2.47 -7.88 3.75
N ILE A 33 1.23 -8.27 3.51
CA ILE A 33 0.60 -7.99 2.23
C ILE A 33 -0.38 -6.83 2.39
N LEU A 34 0.10 -5.64 2.05
CA LEU A 34 -0.71 -4.45 2.15
C LEU A 34 -1.43 -4.20 0.81
N ARG A 35 -2.70 -3.85 0.92
CA ARG A 35 -3.49 -3.58 -0.27
C ARG A 35 -3.77 -2.08 -0.40
N ILE A 36 -3.96 -1.66 -1.65
CA ILE A 36 -4.23 -0.26 -1.93
C ILE A 36 -5.74 -0.01 -1.86
N ARG A 37 -6.11 0.99 -1.08
CA ARG A 37 -7.50 1.35 -0.92
C ARG A 37 -7.65 2.84 -0.61
N VAL A 38 -8.38 3.52 -1.48
CA VAL A 38 -8.59 4.95 -1.31
C VAL A 38 -9.65 5.17 -0.23
N VAL A 39 -9.27 5.97 0.75
CA VAL A 39 -10.16 6.28 1.86
C VAL A 39 -10.80 7.65 1.64
N PRO A 40 -12.14 7.72 1.89
CA PRO A 40 -12.86 8.96 1.72
C PRO A 40 -12.56 9.94 2.86
N GLY A 41 -11.41 10.59 2.75
CA GLY A 41 -10.99 11.54 3.76
C GLY A 41 -10.28 12.74 3.13
N GLY A 42 -9.22 12.43 2.40
CA GLY A 42 -8.43 13.47 1.74
C GLY A 42 -9.35 14.40 0.94
N CYS A 43 -9.57 15.58 1.51
CA CYS A 43 -10.41 16.57 0.86
C CYS A 43 -9.64 17.16 -0.31
N SER A 44 -8.32 17.10 -0.20
CA SER A 44 -7.45 17.64 -1.24
C SER A 44 -6.73 16.49 -1.95
N GLY A 45 -6.46 15.44 -1.19
CA GLY A 45 -5.77 14.28 -1.73
C GLY A 45 -6.07 13.03 -0.90
N PHE A 46 -6.89 12.16 -1.48
CA PHE A 46 -7.25 10.93 -0.81
C PHE A 46 -6.05 9.98 -0.70
N GLN A 47 -5.48 9.94 0.50
CA GLN A 47 -4.34 9.09 0.75
C GLN A 47 -4.80 7.70 1.20
N TYR A 48 -4.49 6.72 0.37
CA TYR A 48 -4.86 5.34 0.67
C TYR A 48 -3.87 4.70 1.65
N ALA A 49 -4.38 4.36 2.82
CA ALA A 49 -3.58 3.75 3.85
C ALA A 49 -3.42 2.26 3.56
N MET A 50 -2.38 1.67 4.14
CA MET A 50 -2.12 0.26 3.95
C MET A 50 -2.76 -0.58 5.06
N GLY A 51 -2.65 -1.89 4.90
CA GLY A 51 -3.22 -2.81 5.87
C GLY A 51 -3.00 -4.25 5.45
N PHE A 52 -2.42 -5.02 6.37
CA PHE A 52 -2.13 -6.42 6.11
C PHE A 52 -3.43 -7.23 6.04
N ASP A 53 -3.62 -7.89 4.90
CA ASP A 53 -4.80 -8.70 4.69
C ASP A 53 -4.46 -10.18 4.93
N ASP A 54 -5.49 -11.01 4.86
CA ASP A 54 -5.31 -12.43 5.07
C ASP A 54 -4.47 -13.00 3.93
N THR A 55 -4.81 -12.59 2.72
CA THR A 55 -4.10 -13.06 1.54
C THR A 55 -4.43 -12.18 0.33
N VAL A 56 -3.83 -12.53 -0.79
CA VAL A 56 -4.06 -11.79 -2.02
C VAL A 56 -5.36 -12.25 -2.66
N GLU A 57 -5.94 -11.36 -3.45
CA GLU A 57 -7.19 -11.67 -4.14
C GLU A 57 -6.93 -12.53 -5.36
N GLU A 58 -8.02 -13.03 -5.94
CA GLU A 58 -7.92 -13.87 -7.12
C GLU A 58 -7.85 -13.02 -8.38
N GLY A 59 -7.39 -11.79 -8.20
CA GLY A 59 -7.26 -10.86 -9.32
C GLY A 59 -6.83 -9.48 -8.83
N ASP A 60 -5.71 -9.46 -8.11
CA ASP A 60 -5.18 -8.22 -7.59
C ASP A 60 -3.75 -8.03 -8.09
N HIS A 61 -3.46 -6.81 -8.52
CA HIS A 61 -2.13 -6.49 -9.02
C HIS A 61 -1.11 -6.62 -7.89
N VAL A 62 -0.44 -7.77 -7.86
CA VAL A 62 0.55 -8.02 -6.84
C VAL A 62 1.84 -7.27 -7.19
N PHE A 63 2.19 -6.32 -6.33
CA PHE A 63 3.38 -5.53 -6.54
C PHE A 63 4.39 -5.76 -5.41
N GLU A 64 5.57 -6.21 -5.82
CA GLU A 64 6.63 -6.48 -4.85
C GLU A 64 7.23 -5.18 -4.35
N TYR A 65 7.26 -5.05 -3.03
CA TYR A 65 7.81 -3.85 -2.41
C TYR A 65 9.23 -4.09 -1.89
N ASP A 66 9.71 -3.14 -1.10
CA ASP A 66 11.05 -3.25 -0.54
C ASP A 66 11.09 -4.41 0.46
N GLY A 67 11.02 -5.62 -0.08
CA GLY A 67 11.04 -6.81 0.75
C GLY A 67 9.67 -7.06 1.39
N VAL A 68 8.64 -6.72 0.64
CA VAL A 68 7.27 -6.90 1.12
C VAL A 68 6.34 -7.09 -0.08
N LYS A 69 5.18 -7.67 0.20
CA LYS A 69 4.19 -7.89 -0.84
C LYS A 69 3.11 -6.81 -0.75
N VAL A 70 2.47 -6.57 -1.88
CA VAL A 70 1.40 -5.58 -1.95
C VAL A 70 0.44 -5.95 -3.07
N VAL A 71 -0.76 -5.36 -2.99
CA VAL A 71 -1.78 -5.62 -3.99
C VAL A 71 -2.62 -4.35 -4.19
N ILE A 72 -2.56 -3.82 -5.39
CA ILE A 72 -3.30 -2.62 -5.72
C ILE A 72 -4.63 -3.01 -6.36
N ASP A 73 -5.67 -2.29 -5.97
CA ASP A 73 -7.01 -2.54 -6.48
C ASP A 73 -7.12 -1.97 -7.90
N PRO A 74 -8.11 -2.51 -8.66
CA PRO A 74 -8.33 -2.06 -10.02
C PRO A 74 -9.01 -0.69 -10.05
N PHE A 75 -9.72 -0.40 -8.96
CA PHE A 75 -10.41 0.88 -8.84
C PHE A 75 -9.52 1.93 -8.21
N SER A 76 -8.60 1.47 -7.36
CA SER A 76 -7.68 2.37 -6.69
C SER A 76 -6.44 2.58 -7.55
N MET A 77 -6.23 1.67 -8.48
CA MET A 77 -5.08 1.74 -9.38
C MET A 77 -5.07 3.06 -10.14
N PRO A 78 -6.23 3.36 -10.80
CA PRO A 78 -6.37 4.58 -11.56
C PRO A 78 -6.53 5.79 -10.66
N TYR A 79 -6.47 5.52 -9.35
CA TYR A 79 -6.61 6.58 -8.36
C TYR A 79 -5.24 7.05 -7.87
N VAL A 80 -4.28 6.13 -7.90
CA VAL A 80 -2.93 6.44 -7.46
C VAL A 80 -1.93 5.86 -8.46
N ASN A 81 -2.30 5.92 -9.73
CA ASN A 81 -1.45 5.41 -10.79
C ASN A 81 -0.31 6.40 -11.04
N GLY A 82 0.83 5.85 -11.42
CA GLY A 82 2.00 6.66 -11.70
C GLY A 82 2.22 7.69 -10.60
N ALA A 83 2.20 7.20 -9.36
CA ALA A 83 2.39 8.07 -8.21
C ALA A 83 2.90 7.24 -7.03
N GLU A 84 3.67 7.90 -6.17
CA GLU A 84 4.22 7.24 -5.01
C GLU A 84 3.43 7.61 -3.75
N LEU A 85 3.64 6.83 -2.69
CA LEU A 85 2.96 7.07 -1.44
C LEU A 85 4.00 7.31 -0.34
N ASP A 86 4.10 8.57 0.07
CA ASP A 86 5.05 8.93 1.11
C ASP A 86 4.31 9.05 2.44
N TYR A 87 4.88 8.41 3.46
CA TYR A 87 4.29 8.43 4.78
C TYR A 87 4.75 9.67 5.56
N VAL A 88 3.76 10.35 6.13
CA VAL A 88 4.05 11.55 6.91
C VAL A 88 4.01 11.21 8.40
N VAL A 89 4.86 11.90 9.15
CA VAL A 89 4.94 11.67 10.58
C VAL A 89 4.81 13.01 11.32
N ASP A 90 3.70 13.17 12.01
CA ASP A 90 3.45 14.39 12.75
C ASP A 90 2.30 14.16 13.73
N PHE A 91 1.56 15.24 13.99
CA PHE A 91 0.43 15.16 14.90
C PHE A 91 -0.57 14.10 14.45
N MET A 92 -0.42 13.68 13.20
CA MET A 92 -1.29 12.67 12.64
C MET A 92 -0.78 11.26 12.93
N GLY A 93 0.14 11.19 13.89
CA GLY A 93 0.72 9.92 14.26
C GLY A 93 1.01 9.05 13.04
N GLY A 94 2.16 9.29 12.44
CA GLY A 94 2.57 8.53 11.26
C GLY A 94 1.35 8.24 10.37
N GLY A 95 1.08 9.17 9.47
CA GLY A 95 -0.03 9.03 8.55
C GLY A 95 0.46 8.79 7.12
N PHE A 96 -0.49 8.82 6.19
CA PHE A 96 -0.16 8.60 4.80
C PHE A 96 -0.38 9.88 3.98
N THR A 97 0.48 10.06 2.98
CA THR A 97 0.40 11.22 2.12
C THR A 97 0.80 10.87 0.69
N ILE A 98 0.12 11.50 -0.25
CA ILE A 98 0.38 11.25 -1.66
C ILE A 98 1.25 12.38 -2.21
N ARG A 99 2.24 11.99 -3.01
CA ARG A 99 3.14 12.96 -3.60
C ARG A 99 3.09 12.87 -5.13
N ASN A 100 2.40 13.83 -5.72
CA ASN A 100 2.26 13.87 -7.17
C ASN A 100 3.55 14.43 -7.78
N PRO A 101 4.06 13.67 -8.79
CA PRO A 101 5.29 14.08 -9.47
C PRO A 101 5.03 15.24 -10.42
N MET A 1 3.09 -19.17 -17.35
CA MET A 1 2.35 -20.40 -17.07
C MET A 1 1.27 -20.16 -16.01
N GLN A 2 0.17 -19.57 -16.45
CA GLN A 2 -0.93 -19.28 -15.56
C GLN A 2 -0.61 -18.07 -14.69
N GLU A 3 -0.50 -16.92 -15.35
CA GLU A 3 -0.19 -15.69 -14.65
C GLU A 3 -1.08 -14.56 -15.18
N GLN A 4 -1.42 -13.64 -14.27
CA GLN A 4 -2.25 -12.51 -14.63
C GLN A 4 -1.53 -11.20 -14.33
N ALA A 5 -1.80 -10.20 -15.16
CA ALA A 5 -1.18 -8.90 -14.98
C ALA A 5 -1.46 -8.38 -13.57
N GLN A 6 -0.45 -8.53 -12.72
CA GLN A 6 -0.57 -8.09 -11.34
C GLN A 6 0.60 -7.19 -10.96
N GLN A 7 0.97 -6.34 -11.90
CA GLN A 7 2.07 -5.42 -11.68
C GLN A 7 1.62 -3.97 -11.88
N PHE A 8 1.49 -3.27 -10.77
CA PHE A 8 1.06 -1.88 -10.80
C PHE A 8 2.25 -0.93 -10.65
N ILE A 9 2.22 0.13 -11.43
CA ILE A 9 3.29 1.12 -11.40
C ILE A 9 2.98 2.15 -10.32
N PHE A 10 3.78 2.10 -9.26
CA PHE A 10 3.60 3.03 -8.15
C PHE A 10 4.87 3.10 -7.29
N LYS A 11 5.22 4.32 -6.91
CA LYS A 11 6.40 4.54 -6.10
C LYS A 11 5.97 4.86 -4.66
N VAL A 12 6.58 4.14 -3.73
CA VAL A 12 6.27 4.34 -2.32
C VAL A 12 7.57 4.64 -1.56
N THR A 13 7.48 5.61 -0.66
CA THR A 13 8.62 6.00 0.14
C THR A 13 9.16 4.81 0.92
N ASP A 14 10.32 5.01 1.53
CA ASP A 14 10.95 3.96 2.31
C ASP A 14 10.20 3.80 3.65
N LYS A 15 9.64 4.92 4.10
CA LYS A 15 8.89 4.92 5.35
C LYS A 15 7.65 4.05 5.20
N ALA A 16 7.06 4.11 4.01
CA ALA A 16 5.87 3.33 3.73
C ALA A 16 6.20 1.83 3.81
N VAL A 17 7.21 1.44 3.05
CA VAL A 17 7.63 0.05 3.03
C VAL A 17 8.02 -0.38 4.45
N GLU A 18 8.79 0.48 5.10
CA GLU A 18 9.23 0.20 6.45
C GLU A 18 8.04 0.14 7.40
N GLU A 19 7.02 0.93 7.07
CA GLU A 19 5.82 0.97 7.88
C GLU A 19 5.10 -0.40 7.86
N ILE A 20 5.33 -1.12 6.76
CA ILE A 20 4.72 -2.43 6.60
C ILE A 20 5.44 -3.43 7.50
N LYS A 21 6.74 -3.21 7.67
CA LYS A 21 7.54 -4.09 8.50
C LYS A 21 7.21 -3.83 9.97
N LYS A 22 6.86 -2.59 10.25
CA LYS A 22 6.51 -2.20 11.62
C LYS A 22 5.19 -2.86 12.01
N VAL A 23 4.20 -2.69 11.15
CA VAL A 23 2.88 -3.25 11.40
C VAL A 23 3.00 -4.77 11.48
N ALA A 24 3.84 -5.33 10.63
CA ALA A 24 4.05 -6.76 10.60
C ALA A 24 4.92 -7.17 11.79
N GLN A 25 5.79 -6.25 12.19
CA GLN A 25 6.67 -6.51 13.31
C GLN A 25 5.86 -6.90 14.55
N GLU A 26 4.72 -6.24 14.70
CA GLU A 26 3.85 -6.52 15.83
C GLU A 26 3.03 -7.78 15.58
N ASN A 27 3.08 -8.24 14.34
CA ASN A 27 2.34 -9.43 13.96
C ASN A 27 3.34 -10.54 13.58
N ASN A 28 4.61 -10.26 13.84
CA ASN A 28 5.66 -11.21 13.54
C ASN A 28 5.42 -11.81 12.15
N ILE A 29 5.01 -10.95 11.24
CA ILE A 29 4.74 -11.37 9.87
C ILE A 29 5.94 -11.02 8.99
N GLU A 30 6.43 -12.03 8.28
CA GLU A 30 7.57 -11.84 7.40
C GLU A 30 7.10 -11.67 5.95
N ASN A 31 5.80 -11.57 5.80
CA ASN A 31 5.21 -11.41 4.48
C ASN A 31 3.89 -10.64 4.60
N PRO A 32 4.02 -9.35 5.01
CA PRO A 32 2.85 -8.49 5.17
C PRO A 32 2.31 -8.05 3.82
N ILE A 33 1.06 -8.40 3.56
CA ILE A 33 0.42 -8.05 2.31
C ILE A 33 -0.49 -6.84 2.55
N LEU A 34 0.04 -5.67 2.25
CA LEU A 34 -0.72 -4.44 2.42
C LEU A 34 -1.37 -4.05 1.09
N ARG A 35 -2.60 -3.58 1.18
CA ARG A 35 -3.34 -3.18 -0.01
C ARG A 35 -3.74 -1.71 0.09
N ILE A 36 -3.69 -1.04 -1.04
CA ILE A 36 -4.06 0.37 -1.10
C ILE A 36 -5.56 0.50 -1.37
N ARG A 37 -6.18 1.43 -0.64
CA ARG A 37 -7.60 1.67 -0.79
C ARG A 37 -7.90 3.16 -0.68
N VAL A 38 -9.11 3.52 -1.10
CA VAL A 38 -9.54 4.91 -1.05
C VAL A 38 -10.64 5.06 -0.01
N VAL A 39 -10.28 5.73 1.08
CA VAL A 39 -11.23 5.95 2.16
C VAL A 39 -11.76 7.39 2.08
N PRO A 40 -13.11 7.52 2.21
CA PRO A 40 -13.74 8.82 2.15
C PRO A 40 -13.51 9.60 3.45
N GLY A 41 -12.34 10.24 3.51
CA GLY A 41 -11.98 11.02 4.68
C GLY A 41 -10.47 10.94 4.96
N GLY A 42 -10.00 11.84 5.80
CA GLY A 42 -8.60 11.89 6.14
C GLY A 42 -8.28 13.13 6.97
N CYS A 43 -7.30 12.98 7.85
CA CYS A 43 -6.88 14.08 8.70
C CYS A 43 -6.11 15.09 7.84
N SER A 44 -5.25 14.56 7.00
CA SER A 44 -4.43 15.38 6.12
C SER A 44 -5.32 16.00 5.02
N GLY A 45 -6.16 15.16 4.45
CA GLY A 45 -7.06 15.60 3.40
C GLY A 45 -7.38 14.45 2.44
N PHE A 46 -7.98 13.41 3.01
CA PHE A 46 -8.34 12.24 2.22
C PHE A 46 -7.12 11.60 1.57
N GLN A 47 -6.65 10.53 2.21
CA GLN A 47 -5.49 9.81 1.69
C GLN A 47 -5.73 8.30 1.75
N TYR A 48 -4.92 7.58 0.99
CA TYR A 48 -5.03 6.14 0.94
C TYR A 48 -4.31 5.49 2.12
N ALA A 49 -5.05 4.65 2.83
CA ALA A 49 -4.50 3.96 3.99
C ALA A 49 -4.23 2.50 3.63
N MET A 50 -3.35 1.89 4.40
CA MET A 50 -2.99 0.50 4.17
C MET A 50 -3.73 -0.43 5.14
N GLY A 51 -3.56 -1.72 4.92
CA GLY A 51 -4.20 -2.72 5.76
C GLY A 51 -3.81 -4.14 5.33
N PHE A 52 -3.08 -4.80 6.20
CA PHE A 52 -2.64 -6.16 5.93
C PHE A 52 -3.82 -7.13 5.93
N ASP A 53 -4.00 -7.79 4.80
CA ASP A 53 -5.09 -8.76 4.66
C ASP A 53 -4.59 -10.15 5.06
N ASP A 54 -5.51 -11.09 5.06
CA ASP A 54 -5.19 -12.46 5.42
C ASP A 54 -4.58 -13.17 4.22
N THR A 55 -4.81 -12.59 3.05
CA THR A 55 -4.29 -13.15 1.81
C THR A 55 -4.52 -12.18 0.65
N VAL A 56 -4.04 -12.59 -0.51
CA VAL A 56 -4.18 -11.77 -1.71
C VAL A 56 -5.41 -12.22 -2.50
N GLU A 57 -5.95 -11.31 -3.27
CA GLU A 57 -7.13 -11.60 -4.08
C GLU A 57 -6.74 -12.46 -5.29
N GLU A 58 -7.77 -12.95 -5.97
CA GLU A 58 -7.55 -13.78 -7.14
C GLU A 58 -7.35 -12.92 -8.39
N GLY A 59 -6.92 -11.68 -8.14
CA GLY A 59 -6.69 -10.74 -9.22
C GLY A 59 -6.32 -9.36 -8.68
N ASP A 60 -5.21 -9.32 -7.96
CA ASP A 60 -4.73 -8.07 -7.38
C ASP A 60 -3.28 -7.86 -7.77
N HIS A 61 -2.98 -6.63 -8.19
CA HIS A 61 -1.63 -6.28 -8.60
C HIS A 61 -0.69 -6.40 -7.40
N VAL A 62 -0.08 -7.56 -7.27
CA VAL A 62 0.85 -7.81 -6.18
C VAL A 62 2.22 -7.22 -6.54
N PHE A 63 2.79 -6.52 -5.58
CA PHE A 63 4.09 -5.91 -5.77
C PHE A 63 5.13 -6.50 -4.82
N GLU A 64 6.29 -6.83 -5.38
CA GLU A 64 7.37 -7.40 -4.59
C GLU A 64 8.26 -6.30 -4.03
N TYR A 65 8.39 -6.29 -2.72
CA TYR A 65 9.21 -5.29 -2.06
C TYR A 65 10.39 -5.95 -1.34
N ASP A 66 11.04 -5.17 -0.49
CA ASP A 66 12.19 -5.66 0.26
C ASP A 66 11.73 -6.75 1.24
N GLY A 67 11.40 -7.91 0.67
CA GLY A 67 10.94 -9.03 1.47
C GLY A 67 9.53 -8.79 2.00
N VAL A 68 8.82 -7.90 1.32
CA VAL A 68 7.46 -7.58 1.71
C VAL A 68 6.56 -7.64 0.48
N LYS A 69 5.27 -7.87 0.73
CA LYS A 69 4.29 -7.95 -0.34
C LYS A 69 3.31 -6.79 -0.22
N VAL A 70 2.89 -6.29 -1.37
CA VAL A 70 1.94 -5.18 -1.41
C VAL A 70 1.03 -5.35 -2.62
N VAL A 71 -0.16 -4.74 -2.52
CA VAL A 71 -1.13 -4.82 -3.58
C VAL A 71 -1.88 -3.49 -3.67
N ILE A 72 -2.58 -3.30 -4.79
CA ILE A 72 -3.34 -2.09 -5.00
C ILE A 72 -4.59 -2.42 -5.81
N ASP A 73 -5.74 -2.19 -5.20
CA ASP A 73 -7.01 -2.46 -5.85
C ASP A 73 -6.92 -2.05 -7.32
N PRO A 74 -7.77 -2.70 -8.15
CA PRO A 74 -7.80 -2.41 -9.58
C PRO A 74 -8.49 -1.07 -9.85
N PHE A 75 -9.32 -0.66 -8.90
CA PHE A 75 -10.04 0.59 -9.03
C PHE A 75 -9.22 1.76 -8.49
N SER A 76 -8.35 1.44 -7.54
CA SER A 76 -7.50 2.45 -6.93
C SER A 76 -6.20 2.59 -7.72
N MET A 77 -5.91 1.56 -8.52
CA MET A 77 -4.71 1.56 -9.33
C MET A 77 -4.67 2.78 -10.25
N PRO A 78 -5.79 2.97 -11.00
CA PRO A 78 -5.89 4.10 -11.91
C PRO A 78 -6.12 5.42 -11.16
N TYR A 79 -6.14 5.30 -9.84
CA TYR A 79 -6.34 6.46 -9.00
C TYR A 79 -5.01 7.01 -8.47
N VAL A 80 -4.04 6.10 -8.38
CA VAL A 80 -2.71 6.47 -7.90
C VAL A 80 -1.65 5.77 -8.75
N ASN A 81 -1.93 5.70 -10.04
CA ASN A 81 -1.01 5.05 -10.97
C ASN A 81 0.13 6.01 -11.29
N GLY A 82 1.34 5.57 -10.98
CA GLY A 82 2.53 6.37 -11.23
C GLY A 82 2.79 7.33 -10.06
N ALA A 83 1.71 7.77 -9.44
CA ALA A 83 1.82 8.68 -8.32
C ALA A 83 2.67 8.04 -7.22
N GLU A 84 2.89 8.80 -6.16
CA GLU A 84 3.69 8.32 -5.05
C GLU A 84 3.00 8.65 -3.72
N LEU A 85 2.93 7.64 -2.87
CA LEU A 85 2.30 7.80 -1.56
C LEU A 85 3.37 7.75 -0.48
N ASP A 86 3.54 8.88 0.19
CA ASP A 86 4.53 8.98 1.26
C ASP A 86 3.84 8.77 2.61
N TYR A 87 3.97 7.56 3.13
CA TYR A 87 3.37 7.23 4.40
C TYR A 87 4.28 7.63 5.57
N VAL A 88 3.73 8.46 6.45
CA VAL A 88 4.48 8.92 7.60
C VAL A 88 4.10 8.09 8.82
N VAL A 89 5.07 7.91 9.70
CA VAL A 89 4.85 7.13 10.91
C VAL A 89 5.32 7.94 12.12
N ASP A 90 4.35 8.35 12.93
CA ASP A 90 4.66 9.13 14.12
C ASP A 90 3.43 9.16 15.04
N PHE A 91 3.32 10.23 15.80
CA PHE A 91 2.21 10.38 16.71
C PHE A 91 0.88 10.30 15.98
N MET A 92 0.95 10.42 14.66
CA MET A 92 -0.24 10.35 13.83
C MET A 92 -0.68 8.90 13.61
N GLY A 93 0.05 7.99 14.25
CA GLY A 93 -0.27 6.57 14.14
C GLY A 93 -0.18 6.11 12.68
N GLY A 94 0.42 6.95 11.86
CA GLY A 94 0.57 6.64 10.45
C GLY A 94 0.00 7.77 9.57
N GLY A 95 0.81 8.81 9.42
CA GLY A 95 0.40 9.95 8.61
C GLY A 95 0.34 9.58 7.13
N PHE A 96 -0.87 9.64 6.59
CA PHE A 96 -1.07 9.32 5.19
C PHE A 96 -0.99 10.57 4.31
N THR A 97 0.03 10.60 3.46
CA THR A 97 0.24 11.72 2.58
C THR A 97 0.82 11.25 1.24
N ILE A 98 0.30 11.84 0.17
CA ILE A 98 0.76 11.49 -1.17
C ILE A 98 1.31 12.73 -1.86
N ARG A 99 2.42 12.54 -2.54
CA ARG A 99 3.06 13.65 -3.26
C ARG A 99 2.78 13.54 -4.75
N ASN A 100 1.88 14.38 -5.22
CA ASN A 100 1.51 14.41 -6.63
C ASN A 100 2.78 14.53 -7.47
N PRO A 101 2.68 14.02 -8.73
CA PRO A 101 3.81 14.07 -9.64
C PRO A 101 4.00 15.48 -10.21
N MET A 1 -2.55 -21.09 -17.66
CA MET A 1 -3.78 -21.24 -16.90
C MET A 1 -3.55 -20.90 -15.42
N GLN A 2 -3.08 -19.69 -15.18
CA GLN A 2 -2.82 -19.24 -13.83
C GLN A 2 -3.77 -18.09 -13.45
N GLU A 3 -3.53 -17.53 -12.28
CA GLU A 3 -4.35 -16.44 -11.80
C GLU A 3 -4.11 -15.18 -12.64
N GLN A 4 -5.10 -14.31 -12.62
CA GLN A 4 -5.02 -13.06 -13.38
C GLN A 4 -3.96 -12.14 -12.75
N ALA A 5 -2.78 -12.17 -13.35
CA ALA A 5 -1.68 -11.35 -12.86
C ALA A 5 -1.91 -9.90 -13.29
N GLN A 6 -1.17 -9.01 -12.66
CA GLN A 6 -1.27 -7.59 -12.97
C GLN A 6 -0.23 -6.79 -12.19
N GLN A 7 0.66 -6.15 -12.93
CA GLN A 7 1.71 -5.36 -12.31
C GLN A 7 1.63 -3.91 -12.80
N PHE A 8 1.03 -3.06 -11.97
CA PHE A 8 0.89 -1.66 -12.30
C PHE A 8 2.11 -0.86 -11.86
N ILE A 9 2.25 0.32 -12.45
CA ILE A 9 3.37 1.18 -12.13
C ILE A 9 3.04 1.99 -10.87
N PHE A 10 3.76 1.69 -9.80
CA PHE A 10 3.56 2.37 -8.53
C PHE A 10 4.81 2.28 -7.66
N LYS A 11 5.00 3.31 -6.85
CA LYS A 11 6.14 3.36 -5.95
C LYS A 11 5.69 3.87 -4.58
N VAL A 12 6.34 3.34 -3.56
CA VAL A 12 6.03 3.73 -2.18
C VAL A 12 7.31 4.11 -1.46
N THR A 13 7.24 5.23 -0.75
CA THR A 13 8.38 5.71 0.01
C THR A 13 8.92 4.63 0.94
N ASP A 14 10.19 4.73 1.26
CA ASP A 14 10.83 3.77 2.14
C ASP A 14 10.07 3.73 3.48
N LYS A 15 9.67 4.90 3.92
CA LYS A 15 8.94 5.03 5.18
C LYS A 15 7.63 4.24 5.07
N ALA A 16 6.97 4.41 3.94
CA ALA A 16 5.71 3.72 3.71
C ALA A 16 5.93 2.21 3.76
N VAL A 17 6.98 1.77 3.07
CA VAL A 17 7.32 0.35 3.03
C VAL A 17 7.76 -0.09 4.43
N GLU A 18 8.77 0.58 4.95
CA GLU A 18 9.29 0.26 6.26
C GLU A 18 8.20 0.37 7.31
N GLU A 19 7.19 1.17 6.99
CA GLU A 19 6.06 1.37 7.89
C GLU A 19 5.24 0.09 8.01
N ILE A 20 5.44 -0.80 7.04
CA ILE A 20 4.73 -2.06 7.02
C ILE A 20 5.49 -3.08 7.87
N LYS A 21 6.81 -3.05 7.74
CA LYS A 21 7.66 -3.96 8.49
C LYS A 21 7.50 -3.69 9.98
N LYS A 22 7.45 -2.42 10.32
CA LYS A 22 7.29 -2.02 11.72
C LYS A 22 5.96 -2.56 12.24
N VAL A 23 5.02 -2.76 11.32
CA VAL A 23 3.71 -3.26 11.69
C VAL A 23 3.73 -4.79 11.62
N ALA A 24 4.52 -5.30 10.67
CA ALA A 24 4.63 -6.74 10.49
C ALA A 24 5.45 -7.33 11.63
N GLN A 25 6.59 -6.70 11.89
CA GLN A 25 7.46 -7.15 12.96
C GLN A 25 6.74 -7.11 14.30
N GLU A 26 5.74 -6.23 14.37
CA GLU A 26 4.96 -6.09 15.59
C GLU A 26 3.92 -7.19 15.69
N ASN A 27 3.67 -7.85 14.57
CA ASN A 27 2.70 -8.93 14.52
C ASN A 27 3.43 -10.25 14.25
N ASN A 28 4.75 -10.16 14.22
CA ASN A 28 5.56 -11.33 13.97
C ASN A 28 5.19 -11.94 12.61
N ILE A 29 4.89 -11.05 11.68
CA ILE A 29 4.51 -11.47 10.34
C ILE A 29 5.75 -11.39 9.42
N GLU A 30 5.96 -12.46 8.68
CA GLU A 30 7.08 -12.52 7.76
C GLU A 30 6.60 -12.45 6.31
N ASN A 31 5.31 -12.17 6.17
CA ASN A 31 4.71 -12.08 4.85
C ASN A 31 3.52 -11.11 4.90
N PRO A 32 3.85 -9.81 5.15
CA PRO A 32 2.83 -8.78 5.22
C PRO A 32 2.31 -8.42 3.83
N ILE A 33 1.00 -8.18 3.77
CA ILE A 33 0.37 -7.82 2.52
C ILE A 33 -0.36 -6.48 2.68
N LEU A 34 0.28 -5.43 2.20
CA LEU A 34 -0.30 -4.10 2.28
C LEU A 34 -1.09 -3.81 1.01
N ARG A 35 -2.31 -3.32 1.20
CA ARG A 35 -3.17 -3.00 0.08
C ARG A 35 -3.34 -1.48 -0.05
N ILE A 36 -3.47 -1.03 -1.28
CA ILE A 36 -3.64 0.38 -1.55
C ILE A 36 -5.10 0.67 -1.88
N ARG A 37 -5.77 1.34 -0.94
CA ARG A 37 -7.17 1.68 -1.12
C ARG A 37 -7.38 3.19 -0.95
N VAL A 38 -8.47 3.67 -1.52
CA VAL A 38 -8.79 5.08 -1.44
C VAL A 38 -9.74 5.31 -0.27
N VAL A 39 -9.48 6.39 0.48
CA VAL A 39 -10.29 6.73 1.62
C VAL A 39 -10.05 8.19 2.01
N PRO A 40 -11.06 9.04 1.71
CA PRO A 40 -10.96 10.46 2.02
C PRO A 40 -11.14 10.71 3.52
N GLY A 41 -10.84 11.93 3.92
CA GLY A 41 -10.97 12.31 5.32
C GLY A 41 -11.56 13.72 5.45
N GLY A 42 -10.99 14.63 4.69
CA GLY A 42 -11.44 16.02 4.71
C GLY A 42 -10.48 16.89 5.51
N CYS A 43 -10.34 16.58 6.78
CA CYS A 43 -9.45 17.33 7.66
C CYS A 43 -8.02 16.85 7.41
N SER A 44 -7.88 15.54 7.29
CA SER A 44 -6.57 14.95 7.04
C SER A 44 -6.17 15.15 5.59
N GLY A 45 -7.13 14.94 4.70
CA GLY A 45 -6.88 15.11 3.28
C GLY A 45 -7.12 13.79 2.53
N PHE A 46 -6.92 13.85 1.23
CA PHE A 46 -7.11 12.67 0.39
C PHE A 46 -5.85 11.80 0.37
N GLN A 47 -5.92 10.70 1.10
CA GLN A 47 -4.80 9.78 1.17
C GLN A 47 -5.30 8.34 1.29
N TYR A 48 -4.40 7.41 0.98
CA TYR A 48 -4.75 5.99 1.05
C TYR A 48 -4.25 5.37 2.36
N ALA A 49 -5.18 4.75 3.07
CA ALA A 49 -4.86 4.12 4.33
C ALA A 49 -4.24 2.76 4.07
N MET A 50 -3.43 2.31 5.01
CA MET A 50 -2.77 1.03 4.89
C MET A 50 -3.61 -0.09 5.52
N GLY A 51 -3.13 -1.32 5.36
CA GLY A 51 -3.83 -2.47 5.90
C GLY A 51 -3.10 -3.77 5.54
N PHE A 52 -2.87 -4.57 6.56
CA PHE A 52 -2.18 -5.85 6.38
C PHE A 52 -3.14 -7.02 6.53
N ASP A 53 -3.44 -7.64 5.41
CA ASP A 53 -4.36 -8.79 5.40
C ASP A 53 -3.56 -10.07 5.16
N ASP A 54 -4.26 -11.19 5.23
CA ASP A 54 -3.64 -12.48 5.03
C ASP A 54 -4.43 -13.26 3.98
N THR A 55 -4.51 -12.68 2.79
CA THR A 55 -5.22 -13.32 1.69
C THR A 55 -5.09 -12.49 0.42
N VAL A 56 -5.14 -13.19 -0.71
CA VAL A 56 -5.02 -12.53 -2.00
C VAL A 56 -6.42 -12.26 -2.56
N GLU A 57 -6.49 -11.27 -3.43
CA GLU A 57 -7.76 -10.89 -4.05
C GLU A 57 -7.91 -11.57 -5.41
N GLU A 58 -9.11 -11.45 -5.97
CA GLU A 58 -9.39 -12.05 -7.26
C GLU A 58 -8.90 -11.14 -8.38
N GLY A 59 -7.71 -10.60 -8.18
CA GLY A 59 -7.11 -9.71 -9.16
C GLY A 59 -6.57 -8.45 -8.51
N ASP A 60 -5.46 -8.61 -7.79
CA ASP A 60 -4.83 -7.49 -7.10
C ASP A 60 -3.40 -7.33 -7.62
N HIS A 61 -2.99 -6.08 -7.75
CA HIS A 61 -1.66 -5.76 -8.22
C HIS A 61 -0.62 -6.25 -7.20
N VAL A 62 -0.13 -7.46 -7.44
CA VAL A 62 0.85 -8.05 -6.55
C VAL A 62 2.21 -7.41 -6.82
N PHE A 63 2.64 -6.59 -5.87
CA PHE A 63 3.92 -5.90 -6.00
C PHE A 63 4.88 -6.34 -4.88
N GLU A 64 6.01 -6.88 -5.30
CA GLU A 64 7.02 -7.34 -4.36
C GLU A 64 7.80 -6.15 -3.79
N TYR A 65 7.81 -6.07 -2.47
CA TYR A 65 8.51 -5.00 -1.79
C TYR A 65 9.81 -5.49 -1.17
N ASP A 66 10.40 -4.64 -0.34
CA ASP A 66 11.64 -4.99 0.34
C ASP A 66 11.39 -6.13 1.32
N GLY A 67 11.12 -7.30 0.77
CA GLY A 67 10.87 -8.48 1.60
C GLY A 67 9.44 -8.44 2.16
N VAL A 68 8.54 -7.91 1.35
CA VAL A 68 7.14 -7.80 1.75
C VAL A 68 6.25 -7.83 0.51
N LYS A 69 5.01 -8.23 0.72
CA LYS A 69 4.05 -8.30 -0.37
C LYS A 69 3.09 -7.11 -0.29
N VAL A 70 2.63 -6.69 -1.46
CA VAL A 70 1.71 -5.56 -1.53
C VAL A 70 0.61 -5.88 -2.56
N VAL A 71 -0.48 -5.14 -2.45
CA VAL A 71 -1.60 -5.32 -3.35
C VAL A 71 -2.26 -3.96 -3.62
N ILE A 72 -3.01 -3.91 -4.71
CA ILE A 72 -3.70 -2.70 -5.09
C ILE A 72 -4.99 -3.05 -5.83
N ASP A 73 -5.86 -2.06 -5.95
CA ASP A 73 -7.13 -2.24 -6.63
C ASP A 73 -7.01 -1.77 -8.08
N PRO A 74 -7.93 -2.29 -8.94
CA PRO A 74 -7.93 -1.93 -10.34
C PRO A 74 -8.48 -0.52 -10.54
N PHE A 75 -9.29 -0.09 -9.57
CA PHE A 75 -9.89 1.23 -9.63
C PHE A 75 -9.00 2.27 -8.96
N SER A 76 -8.02 1.78 -8.21
CA SER A 76 -7.09 2.65 -7.51
C SER A 76 -5.89 2.96 -8.40
N MET A 77 -5.70 2.10 -9.39
CA MET A 77 -4.59 2.27 -10.32
C MET A 77 -4.67 3.63 -11.02
N PRO A 78 -5.88 3.94 -11.55
CA PRO A 78 -6.10 5.19 -12.24
C PRO A 78 -6.19 6.35 -11.25
N TYR A 79 -6.03 6.02 -9.98
CA TYR A 79 -6.10 7.02 -8.94
C TYR A 79 -4.74 7.19 -8.24
N VAL A 80 -3.81 6.34 -8.64
CA VAL A 80 -2.47 6.38 -8.07
C VAL A 80 -1.45 6.06 -9.16
N ASN A 81 -1.77 6.50 -10.36
CA ASN A 81 -0.88 6.26 -11.49
C ASN A 81 0.53 6.78 -11.16
N GLY A 82 1.49 5.87 -11.24
CA GLY A 82 2.86 6.22 -10.95
C GLY A 82 2.94 7.19 -9.77
N ALA A 83 1.96 7.09 -8.89
CA ALA A 83 1.91 7.95 -7.71
C ALA A 83 2.93 7.47 -6.69
N GLU A 84 3.00 8.19 -5.58
CA GLU A 84 3.92 7.84 -4.52
C GLU A 84 3.28 8.07 -3.15
N LEU A 85 2.92 6.97 -2.50
CA LEU A 85 2.29 7.05 -1.20
C LEU A 85 3.34 7.44 -0.15
N ASP A 86 3.23 8.68 0.30
CA ASP A 86 4.16 9.19 1.30
C ASP A 86 3.53 9.07 2.69
N TYR A 87 4.36 8.67 3.65
CA TYR A 87 3.89 8.50 5.02
C TYR A 87 3.96 9.83 5.77
N VAL A 88 2.81 10.24 6.30
CA VAL A 88 2.73 11.48 7.05
C VAL A 88 2.14 11.20 8.43
N VAL A 89 2.35 12.14 9.34
CA VAL A 89 1.85 12.00 10.69
C VAL A 89 0.86 13.13 10.97
N ASP A 90 -0.31 12.75 11.45
CA ASP A 90 -1.35 13.72 11.76
C ASP A 90 -2.43 13.05 12.62
N PHE A 91 -3.59 13.69 12.66
CA PHE A 91 -4.70 13.16 13.44
C PHE A 91 -4.20 12.52 14.74
N MET A 92 -4.84 11.42 15.09
CA MET A 92 -4.48 10.70 16.30
C MET A 92 -3.20 9.89 16.10
N GLY A 93 -2.78 9.82 14.84
CA GLY A 93 -1.56 9.08 14.51
C GLY A 93 -1.02 9.50 13.14
N GLY A 94 -1.37 8.71 12.14
CA GLY A 94 -0.93 8.99 10.77
C GLY A 94 -0.09 7.83 10.23
N GLY A 95 0.41 8.04 9.02
CA GLY A 95 1.22 7.02 8.37
C GLY A 95 0.71 6.72 6.96
N PHE A 96 -0.37 7.40 6.60
CA PHE A 96 -0.98 7.22 5.29
C PHE A 96 -1.21 8.56 4.60
N THR A 97 -0.38 8.83 3.59
CA THR A 97 -0.49 10.07 2.84
C THR A 97 -0.05 9.86 1.40
N ILE A 98 -0.60 10.67 0.52
CA ILE A 98 -0.28 10.59 -0.89
C ILE A 98 0.10 11.98 -1.41
N ARG A 99 1.28 12.06 -2.00
CA ARG A 99 1.77 13.32 -2.54
C ARG A 99 1.93 13.22 -4.05
N ASN A 100 0.91 13.68 -4.77
CA ASN A 100 0.94 13.66 -6.22
C ASN A 100 1.68 14.88 -6.74
N PRO A 101 2.24 14.73 -7.97
CA PRO A 101 2.97 15.82 -8.60
C PRO A 101 2.03 16.90 -9.11
N MET A 1 -8.50 -17.87 -19.42
CA MET A 1 -7.44 -18.84 -19.23
C MET A 1 -6.10 -18.31 -19.76
N GLN A 2 -5.63 -17.25 -19.12
CA GLN A 2 -4.38 -16.63 -19.52
C GLN A 2 -3.73 -15.93 -18.32
N GLU A 3 -2.52 -15.43 -18.56
CA GLU A 3 -1.79 -14.73 -17.52
C GLU A 3 -2.42 -13.36 -17.26
N GLN A 4 -2.69 -13.11 -15.99
CA GLN A 4 -3.28 -11.84 -15.58
C GLN A 4 -2.20 -10.81 -15.30
N ALA A 5 -1.79 -10.10 -16.35
CA ALA A 5 -0.77 -9.09 -16.23
C ALA A 5 -1.20 -8.04 -15.19
N GLN A 6 -0.89 -8.34 -13.94
CA GLN A 6 -1.23 -7.45 -12.85
C GLN A 6 0.01 -6.68 -12.37
N GLN A 7 0.68 -6.07 -13.32
CA GLN A 7 1.88 -5.30 -13.01
C GLN A 7 1.67 -3.83 -13.35
N PHE A 8 1.34 -3.05 -12.34
CA PHE A 8 1.11 -1.63 -12.52
C PHE A 8 2.27 -0.81 -11.96
N ILE A 9 2.38 0.43 -12.43
CA ILE A 9 3.43 1.32 -11.99
C ILE A 9 3.05 1.94 -10.65
N PHE A 10 3.79 1.56 -9.62
CA PHE A 10 3.53 2.07 -8.28
C PHE A 10 4.78 1.93 -7.40
N LYS A 11 5.12 3.04 -6.75
CA LYS A 11 6.29 3.05 -5.87
C LYS A 11 5.91 3.76 -4.56
N VAL A 12 6.16 3.06 -3.46
CA VAL A 12 5.87 3.61 -2.15
C VAL A 12 7.17 4.02 -1.47
N THR A 13 7.06 5.05 -0.63
CA THR A 13 8.22 5.55 0.09
C THR A 13 8.77 4.49 1.03
N ASP A 14 10.09 4.47 1.15
CA ASP A 14 10.75 3.52 2.02
C ASP A 14 10.09 3.55 3.40
N LYS A 15 9.64 4.74 3.78
CA LYS A 15 9.00 4.93 5.07
C LYS A 15 7.69 4.12 5.10
N ALA A 16 6.96 4.22 4.01
CA ALA A 16 5.69 3.52 3.90
C ALA A 16 5.90 2.03 4.16
N VAL A 17 6.96 1.50 3.54
CA VAL A 17 7.28 0.10 3.70
C VAL A 17 7.88 -0.13 5.09
N GLU A 18 8.85 0.72 5.43
CA GLU A 18 9.50 0.62 6.73
C GLU A 18 8.48 0.78 7.86
N GLU A 19 7.37 1.41 7.52
CA GLU A 19 6.31 1.63 8.49
C GLU A 19 5.64 0.31 8.85
N ILE A 20 4.80 -0.18 7.94
CA ILE A 20 4.11 -1.43 8.15
C ILE A 20 5.10 -2.49 8.62
N LYS A 21 6.36 -2.26 8.29
CA LYS A 21 7.41 -3.20 8.66
C LYS A 21 7.36 -3.43 10.18
N LYS A 22 7.07 -2.35 10.90
CA LYS A 22 6.99 -2.44 12.35
C LYS A 22 5.67 -3.11 12.75
N VAL A 23 4.61 -2.71 12.06
CA VAL A 23 3.30 -3.26 12.32
C VAL A 23 3.30 -4.75 12.01
N ALA A 24 4.03 -5.11 10.95
CA ALA A 24 4.13 -6.49 10.54
C ALA A 24 4.98 -7.27 11.55
N GLN A 25 6.04 -6.61 12.01
CA GLN A 25 6.93 -7.21 12.97
C GLN A 25 6.22 -7.43 14.31
N GLU A 26 5.36 -6.47 14.64
CA GLU A 26 4.61 -6.53 15.88
C GLU A 26 3.54 -7.63 15.80
N ASN A 27 3.39 -8.18 14.60
CA ASN A 27 2.41 -9.22 14.37
C ASN A 27 3.14 -10.53 14.07
N ASN A 28 4.44 -10.52 14.30
CA ASN A 28 5.26 -11.69 14.05
C ASN A 28 5.05 -12.16 12.61
N ILE A 29 4.83 -11.19 11.73
CA ILE A 29 4.63 -11.50 10.33
C ILE A 29 5.93 -11.26 9.55
N GLU A 30 6.10 -12.05 8.51
CA GLU A 30 7.30 -11.94 7.69
C GLU A 30 6.92 -11.81 6.21
N ASN A 31 5.62 -11.66 5.98
CA ASN A 31 5.11 -11.52 4.63
C ASN A 31 3.83 -10.68 4.65
N PRO A 32 3.99 -9.38 5.01
CA PRO A 32 2.87 -8.48 5.08
C PRO A 32 2.41 -8.06 3.69
N ILE A 33 1.10 -7.95 3.53
CA ILE A 33 0.52 -7.56 2.25
C ILE A 33 -0.37 -6.33 2.45
N LEU A 34 0.21 -5.17 2.17
CA LEU A 34 -0.52 -3.92 2.31
C LEU A 34 -1.19 -3.58 0.98
N ARG A 35 -2.49 -3.28 1.06
CA ARG A 35 -3.25 -2.93 -0.12
C ARG A 35 -3.60 -1.45 -0.11
N ILE A 36 -3.39 -0.81 -1.25
CA ILE A 36 -3.67 0.61 -1.39
C ILE A 36 -5.13 0.79 -1.81
N ARG A 37 -5.94 1.27 -0.88
CA ARG A 37 -7.35 1.50 -1.15
C ARG A 37 -7.71 2.97 -0.89
N VAL A 38 -8.78 3.40 -1.54
CA VAL A 38 -9.24 4.77 -1.39
C VAL A 38 -10.04 4.90 -0.10
N VAL A 39 -9.75 5.96 0.64
CA VAL A 39 -10.44 6.21 1.90
C VAL A 39 -11.04 7.62 1.88
N PRO A 40 -12.27 7.70 1.30
CA PRO A 40 -12.97 8.97 1.21
C PRO A 40 -13.53 9.38 2.57
N GLY A 41 -13.27 8.55 3.56
CA GLY A 41 -13.75 8.81 4.90
C GLY A 41 -12.65 9.45 5.76
N GLY A 42 -12.24 10.64 5.36
CA GLY A 42 -11.20 11.35 6.07
C GLY A 42 -11.62 12.80 6.36
N CYS A 43 -12.29 12.98 7.48
CA CYS A 43 -12.76 14.30 7.87
C CYS A 43 -11.56 15.26 7.84
N SER A 44 -10.39 14.70 8.08
CA SER A 44 -9.17 15.49 8.07
C SER A 44 -8.57 15.52 6.66
N GLY A 45 -8.77 14.42 5.94
CA GLY A 45 -8.25 14.31 4.59
C GLY A 45 -8.36 12.88 4.07
N PHE A 46 -8.79 12.76 2.82
CA PHE A 46 -8.95 11.45 2.21
C PHE A 46 -7.61 10.95 1.64
N GLN A 47 -7.09 9.91 2.26
CA GLN A 47 -5.83 9.33 1.84
C GLN A 47 -5.92 7.81 1.86
N TYR A 48 -4.98 7.19 1.15
CA TYR A 48 -4.95 5.73 1.08
C TYR A 48 -4.20 5.13 2.27
N ALA A 49 -4.98 4.57 3.18
CA ALA A 49 -4.41 3.97 4.37
C ALA A 49 -3.90 2.56 4.04
N MET A 50 -2.99 2.07 4.88
CA MET A 50 -2.43 0.75 4.68
C MET A 50 -3.19 -0.30 5.48
N GLY A 51 -2.80 -1.55 5.29
CA GLY A 51 -3.44 -2.65 5.99
C GLY A 51 -2.84 -3.99 5.55
N PHE A 52 -2.17 -4.64 6.50
CA PHE A 52 -1.55 -5.92 6.23
C PHE A 52 -2.61 -7.01 6.02
N ASP A 53 -2.51 -7.67 4.87
CA ASP A 53 -3.44 -8.73 4.54
C ASP A 53 -2.68 -10.04 4.30
N ASP A 54 -3.43 -11.10 4.08
CA ASP A 54 -2.84 -12.40 3.84
C ASP A 54 -3.74 -13.20 2.89
N THR A 55 -3.86 -12.69 1.69
CA THR A 55 -4.68 -13.35 0.68
C THR A 55 -4.57 -12.62 -0.66
N VAL A 56 -4.71 -13.39 -1.74
CA VAL A 56 -4.62 -12.83 -3.07
C VAL A 56 -6.03 -12.54 -3.59
N GLU A 57 -6.10 -11.60 -4.52
CA GLU A 57 -7.38 -11.21 -5.10
C GLU A 57 -7.49 -11.72 -6.54
N GLU A 58 -8.68 -11.60 -7.09
CA GLU A 58 -8.93 -12.04 -8.45
C GLU A 58 -8.54 -10.95 -9.45
N GLY A 59 -7.44 -10.27 -9.13
CA GLY A 59 -6.95 -9.20 -9.99
C GLY A 59 -6.29 -8.10 -9.16
N ASP A 60 -5.26 -8.50 -8.43
CA ASP A 60 -4.53 -7.56 -7.59
C ASP A 60 -3.09 -7.45 -8.09
N HIS A 61 -2.60 -6.22 -8.12
CA HIS A 61 -1.24 -5.97 -8.58
C HIS A 61 -0.25 -6.62 -7.61
N VAL A 62 0.57 -7.51 -8.17
CA VAL A 62 1.56 -8.21 -7.38
C VAL A 62 2.90 -7.47 -7.49
N PHE A 63 3.23 -6.74 -6.44
CA PHE A 63 4.48 -5.99 -6.41
C PHE A 63 5.38 -6.47 -5.28
N GLU A 64 6.49 -7.09 -5.67
CA GLU A 64 7.44 -7.60 -4.69
C GLU A 64 8.31 -6.47 -4.15
N TYR A 65 8.30 -6.34 -2.83
CA TYR A 65 9.08 -5.30 -2.18
C TYR A 65 10.24 -5.91 -1.37
N ASP A 66 10.81 -5.07 -0.52
CA ASP A 66 11.92 -5.52 0.32
C ASP A 66 11.41 -6.56 1.32
N GLY A 67 11.07 -7.73 0.80
CA GLY A 67 10.58 -8.81 1.63
C GLY A 67 9.07 -8.68 1.84
N VAL A 68 8.57 -7.47 1.62
CA VAL A 68 7.15 -7.21 1.79
C VAL A 68 6.46 -7.30 0.42
N LYS A 69 5.13 -7.26 0.46
CA LYS A 69 4.35 -7.34 -0.76
C LYS A 69 3.20 -6.32 -0.69
N VAL A 70 2.81 -5.84 -1.85
CA VAL A 70 1.73 -4.87 -1.93
C VAL A 70 0.73 -5.31 -3.00
N VAL A 71 -0.52 -4.89 -2.81
CA VAL A 71 -1.57 -5.24 -3.76
C VAL A 71 -2.55 -4.07 -3.87
N ILE A 72 -2.53 -3.44 -5.03
CA ILE A 72 -3.41 -2.31 -5.28
C ILE A 72 -4.69 -2.81 -5.95
N ASP A 73 -5.73 -1.99 -5.83
CA ASP A 73 -7.02 -2.33 -6.41
C ASP A 73 -7.06 -1.84 -7.87
N PRO A 74 -7.99 -2.45 -8.64
CA PRO A 74 -8.14 -2.09 -10.05
C PRO A 74 -8.85 -0.74 -10.19
N PHE A 75 -9.62 -0.40 -9.15
CA PHE A 75 -10.35 0.85 -9.16
C PHE A 75 -9.50 1.99 -8.58
N SER A 76 -8.52 1.60 -7.77
CA SER A 76 -7.63 2.57 -7.16
C SER A 76 -6.43 2.84 -8.07
N MET A 77 -6.22 1.92 -9.00
CA MET A 77 -5.12 2.05 -9.94
C MET A 77 -5.19 3.37 -10.70
N PRO A 78 -6.40 3.66 -11.24
CA PRO A 78 -6.62 4.89 -11.99
C PRO A 78 -6.72 6.09 -11.06
N TYR A 79 -6.57 5.81 -9.77
CA TYR A 79 -6.64 6.85 -8.76
C TYR A 79 -5.25 7.18 -8.21
N VAL A 80 -4.36 6.22 -8.33
CA VAL A 80 -3.00 6.39 -7.84
C VAL A 80 -2.03 5.87 -8.91
N ASN A 81 -2.31 6.22 -10.15
CA ASN A 81 -1.46 5.80 -11.25
C ASN A 81 -0.26 6.75 -11.37
N GLY A 82 0.88 6.18 -11.70
CA GLY A 82 2.09 6.95 -11.84
C GLY A 82 2.26 7.94 -10.68
N ALA A 83 2.23 7.39 -9.48
CA ALA A 83 2.38 8.20 -8.28
C ALA A 83 2.94 7.33 -7.15
N GLU A 84 3.32 8.01 -6.07
CA GLU A 84 3.86 7.31 -4.92
C GLU A 84 3.08 7.68 -3.66
N LEU A 85 3.04 6.73 -2.72
CA LEU A 85 2.34 6.93 -1.47
C LEU A 85 3.35 7.12 -0.34
N ASP A 86 3.42 8.35 0.14
CA ASP A 86 4.34 8.68 1.22
C ASP A 86 3.59 8.60 2.55
N TYR A 87 3.87 7.53 3.29
CA TYR A 87 3.24 7.33 4.58
C TYR A 87 4.01 8.04 5.69
N VAL A 88 3.32 8.97 6.33
CA VAL A 88 3.92 9.74 7.41
C VAL A 88 4.03 8.86 8.66
N VAL A 89 5.07 9.11 9.44
CA VAL A 89 5.29 8.36 10.65
C VAL A 89 5.50 9.33 11.82
N ASP A 90 4.56 9.30 12.75
CA ASP A 90 4.63 10.16 13.91
C ASP A 90 3.64 9.67 14.97
N PHE A 91 3.14 10.63 15.75
CA PHE A 91 2.18 10.31 16.80
C PHE A 91 0.95 9.61 16.22
N MET A 92 0.83 9.69 14.91
CA MET A 92 -0.30 9.08 14.21
C MET A 92 -0.05 7.59 13.98
N GLY A 93 1.05 7.11 14.54
CA GLY A 93 1.41 5.71 14.40
C GLY A 93 1.45 5.30 12.93
N GLY A 94 1.57 6.31 12.07
CA GLY A 94 1.62 6.07 10.64
C GLY A 94 0.48 6.79 9.92
N GLY A 95 0.77 8.02 9.51
CA GLY A 95 -0.22 8.82 8.81
C GLY A 95 -0.23 8.51 7.32
N PHE A 96 -0.93 9.35 6.57
CA PHE A 96 -1.03 9.17 5.13
C PHE A 96 -0.70 10.47 4.39
N THR A 97 0.06 10.31 3.31
CA THR A 97 0.46 11.46 2.52
C THR A 97 0.82 11.03 1.09
N ILE A 98 0.30 11.77 0.13
CA ILE A 98 0.55 11.48 -1.27
C ILE A 98 1.42 12.58 -1.87
N ARG A 99 2.49 12.15 -2.53
CA ARG A 99 3.41 13.08 -3.15
C ARG A 99 3.28 13.02 -4.67
N ASN A 100 2.87 14.13 -5.25
CA ASN A 100 2.70 14.22 -6.69
C ASN A 100 3.61 15.30 -7.25
N PRO A 101 4.54 14.88 -8.14
CA PRO A 101 5.48 15.80 -8.75
C PRO A 101 4.80 16.65 -9.82
N MET A 1 1.14 -20.64 -12.37
CA MET A 1 0.03 -21.36 -11.78
C MET A 1 -0.96 -20.40 -11.11
N GLN A 2 -1.95 -20.00 -11.89
CA GLN A 2 -2.97 -19.09 -11.39
C GLN A 2 -2.31 -17.88 -10.72
N GLU A 3 -1.76 -17.00 -11.54
CA GLU A 3 -1.10 -15.81 -11.04
C GLU A 3 -1.30 -14.65 -12.02
N GLN A 4 -1.35 -13.45 -11.46
CA GLN A 4 -1.52 -12.25 -12.25
C GLN A 4 -0.20 -11.50 -12.39
N ALA A 5 0.56 -11.88 -13.41
CA ALA A 5 1.85 -11.25 -13.66
C ALA A 5 1.61 -9.84 -14.18
N GLN A 6 1.93 -8.86 -13.34
CA GLN A 6 1.77 -7.47 -13.70
C GLN A 6 2.37 -6.56 -12.62
N GLN A 7 3.21 -5.64 -13.06
CA GLN A 7 3.84 -4.71 -12.14
C GLN A 7 3.47 -3.27 -12.51
N PHE A 8 2.58 -2.70 -11.71
CA PHE A 8 2.14 -1.33 -11.94
C PHE A 8 3.21 -0.34 -11.52
N ILE A 9 3.07 0.88 -12.02
CA ILE A 9 4.02 1.94 -11.70
C ILE A 9 3.70 2.51 -10.32
N PHE A 10 4.58 2.21 -9.37
CA PHE A 10 4.41 2.68 -8.01
C PHE A 10 5.74 2.67 -7.25
N LYS A 11 5.99 3.76 -6.53
CA LYS A 11 7.21 3.89 -5.76
C LYS A 11 6.89 4.48 -4.39
N VAL A 12 7.04 3.64 -3.37
CA VAL A 12 6.77 4.06 -2.01
C VAL A 12 8.09 4.19 -1.25
N THR A 13 8.18 5.27 -0.48
CA THR A 13 9.38 5.52 0.32
C THR A 13 9.66 4.35 1.26
N ASP A 14 10.85 4.37 1.84
CA ASP A 14 11.25 3.32 2.76
C ASP A 14 10.40 3.41 4.03
N LYS A 15 10.00 4.63 4.35
CA LYS A 15 9.18 4.85 5.53
C LYS A 15 7.84 4.13 5.37
N ALA A 16 7.26 4.29 4.19
CA ALA A 16 5.98 3.66 3.90
C ALA A 16 6.14 2.14 4.00
N VAL A 17 7.14 1.63 3.29
CA VAL A 17 7.40 0.20 3.28
C VAL A 17 7.73 -0.26 4.70
N GLU A 18 8.72 0.39 5.28
CA GLU A 18 9.15 0.06 6.64
C GLU A 18 7.95 0.06 7.58
N GLU A 19 6.94 0.84 7.21
CA GLU A 19 5.73 0.94 8.01
C GLU A 19 5.08 -0.43 8.16
N ILE A 20 5.14 -1.20 7.08
CA ILE A 20 4.56 -2.53 7.08
C ILE A 20 5.45 -3.47 7.90
N LYS A 21 6.75 -3.24 7.80
CA LYS A 21 7.72 -4.05 8.52
C LYS A 21 7.42 -3.98 10.02
N LYS A 22 7.15 -2.77 10.48
CA LYS A 22 6.84 -2.56 11.89
C LYS A 22 5.44 -3.09 12.19
N VAL A 23 4.50 -2.70 11.34
CA VAL A 23 3.12 -3.15 11.51
C VAL A 23 3.07 -4.67 11.52
N ALA A 24 3.87 -5.26 10.65
CA ALA A 24 3.93 -6.71 10.54
C ALA A 24 4.67 -7.28 11.74
N GLN A 25 5.73 -6.57 12.13
CA GLN A 25 6.54 -6.99 13.26
C GLN A 25 5.67 -7.11 14.52
N GLU A 26 4.75 -6.17 14.65
CA GLU A 26 3.85 -6.17 15.80
C GLU A 26 2.77 -7.24 15.62
N ASN A 27 2.80 -7.89 14.47
CA ASN A 27 1.83 -8.93 14.17
C ASN A 27 2.56 -10.26 13.99
N ASN A 28 3.86 -10.22 14.23
CA ASN A 28 4.68 -11.40 14.10
C ASN A 28 4.50 -12.00 12.70
N ILE A 29 4.32 -11.10 11.73
CA ILE A 29 4.13 -11.52 10.36
C ILE A 29 5.46 -11.38 9.60
N GLU A 30 5.70 -12.34 8.72
CA GLU A 30 6.93 -12.34 7.93
C GLU A 30 6.60 -12.26 6.44
N ASN A 31 5.31 -12.06 6.16
CA ASN A 31 4.85 -11.96 4.79
C ASN A 31 3.61 -11.07 4.74
N PRO A 32 3.82 -9.77 5.06
CA PRO A 32 2.72 -8.81 5.05
C PRO A 32 2.33 -8.44 3.62
N ILE A 33 1.13 -7.90 3.49
CA ILE A 33 0.62 -7.48 2.19
C ILE A 33 -0.05 -6.12 2.32
N LEU A 34 0.54 -5.13 1.66
CA LEU A 34 0.00 -3.78 1.69
C LEU A 34 -0.93 -3.59 0.51
N ARG A 35 -2.11 -3.07 0.80
CA ARG A 35 -3.11 -2.82 -0.23
C ARG A 35 -3.47 -1.33 -0.28
N ILE A 36 -3.62 -0.85 -1.50
CA ILE A 36 -3.96 0.56 -1.70
C ILE A 36 -5.48 0.70 -1.80
N ARG A 37 -6.05 1.34 -0.78
CA ARG A 37 -7.48 1.56 -0.73
C ARG A 37 -7.79 3.02 -0.48
N VAL A 38 -8.74 3.53 -1.24
CA VAL A 38 -9.15 4.93 -1.11
C VAL A 38 -10.06 5.07 0.10
N VAL A 39 -9.95 6.22 0.76
CA VAL A 39 -10.76 6.50 1.93
C VAL A 39 -10.97 8.00 2.05
N PRO A 40 -12.26 8.40 2.15
CA PRO A 40 -12.60 9.81 2.27
C PRO A 40 -12.32 10.32 3.69
N GLY A 41 -11.32 11.18 3.78
CA GLY A 41 -10.93 11.75 5.06
C GLY A 41 -9.44 12.09 5.09
N GLY A 42 -9.04 12.78 6.15
CA GLY A 42 -7.66 13.17 6.31
C GLY A 42 -7.53 14.68 6.46
N CYS A 43 -6.93 15.09 7.57
CA CYS A 43 -6.75 16.51 7.84
C CYS A 43 -5.71 17.06 6.86
N SER A 44 -4.66 16.28 6.65
CA SER A 44 -3.60 16.67 5.74
C SER A 44 -4.15 16.79 4.31
N GLY A 45 -4.97 15.82 3.96
CA GLY A 45 -5.57 15.80 2.63
C GLY A 45 -5.84 14.36 2.18
N PHE A 46 -6.70 14.25 1.16
CA PHE A 46 -7.05 12.94 0.62
C PHE A 46 -5.83 12.01 0.59
N GLN A 47 -5.84 11.05 1.50
CA GLN A 47 -4.75 10.09 1.58
C GLN A 47 -5.29 8.69 1.82
N TYR A 48 -4.81 7.75 1.03
CA TYR A 48 -5.25 6.36 1.14
C TYR A 48 -4.54 5.67 2.31
N ALA A 49 -5.33 4.90 3.06
CA ALA A 49 -4.79 4.18 4.20
C ALA A 49 -4.10 2.91 3.73
N MET A 50 -3.22 2.40 4.57
CA MET A 50 -2.48 1.19 4.24
C MET A 50 -2.42 0.25 5.45
N GLY A 51 -2.45 -1.04 5.16
CA GLY A 51 -2.40 -2.06 6.20
C GLY A 51 -2.27 -3.46 5.60
N PHE A 52 -2.06 -4.43 6.49
CA PHE A 52 -1.92 -5.81 6.07
C PHE A 52 -3.29 -6.42 5.75
N ASP A 53 -3.38 -6.99 4.56
CA ASP A 53 -4.61 -7.62 4.12
C ASP A 53 -4.60 -9.09 4.53
N ASP A 54 -5.73 -9.74 4.31
CA ASP A 54 -5.87 -11.15 4.65
C ASP A 54 -5.27 -12.00 3.53
N THR A 55 -5.42 -11.51 2.31
CA THR A 55 -4.89 -12.22 1.15
C THR A 55 -4.89 -11.31 -0.07
N VAL A 56 -4.31 -11.81 -1.15
CA VAL A 56 -4.23 -11.05 -2.38
C VAL A 56 -5.44 -11.37 -3.25
N GLU A 57 -5.76 -10.43 -4.13
CA GLU A 57 -6.90 -10.60 -5.02
C GLU A 57 -6.49 -11.42 -6.24
N GLU A 58 -7.50 -11.80 -7.02
CA GLU A 58 -7.27 -12.59 -8.22
C GLU A 58 -6.99 -11.66 -9.41
N GLY A 59 -6.57 -10.44 -9.09
CA GLY A 59 -6.27 -9.47 -10.12
C GLY A 59 -5.73 -8.18 -9.49
N ASP A 60 -4.72 -8.33 -8.66
CA ASP A 60 -4.10 -7.19 -8.00
C ASP A 60 -2.68 -6.99 -8.54
N HIS A 61 -2.11 -5.85 -8.20
CA HIS A 61 -0.76 -5.53 -8.64
C HIS A 61 0.25 -5.95 -7.57
N VAL A 62 0.80 -7.14 -7.76
CA VAL A 62 1.77 -7.68 -6.83
C VAL A 62 3.11 -6.98 -7.05
N PHE A 63 3.54 -6.25 -6.02
CA PHE A 63 4.80 -5.54 -6.09
C PHE A 63 5.81 -6.10 -5.08
N GLU A 64 6.86 -6.71 -5.61
CA GLU A 64 7.89 -7.29 -4.77
C GLU A 64 8.74 -6.18 -4.14
N TYR A 65 8.99 -6.35 -2.84
CA TYR A 65 9.79 -5.37 -2.11
C TYR A 65 10.74 -6.07 -1.15
N ASP A 66 11.12 -5.34 -0.11
CA ASP A 66 12.03 -5.86 0.89
C ASP A 66 11.34 -7.01 1.65
N GLY A 67 11.18 -8.12 0.95
CA GLY A 67 10.55 -9.29 1.54
C GLY A 67 9.08 -9.00 1.86
N VAL A 68 8.44 -8.27 0.97
CA VAL A 68 7.04 -7.92 1.15
C VAL A 68 6.39 -7.71 -0.22
N LYS A 69 5.12 -8.10 -0.30
CA LYS A 69 4.38 -7.97 -1.54
C LYS A 69 3.25 -6.95 -1.34
N VAL A 70 3.20 -6.00 -2.25
CA VAL A 70 2.18 -4.95 -2.20
C VAL A 70 1.09 -5.26 -3.23
N VAL A 71 -0.06 -4.64 -3.01
CA VAL A 71 -1.19 -4.83 -3.91
C VAL A 71 -1.97 -3.52 -4.04
N ILE A 72 -2.69 -3.41 -5.13
CA ILE A 72 -3.49 -2.21 -5.39
C ILE A 72 -4.79 -2.60 -6.09
N ASP A 73 -5.87 -2.56 -5.33
CA ASP A 73 -7.17 -2.90 -5.86
C ASP A 73 -7.30 -2.37 -7.29
N PRO A 74 -8.22 -2.99 -8.07
CA PRO A 74 -8.44 -2.58 -9.44
C PRO A 74 -9.23 -1.26 -9.51
N PHE A 75 -9.92 -0.98 -8.41
CA PHE A 75 -10.71 0.24 -8.33
C PHE A 75 -9.85 1.43 -7.89
N SER A 76 -8.81 1.11 -7.12
CA SER A 76 -7.91 2.14 -6.64
C SER A 76 -6.79 2.38 -7.66
N MET A 77 -6.63 1.42 -8.55
CA MET A 77 -5.61 1.51 -9.58
C MET A 77 -5.76 2.80 -10.40
N PRO A 78 -7.01 3.02 -10.89
CA PRO A 78 -7.30 4.21 -11.68
C PRO A 78 -7.39 5.45 -10.79
N TYR A 79 -7.17 5.23 -9.50
CA TYR A 79 -7.23 6.32 -8.53
C TYR A 79 -5.85 6.61 -7.96
N VAL A 80 -4.92 5.72 -8.24
CA VAL A 80 -3.55 5.87 -7.76
C VAL A 80 -2.58 5.36 -8.83
N ASN A 81 -2.80 5.81 -10.06
CA ASN A 81 -1.96 5.41 -11.17
C ASN A 81 -0.82 6.43 -11.32
N GLY A 82 0.36 5.90 -11.60
CA GLY A 82 1.53 6.75 -11.78
C GLY A 82 1.66 7.75 -10.63
N ALA A 83 1.73 7.22 -9.42
CA ALA A 83 1.85 8.05 -8.24
C ALA A 83 2.52 7.25 -7.11
N GLU A 84 2.77 7.93 -6.01
CA GLU A 84 3.40 7.30 -4.87
C GLU A 84 2.63 7.62 -3.58
N LEU A 85 3.05 6.99 -2.50
CA LEU A 85 2.41 7.21 -1.21
C LEU A 85 3.48 7.41 -0.14
N ASP A 86 3.60 8.64 0.30
CA ASP A 86 4.59 8.98 1.32
C ASP A 86 3.90 8.98 2.69
N TYR A 87 4.57 8.35 3.65
CA TYR A 87 4.05 8.27 5.00
C TYR A 87 4.45 9.50 5.81
N VAL A 88 3.50 10.43 5.92
CA VAL A 88 3.73 11.65 6.66
C VAL A 88 3.13 11.52 8.06
N VAL A 89 3.68 12.28 8.99
CA VAL A 89 3.19 12.26 10.37
C VAL A 89 2.90 13.69 10.82
N ASP A 90 1.70 13.88 11.33
CA ASP A 90 1.28 15.19 11.80
C ASP A 90 0.02 15.04 12.66
N PHE A 91 -0.62 16.17 12.92
CA PHE A 91 -1.83 16.18 13.72
C PHE A 91 -1.75 15.16 14.86
N MET A 92 -2.87 14.51 15.11
CA MET A 92 -2.94 13.51 16.16
C MET A 92 -2.08 12.29 15.81
N GLY A 93 -1.72 12.20 14.54
CA GLY A 93 -0.90 11.10 14.07
C GLY A 93 -1.18 10.81 12.59
N GLY A 94 -0.13 10.96 11.79
CA GLY A 94 -0.26 10.71 10.36
C GLY A 94 0.17 9.27 10.02
N GLY A 95 0.54 9.09 8.76
CA GLY A 95 0.96 7.78 8.29
C GLY A 95 0.50 7.53 6.85
N PHE A 96 -0.41 8.39 6.39
CA PHE A 96 -0.93 8.27 5.05
C PHE A 96 -0.88 9.63 4.34
N THR A 97 0.04 9.74 3.40
CA THR A 97 0.21 10.96 2.64
C THR A 97 0.61 10.65 1.20
N ILE A 98 0.01 11.40 0.28
CA ILE A 98 0.30 11.21 -1.13
C ILE A 98 0.59 12.57 -1.77
N ARG A 99 1.53 12.55 -2.71
CA ARG A 99 1.92 13.77 -3.41
C ARG A 99 1.85 13.56 -4.92
N ASN A 100 1.09 14.43 -5.56
CA ASN A 100 0.93 14.36 -7.01
C ASN A 100 1.86 15.37 -7.68
N PRO A 101 2.46 14.94 -8.82
CA PRO A 101 3.37 15.80 -9.56
C PRO A 101 2.61 16.88 -10.32
N MET A 1 -0.01 -17.70 -21.28
CA MET A 1 -1.03 -18.73 -21.45
C MET A 1 -1.93 -18.82 -20.21
N GLN A 2 -2.94 -17.95 -20.19
CA GLN A 2 -3.87 -17.94 -19.08
C GLN A 2 -3.20 -17.35 -17.84
N GLU A 3 -3.00 -16.04 -17.88
CA GLU A 3 -2.37 -15.34 -16.77
C GLU A 3 -3.08 -14.00 -16.52
N GLN A 4 -2.98 -13.55 -15.27
CA GLN A 4 -3.60 -12.29 -14.89
C GLN A 4 -2.54 -11.22 -14.66
N ALA A 5 -2.46 -10.29 -15.61
CA ALA A 5 -1.50 -9.21 -15.52
C ALA A 5 -1.68 -8.48 -14.19
N GLN A 6 -0.69 -8.65 -13.32
CA GLN A 6 -0.72 -8.01 -12.01
C GLN A 6 0.53 -7.17 -11.81
N GLN A 7 0.91 -6.44 -12.85
CA GLN A 7 2.08 -5.59 -12.79
C GLN A 7 1.70 -4.13 -13.08
N PHE A 8 1.66 -3.34 -12.03
CA PHE A 8 1.32 -1.94 -12.17
C PHE A 8 2.46 -1.04 -11.68
N ILE A 9 2.43 0.20 -12.14
CA ILE A 9 3.46 1.17 -11.75
C ILE A 9 3.07 1.82 -10.41
N PHE A 10 3.91 1.57 -9.42
CA PHE A 10 3.67 2.12 -8.09
C PHE A 10 4.97 2.27 -7.32
N LYS A 11 5.35 3.52 -7.06
CA LYS A 11 6.57 3.81 -6.34
C LYS A 11 6.21 4.28 -4.93
N VAL A 12 6.66 3.50 -3.95
CA VAL A 12 6.39 3.82 -2.56
C VAL A 12 7.72 4.10 -1.84
N THR A 13 7.71 5.16 -1.05
CA THR A 13 8.90 5.54 -0.30
C THR A 13 9.36 4.40 0.60
N ASP A 14 10.53 4.59 1.19
CA ASP A 14 11.11 3.58 2.07
C ASP A 14 10.38 3.63 3.42
N LYS A 15 9.87 4.80 3.74
CA LYS A 15 9.15 5.00 4.99
C LYS A 15 7.86 4.16 4.96
N ALA A 16 7.20 4.19 3.83
CA ALA A 16 5.96 3.45 3.66
C ALA A 16 6.25 1.95 3.76
N VAL A 17 7.25 1.53 3.00
CA VAL A 17 7.64 0.13 2.99
C VAL A 17 7.96 -0.32 4.42
N GLU A 18 8.78 0.49 5.08
CA GLU A 18 9.18 0.20 6.45
C GLU A 18 7.96 0.18 7.36
N GLU A 19 7.06 1.12 7.12
CA GLU A 19 5.85 1.23 7.92
C GLU A 19 5.10 -0.11 7.91
N ILE A 20 5.25 -0.84 6.82
CA ILE A 20 4.59 -2.13 6.69
C ILE A 20 5.21 -3.11 7.68
N LYS A 21 6.51 -2.97 7.87
CA LYS A 21 7.23 -3.84 8.79
C LYS A 21 6.88 -3.44 10.23
N LYS A 22 6.54 -2.18 10.40
CA LYS A 22 6.18 -1.67 11.71
C LYS A 22 4.87 -2.31 12.17
N VAL A 23 4.04 -2.64 11.19
CA VAL A 23 2.75 -3.26 11.48
C VAL A 23 2.92 -4.78 11.50
N ALA A 24 3.83 -5.24 10.66
CA ALA A 24 4.10 -6.67 10.56
C ALA A 24 4.91 -7.11 11.78
N GLN A 25 5.89 -6.30 12.12
CA GLN A 25 6.74 -6.60 13.26
C GLN A 25 5.89 -6.83 14.51
N GLU A 26 4.71 -6.25 14.51
CA GLU A 26 3.79 -6.39 15.62
C GLU A 26 2.88 -7.61 15.43
N ASN A 27 3.05 -8.25 14.28
CA ASN A 27 2.25 -9.42 13.94
C ASN A 27 3.19 -10.59 13.63
N ASN A 28 4.48 -10.33 13.75
CA ASN A 28 5.48 -11.34 13.46
C ASN A 28 5.26 -11.90 12.06
N ILE A 29 4.89 -11.01 11.16
CA ILE A 29 4.64 -11.40 9.78
C ILE A 29 5.87 -11.06 8.93
N GLU A 30 6.35 -12.05 8.21
CA GLU A 30 7.51 -11.88 7.36
C GLU A 30 7.07 -11.65 5.91
N ASN A 31 5.77 -11.49 5.73
CA ASN A 31 5.21 -11.27 4.41
C ASN A 31 3.93 -10.44 4.54
N PRO A 32 4.10 -9.17 4.98
CA PRO A 32 2.97 -8.28 5.14
C PRO A 32 2.47 -7.77 3.79
N ILE A 33 1.23 -8.17 3.47
CA ILE A 33 0.62 -7.76 2.22
C ILE A 33 -0.34 -6.62 2.47
N LEU A 34 0.14 -5.40 2.23
CA LEU A 34 -0.67 -4.21 2.43
C LEU A 34 -1.38 -3.86 1.12
N ARG A 35 -2.65 -3.50 1.25
CA ARG A 35 -3.45 -3.15 0.10
C ARG A 35 -3.91 -1.69 0.20
N ILE A 36 -3.89 -1.02 -0.93
CA ILE A 36 -4.30 0.38 -0.98
C ILE A 36 -5.81 0.45 -1.26
N ARG A 37 -6.46 1.37 -0.57
CA ARG A 37 -7.90 1.55 -0.73
C ARG A 37 -8.27 3.02 -0.55
N VAL A 38 -9.25 3.45 -1.32
CA VAL A 38 -9.72 4.83 -1.25
C VAL A 38 -10.68 4.98 -0.08
N VAL A 39 -10.26 5.79 0.89
CA VAL A 39 -11.08 6.03 2.07
C VAL A 39 -11.17 7.53 2.31
N PRO A 40 -12.14 8.17 1.59
CA PRO A 40 -12.34 9.60 1.72
C PRO A 40 -13.06 9.93 3.03
N GLY A 41 -12.29 9.96 4.11
CA GLY A 41 -12.83 10.27 5.43
C GLY A 41 -13.91 11.34 5.33
N GLY A 42 -13.75 12.21 4.35
CA GLY A 42 -14.70 13.29 4.15
C GLY A 42 -14.22 14.26 3.06
N CYS A 43 -14.72 15.49 3.14
CA CYS A 43 -14.34 16.51 2.18
C CYS A 43 -12.88 16.90 2.44
N SER A 44 -12.39 16.48 3.60
CA SER A 44 -11.02 16.78 3.98
C SER A 44 -10.04 16.16 2.97
N GLY A 45 -10.58 15.26 2.16
CA GLY A 45 -9.77 14.59 1.15
C GLY A 45 -9.41 13.18 1.58
N PHE A 46 -8.60 13.11 2.63
CA PHE A 46 -8.16 11.82 3.16
C PHE A 46 -7.44 11.00 2.09
N GLN A 47 -6.25 10.55 2.44
CA GLN A 47 -5.45 9.76 1.52
C GLN A 47 -5.75 8.26 1.70
N TYR A 48 -5.07 7.46 0.91
CA TYR A 48 -5.25 6.02 0.97
C TYR A 48 -4.51 5.42 2.17
N ALA A 49 -5.27 4.83 3.07
CA ALA A 49 -4.70 4.22 4.26
C ALA A 49 -4.22 2.80 3.92
N MET A 50 -3.33 2.30 4.74
CA MET A 50 -2.79 0.97 4.55
C MET A 50 -3.53 -0.05 5.40
N GLY A 51 -3.30 -1.32 5.09
CA GLY A 51 -3.94 -2.40 5.82
C GLY A 51 -3.54 -3.77 5.25
N PHE A 52 -2.88 -4.56 6.08
CA PHE A 52 -2.44 -5.88 5.68
C PHE A 52 -3.63 -6.82 5.50
N ASP A 53 -3.66 -7.48 4.34
CA ASP A 53 -4.74 -8.41 4.04
C ASP A 53 -4.32 -9.82 4.46
N ASP A 54 -5.26 -10.74 4.32
CA ASP A 54 -4.99 -12.13 4.67
C ASP A 54 -4.69 -12.93 3.40
N THR A 55 -4.91 -12.27 2.27
CA THR A 55 -4.67 -12.92 0.98
C THR A 55 -4.65 -11.87 -0.13
N VAL A 56 -4.20 -12.31 -1.30
CA VAL A 56 -4.13 -11.43 -2.45
C VAL A 56 -5.39 -11.60 -3.30
N GLU A 57 -5.70 -10.55 -4.05
CA GLU A 57 -6.87 -10.57 -4.91
C GLU A 57 -6.54 -11.24 -6.25
N GLU A 58 -7.59 -11.48 -7.03
CA GLU A 58 -7.43 -12.10 -8.33
C GLU A 58 -7.09 -11.05 -9.39
N GLY A 59 -6.54 -9.94 -8.92
CA GLY A 59 -6.17 -8.85 -9.82
C GLY A 59 -5.69 -7.63 -9.02
N ASP A 60 -4.64 -7.84 -8.25
CA ASP A 60 -4.09 -6.77 -7.44
C ASP A 60 -2.62 -6.58 -7.80
N HIS A 61 -2.17 -5.33 -7.68
CA HIS A 61 -0.79 -5.00 -7.99
C HIS A 61 0.14 -5.68 -6.99
N VAL A 62 0.28 -6.99 -7.15
CA VAL A 62 1.13 -7.78 -6.27
C VAL A 62 2.59 -7.55 -6.66
N PHE A 63 3.24 -6.66 -5.92
CA PHE A 63 4.62 -6.35 -6.18
C PHE A 63 5.51 -6.74 -4.99
N GLU A 64 6.70 -7.21 -5.31
CA GLU A 64 7.64 -7.62 -4.27
C GLU A 64 8.48 -6.43 -3.82
N TYR A 65 8.70 -6.37 -2.51
CA TYR A 65 9.48 -5.29 -1.93
C TYR A 65 10.57 -5.84 -1.01
N ASP A 66 11.05 -4.97 -0.13
CA ASP A 66 12.10 -5.35 0.81
C ASP A 66 11.54 -6.40 1.77
N GLY A 67 11.34 -7.60 1.24
CA GLY A 67 10.82 -8.69 2.04
C GLY A 67 9.35 -8.46 2.40
N VAL A 68 8.74 -7.53 1.68
CA VAL A 68 7.34 -7.20 1.92
C VAL A 68 6.60 -7.18 0.58
N LYS A 69 5.28 -7.23 0.67
CA LYS A 69 4.43 -7.22 -0.51
C LYS A 69 3.38 -6.12 -0.37
N VAL A 70 3.09 -5.48 -1.49
CA VAL A 70 2.09 -4.41 -1.50
C VAL A 70 1.14 -4.62 -2.68
N VAL A 71 -0.08 -4.13 -2.50
CA VAL A 71 -1.09 -4.25 -3.55
C VAL A 71 -1.98 -3.01 -3.54
N ILE A 72 -2.62 -2.78 -4.68
CA ILE A 72 -3.49 -1.63 -4.82
C ILE A 72 -4.74 -2.04 -5.61
N ASP A 73 -5.90 -1.84 -4.99
CA ASP A 73 -7.16 -2.17 -5.63
C ASP A 73 -7.09 -1.80 -7.10
N PRO A 74 -7.97 -2.46 -7.91
CA PRO A 74 -8.02 -2.22 -9.34
C PRO A 74 -8.70 -0.88 -9.63
N PHE A 75 -9.51 -0.43 -8.67
CA PHE A 75 -10.23 0.83 -8.82
C PHE A 75 -9.36 2.00 -8.36
N SER A 76 -8.41 1.70 -7.49
CA SER A 76 -7.51 2.72 -6.97
C SER A 76 -6.28 2.84 -7.87
N MET A 77 -6.07 1.81 -8.67
CA MET A 77 -4.94 1.79 -9.57
C MET A 77 -4.95 3.00 -10.50
N PRO A 78 -6.14 3.23 -11.12
CA PRO A 78 -6.31 4.35 -12.03
C PRO A 78 -6.42 5.67 -11.27
N TYR A 79 -6.28 5.57 -9.96
CA TYR A 79 -6.36 6.73 -9.10
C TYR A 79 -4.99 7.08 -8.52
N VAL A 80 -4.10 6.10 -8.55
CA VAL A 80 -2.76 6.29 -8.04
C VAL A 80 -1.76 5.66 -9.00
N ASN A 81 -2.09 5.73 -10.28
CA ASN A 81 -1.22 5.17 -11.30
C ASN A 81 0.02 6.05 -11.46
N GLY A 82 1.16 5.49 -11.08
CA GLY A 82 2.42 6.20 -11.18
C GLY A 82 2.60 7.14 -9.98
N ALA A 83 1.55 7.25 -9.18
CA ALA A 83 1.58 8.10 -8.01
C ALA A 83 2.51 7.49 -6.96
N GLU A 84 2.97 8.33 -6.06
CA GLU A 84 3.87 7.89 -5.00
C GLU A 84 3.19 8.05 -3.64
N LEU A 85 3.07 6.94 -2.93
CA LEU A 85 2.46 6.95 -1.62
C LEU A 85 3.53 7.21 -0.56
N ASP A 86 3.48 8.42 -0.01
CA ASP A 86 4.44 8.82 1.01
C ASP A 86 3.80 8.65 2.39
N TYR A 87 4.12 7.54 3.03
CA TYR A 87 3.59 7.25 4.35
C TYR A 87 4.46 7.88 5.43
N VAL A 88 3.79 8.61 6.32
CA VAL A 88 4.49 9.26 7.42
C VAL A 88 4.54 8.33 8.62
N VAL A 89 5.65 8.41 9.35
CA VAL A 89 5.83 7.58 10.52
C VAL A 89 6.22 8.45 11.71
N ASP A 90 5.29 8.57 12.65
CA ASP A 90 5.53 9.38 13.84
C ASP A 90 4.47 9.04 14.89
N PHE A 91 4.14 10.04 15.69
CA PHE A 91 3.15 9.87 16.74
C PHE A 91 1.81 9.41 16.14
N MET A 92 1.70 9.53 14.83
CA MET A 92 0.48 9.12 14.15
C MET A 92 0.44 7.60 13.97
N GLY A 93 1.47 6.94 14.47
CA GLY A 93 1.57 5.50 14.37
C GLY A 93 1.59 5.05 12.91
N GLY A 94 1.82 6.02 12.03
CA GLY A 94 1.87 5.74 10.61
C GLY A 94 0.78 6.50 9.84
N GLY A 95 1.11 7.73 9.50
CA GLY A 95 0.17 8.58 8.78
C GLY A 95 0.32 8.40 7.27
N PHE A 96 -0.70 7.81 6.66
CA PHE A 96 -0.69 7.56 5.24
C PHE A 96 -0.89 8.87 4.46
N THR A 97 -0.12 9.01 3.39
CA THR A 97 -0.19 10.20 2.56
C THR A 97 0.38 9.92 1.17
N ILE A 98 -0.10 10.68 0.20
CA ILE A 98 0.35 10.53 -1.17
C ILE A 98 0.59 11.90 -1.79
N ARG A 99 1.73 12.02 -2.45
CA ARG A 99 2.10 13.28 -3.09
C ARG A 99 1.96 13.16 -4.61
N ASN A 100 1.00 13.91 -5.13
CA ASN A 100 0.75 13.91 -6.57
C ASN A 100 1.24 15.23 -7.18
N PRO A 101 1.77 15.13 -8.42
CA PRO A 101 2.28 16.30 -9.11
C PRO A 101 1.13 17.16 -9.64
N MET A 1 -6.59 -19.29 -17.34
CA MET A 1 -7.53 -19.48 -16.25
C MET A 1 -6.86 -19.23 -14.89
N GLN A 2 -6.18 -18.09 -14.81
CA GLN A 2 -5.49 -17.72 -13.59
C GLN A 2 -5.76 -16.25 -13.26
N GLU A 3 -5.07 -15.77 -12.23
CA GLU A 3 -5.23 -14.39 -11.80
C GLU A 3 -4.64 -13.44 -12.84
N GLN A 4 -5.13 -12.21 -12.82
CA GLN A 4 -4.67 -11.20 -13.76
C GLN A 4 -3.28 -10.69 -13.35
N ALA A 5 -2.26 -11.31 -13.93
CA ALA A 5 -0.89 -10.93 -13.62
C ALA A 5 -0.57 -9.61 -14.34
N GLN A 6 -0.03 -8.68 -13.57
CA GLN A 6 0.33 -7.38 -14.10
C GLN A 6 0.98 -6.52 -13.01
N GLN A 7 2.08 -5.90 -13.38
CA GLN A 7 2.80 -5.03 -12.45
C GLN A 7 2.66 -3.57 -12.86
N PHE A 8 1.74 -2.89 -12.20
CA PHE A 8 1.49 -1.48 -12.49
C PHE A 8 2.60 -0.61 -11.91
N ILE A 9 2.69 0.60 -12.44
CA ILE A 9 3.70 1.55 -11.98
C ILE A 9 3.29 2.10 -10.62
N PHE A 10 4.12 1.81 -9.62
CA PHE A 10 3.85 2.28 -8.27
C PHE A 10 5.13 2.28 -7.43
N LYS A 11 5.38 3.41 -6.80
CA LYS A 11 6.56 3.55 -5.96
C LYS A 11 6.17 4.18 -4.62
N VAL A 12 6.45 3.45 -3.55
CA VAL A 12 6.13 3.93 -2.22
C VAL A 12 7.42 4.25 -1.47
N THR A 13 7.35 5.30 -0.65
CA THR A 13 8.50 5.72 0.12
C THR A 13 8.99 4.57 1.02
N ASP A 14 10.30 4.41 1.06
CA ASP A 14 10.90 3.36 1.87
C ASP A 14 10.26 3.38 3.26
N LYS A 15 9.87 4.57 3.69
CA LYS A 15 9.26 4.74 4.99
C LYS A 15 7.91 4.02 5.00
N ALA A 16 7.17 4.21 3.92
CA ALA A 16 5.85 3.59 3.79
C ALA A 16 5.99 2.08 3.97
N VAL A 17 6.99 1.52 3.29
CA VAL A 17 7.23 0.10 3.35
C VAL A 17 7.73 -0.26 4.75
N GLU A 18 8.65 0.56 5.25
CA GLU A 18 9.21 0.34 6.56
C GLU A 18 8.10 0.31 7.63
N GLU A 19 7.09 1.13 7.37
CA GLU A 19 5.96 1.21 8.29
C GLU A 19 5.33 -0.17 8.49
N ILE A 20 5.39 -0.96 7.44
CA ILE A 20 4.83 -2.31 7.49
C ILE A 20 5.74 -3.20 8.34
N LYS A 21 7.03 -3.00 8.19
CA LYS A 21 8.01 -3.77 8.94
C LYS A 21 7.65 -3.75 10.42
N LYS A 22 7.23 -2.57 10.88
CA LYS A 22 6.85 -2.40 12.27
C LYS A 22 5.48 -3.04 12.50
N VAL A 23 4.54 -2.65 11.65
CA VAL A 23 3.19 -3.16 11.74
C VAL A 23 3.23 -4.70 11.74
N ALA A 24 4.12 -5.23 10.92
CA ALA A 24 4.27 -6.67 10.82
C ALA A 24 5.02 -7.19 12.05
N GLN A 25 6.05 -6.45 12.43
CA GLN A 25 6.85 -6.83 13.58
C GLN A 25 5.96 -7.07 14.80
N GLU A 26 5.00 -6.16 14.98
CA GLU A 26 4.08 -6.27 16.09
C GLU A 26 3.11 -7.43 15.87
N ASN A 27 3.19 -8.01 14.68
CA ASN A 27 2.32 -9.11 14.33
C ASN A 27 3.17 -10.35 14.01
N ASN A 28 4.48 -10.18 14.20
CA ASN A 28 5.41 -11.27 13.95
C ASN A 28 5.15 -11.84 12.56
N ILE A 29 4.92 -10.94 11.62
CA ILE A 29 4.66 -11.34 10.25
C ILE A 29 5.94 -11.20 9.42
N GLU A 30 6.16 -12.18 8.55
CA GLU A 30 7.34 -12.17 7.70
C GLU A 30 6.94 -11.99 6.25
N ASN A 31 5.64 -11.78 6.04
CA ASN A 31 5.12 -11.59 4.70
C ASN A 31 3.87 -10.71 4.76
N PRO A 32 4.09 -9.44 5.19
CA PRO A 32 2.99 -8.48 5.29
C PRO A 32 2.55 -8.00 3.91
N ILE A 33 1.31 -8.33 3.58
CA ILE A 33 0.75 -7.93 2.30
C ILE A 33 -0.25 -6.79 2.51
N LEU A 34 0.25 -5.57 2.34
CA LEU A 34 -0.58 -4.39 2.52
C LEU A 34 -1.18 -3.99 1.17
N ARG A 35 -2.43 -3.57 1.21
CA ARG A 35 -3.14 -3.16 0.01
C ARG A 35 -3.31 -1.64 -0.01
N ILE A 36 -3.23 -1.08 -1.21
CA ILE A 36 -3.37 0.36 -1.39
C ILE A 36 -4.76 0.66 -1.96
N ARG A 37 -5.55 1.39 -1.19
CA ARG A 37 -6.89 1.75 -1.62
C ARG A 37 -7.23 3.15 -1.13
N VAL A 38 -8.35 3.66 -1.64
CA VAL A 38 -8.80 4.99 -1.27
C VAL A 38 -9.51 4.92 0.08
N VAL A 39 -9.38 6.01 0.84
CA VAL A 39 -10.00 6.08 2.15
C VAL A 39 -11.16 7.07 2.11
N PRO A 40 -12.40 6.50 2.01
CA PRO A 40 -13.59 7.34 1.96
C PRO A 40 -13.93 7.90 3.33
N GLY A 41 -12.99 8.66 3.87
CA GLY A 41 -13.17 9.27 5.18
C GLY A 41 -12.35 10.56 5.30
N GLY A 42 -12.69 11.53 4.47
CA GLY A 42 -12.00 12.81 4.48
C GLY A 42 -12.71 13.82 3.58
N CYS A 43 -13.52 14.65 4.21
CA CYS A 43 -14.25 15.67 3.48
C CYS A 43 -13.24 16.63 2.83
N SER A 44 -12.27 17.04 3.62
CA SER A 44 -11.24 17.94 3.13
C SER A 44 -9.96 17.16 2.82
N GLY A 45 -9.60 16.27 3.74
CA GLY A 45 -8.40 15.46 3.57
C GLY A 45 -8.68 14.28 2.64
N PHE A 46 -7.60 13.68 2.15
CA PHE A 46 -7.71 12.54 1.26
C PHE A 46 -6.37 11.83 1.12
N GLN A 47 -6.29 10.64 1.69
CA GLN A 47 -5.09 9.84 1.63
C GLN A 47 -5.42 8.35 1.77
N TYR A 48 -4.61 7.55 1.09
CA TYR A 48 -4.80 6.10 1.14
C TYR A 48 -4.24 5.51 2.43
N ALA A 49 -4.88 4.44 2.88
CA ALA A 49 -4.47 3.77 4.10
C ALA A 49 -4.21 2.29 3.79
N MET A 50 -3.26 1.72 4.54
CA MET A 50 -2.91 0.32 4.35
C MET A 50 -3.51 -0.54 5.47
N GLY A 51 -3.43 -1.85 5.26
CA GLY A 51 -3.97 -2.78 6.24
C GLY A 51 -3.79 -4.23 5.76
N PHE A 52 -3.08 -5.00 6.57
CA PHE A 52 -2.83 -6.40 6.24
C PHE A 52 -4.12 -7.21 6.31
N ASP A 53 -4.50 -7.76 5.17
CA ASP A 53 -5.71 -8.57 5.08
C ASP A 53 -5.32 -10.05 5.06
N ASP A 54 -6.35 -10.89 5.09
CA ASP A 54 -6.13 -12.33 5.06
C ASP A 54 -5.12 -12.67 3.98
N THR A 55 -5.39 -12.19 2.78
CA THR A 55 -4.51 -12.42 1.65
C THR A 55 -4.83 -11.47 0.50
N VAL A 56 -4.11 -11.65 -0.60
CA VAL A 56 -4.31 -10.82 -1.77
C VAL A 56 -5.57 -11.27 -2.51
N GLU A 57 -6.14 -10.36 -3.26
CA GLU A 57 -7.34 -10.63 -4.02
C GLU A 57 -7.02 -11.56 -5.21
N GLU A 58 -8.06 -12.03 -5.85
CA GLU A 58 -7.92 -12.92 -6.99
C GLU A 58 -7.65 -12.10 -8.26
N GLY A 59 -7.24 -10.86 -8.06
CA GLY A 59 -6.96 -9.97 -9.17
C GLY A 59 -6.44 -8.62 -8.68
N ASP A 60 -5.35 -8.67 -7.92
CA ASP A 60 -4.75 -7.48 -7.38
C ASP A 60 -3.36 -7.28 -7.98
N HIS A 61 -2.84 -6.08 -7.82
CA HIS A 61 -1.51 -5.76 -8.34
C HIS A 61 -0.44 -6.38 -7.45
N VAL A 62 0.06 -7.53 -7.88
CA VAL A 62 1.09 -8.23 -7.12
C VAL A 62 2.43 -7.53 -7.35
N PHE A 63 2.81 -6.73 -6.36
CA PHE A 63 4.07 -6.01 -6.44
C PHE A 63 5.02 -6.45 -5.32
N GLU A 64 6.09 -7.11 -5.73
CA GLU A 64 7.08 -7.59 -4.77
C GLU A 64 8.01 -6.45 -4.35
N TYR A 65 8.11 -6.26 -3.05
CA TYR A 65 8.95 -5.20 -2.50
C TYR A 65 10.15 -5.80 -1.75
N ASP A 66 10.78 -4.96 -0.94
CA ASP A 66 11.93 -5.38 -0.17
C ASP A 66 11.50 -6.45 0.83
N GLY A 67 11.18 -7.62 0.31
CA GLY A 67 10.75 -8.73 1.15
C GLY A 67 9.23 -8.71 1.35
N VAL A 68 8.68 -7.50 1.31
CA VAL A 68 7.25 -7.33 1.50
C VAL A 68 6.57 -7.27 0.13
N LYS A 69 5.24 -7.25 0.16
CA LYS A 69 4.47 -7.19 -1.08
C LYS A 69 3.25 -6.29 -0.86
N VAL A 70 2.86 -5.62 -1.93
CA VAL A 70 1.72 -4.72 -1.87
C VAL A 70 0.70 -5.13 -2.94
N VAL A 71 -0.53 -4.67 -2.74
CA VAL A 71 -1.60 -4.99 -3.68
C VAL A 71 -2.55 -3.79 -3.77
N ILE A 72 -2.54 -3.14 -4.92
CA ILE A 72 -3.39 -1.99 -5.15
C ILE A 72 -4.68 -2.45 -5.84
N ASP A 73 -5.73 -1.68 -5.62
CA ASP A 73 -7.02 -1.99 -6.22
C ASP A 73 -6.99 -1.63 -7.71
N PRO A 74 -7.89 -2.29 -8.48
CA PRO A 74 -7.97 -2.04 -9.90
C PRO A 74 -8.65 -0.70 -10.20
N PHE A 75 -9.46 -0.27 -9.25
CA PHE A 75 -10.18 0.98 -9.39
C PHE A 75 -9.37 2.14 -8.80
N SER A 76 -8.58 1.82 -7.79
CA SER A 76 -7.75 2.82 -7.15
C SER A 76 -6.40 2.91 -7.84
N MET A 77 -6.07 1.86 -8.58
CA MET A 77 -4.81 1.81 -9.30
C MET A 77 -4.69 2.98 -10.28
N PRO A 78 -5.77 3.16 -11.09
CA PRO A 78 -5.79 4.25 -12.06
C PRO A 78 -6.04 5.60 -11.39
N TYR A 79 -6.13 5.55 -10.06
CA TYR A 79 -6.36 6.75 -9.29
C TYR A 79 -5.05 7.27 -8.69
N VAL A 80 -4.07 6.39 -8.65
CA VAL A 80 -2.76 6.75 -8.10
C VAL A 80 -1.67 6.22 -9.03
N ASN A 81 -1.97 6.23 -10.32
CA ASN A 81 -1.02 5.75 -11.31
C ASN A 81 0.36 6.33 -11.01
N GLY A 82 1.34 5.45 -10.97
CA GLY A 82 2.71 5.86 -10.69
C GLY A 82 2.76 6.90 -9.56
N ALA A 83 1.74 6.84 -8.70
CA ALA A 83 1.65 7.76 -7.59
C ALA A 83 2.66 7.35 -6.51
N GLU A 84 3.05 8.33 -5.70
CA GLU A 84 4.00 8.07 -4.64
C GLU A 84 3.33 8.27 -3.28
N LEU A 85 3.09 7.14 -2.61
CA LEU A 85 2.45 7.17 -1.31
C LEU A 85 3.52 7.39 -0.23
N ASP A 86 3.53 8.60 0.30
CA ASP A 86 4.49 8.95 1.34
C ASP A 86 3.82 8.83 2.71
N TYR A 87 4.20 7.78 3.42
CA TYR A 87 3.65 7.52 4.74
C TYR A 87 4.44 8.26 5.82
N VAL A 88 3.79 9.25 6.41
CA VAL A 88 4.42 10.05 7.45
C VAL A 88 4.65 9.18 8.68
N VAL A 89 5.72 9.50 9.40
CA VAL A 89 6.07 8.76 10.60
C VAL A 89 6.25 9.73 11.76
N ASP A 90 5.43 9.55 12.78
CA ASP A 90 5.50 10.40 13.96
C ASP A 90 4.70 9.75 15.11
N PHE A 91 4.64 10.46 16.22
CA PHE A 91 3.93 9.97 17.38
C PHE A 91 4.05 8.45 17.50
N MET A 92 2.95 7.82 17.89
CA MET A 92 2.93 6.38 18.04
C MET A 92 2.48 5.70 16.75
N GLY A 93 2.68 6.41 15.64
CA GLY A 93 2.30 5.88 14.35
C GLY A 93 2.85 6.77 13.22
N GLY A 94 1.99 7.66 12.75
CA GLY A 94 2.37 8.57 11.68
C GLY A 94 1.14 9.19 11.02
N GLY A 95 1.14 9.17 9.69
CA GLY A 95 0.04 9.72 8.93
C GLY A 95 0.17 9.40 7.45
N PHE A 96 -0.96 9.09 6.83
CA PHE A 96 -0.98 8.76 5.41
C PHE A 96 -0.95 10.02 4.56
N THR A 97 -0.21 9.94 3.46
CA THR A 97 -0.10 11.07 2.54
C THR A 97 0.11 10.58 1.11
N ILE A 98 -0.71 11.11 0.21
CA ILE A 98 -0.63 10.73 -1.19
C ILE A 98 -0.63 11.99 -2.05
N ARG A 99 0.39 12.09 -2.89
CA ARG A 99 0.52 13.24 -3.77
C ARG A 99 0.37 12.81 -5.24
N ASN A 100 -0.50 13.53 -5.95
CA ASN A 100 -0.75 13.23 -7.34
C ASN A 100 -0.84 14.54 -8.13
N PRO A 101 -0.25 14.51 -9.35
CA PRO A 101 -0.26 15.69 -10.22
C PRO A 101 -1.64 15.89 -10.84
N MET A 1 2.23 -14.81 -22.78
CA MET A 1 1.43 -15.98 -23.15
C MET A 1 0.17 -16.07 -22.30
N GLN A 2 -0.78 -15.21 -22.59
CA GLN A 2 -2.04 -15.18 -21.86
C GLN A 2 -1.77 -15.05 -20.35
N GLU A 3 -1.49 -13.82 -19.95
CA GLU A 3 -1.21 -13.54 -18.54
C GLU A 3 -1.80 -12.19 -18.15
N GLN A 4 -2.06 -12.04 -16.85
CA GLN A 4 -2.62 -10.81 -16.34
C GLN A 4 -1.52 -9.94 -15.73
N ALA A 5 -1.46 -8.70 -16.20
CA ALA A 5 -0.46 -7.77 -15.72
C ALA A 5 -0.55 -7.67 -14.20
N GLN A 6 0.55 -8.00 -13.55
CA GLN A 6 0.61 -7.96 -12.10
C GLN A 6 1.76 -7.07 -11.64
N GLN A 7 1.95 -5.98 -12.36
CA GLN A 7 3.02 -5.05 -12.05
C GLN A 7 2.45 -3.64 -11.84
N PHE A 8 2.29 -3.28 -10.58
CA PHE A 8 1.74 -1.98 -10.23
C PHE A 8 2.86 -0.93 -10.14
N ILE A 9 2.69 0.13 -10.92
CA ILE A 9 3.67 1.20 -10.94
C ILE A 9 3.38 2.18 -9.80
N PHE A 10 4.27 2.17 -8.81
CA PHE A 10 4.12 3.03 -7.66
C PHE A 10 5.45 3.21 -6.93
N LYS A 11 5.62 4.39 -6.33
CA LYS A 11 6.84 4.70 -5.61
C LYS A 11 6.48 5.27 -4.24
N VAL A 12 6.73 4.46 -3.22
CA VAL A 12 6.44 4.88 -1.86
C VAL A 12 7.76 5.03 -1.08
N THR A 13 7.75 5.97 -0.14
CA THR A 13 8.92 6.22 0.67
C THR A 13 9.26 4.99 1.52
N ASP A 14 10.56 4.77 1.68
CA ASP A 14 11.03 3.64 2.47
C ASP A 14 10.30 3.63 3.81
N LYS A 15 9.89 4.81 4.24
CA LYS A 15 9.19 4.95 5.50
C LYS A 15 7.84 4.23 5.43
N ALA A 16 7.22 4.33 4.26
CA ALA A 16 5.93 3.69 4.04
C ALA A 16 6.12 2.17 4.03
N VAL A 17 7.08 1.74 3.23
CA VAL A 17 7.37 0.33 3.12
C VAL A 17 7.89 -0.20 4.47
N GLU A 18 8.92 0.46 4.96
CA GLU A 18 9.51 0.07 6.24
C GLU A 18 8.43 -0.01 7.31
N GLU A 19 7.41 0.81 7.15
CA GLU A 19 6.31 0.83 8.11
C GLU A 19 5.53 -0.47 8.05
N ILE A 20 5.47 -1.04 6.85
CA ILE A 20 4.76 -2.29 6.64
C ILE A 20 5.54 -3.42 7.30
N LYS A 21 6.85 -3.25 7.35
CA LYS A 21 7.72 -4.24 7.95
C LYS A 21 7.64 -4.14 9.48
N LYS A 22 7.50 -2.91 9.94
CA LYS A 22 7.41 -2.66 11.37
C LYS A 22 6.06 -3.15 11.89
N VAL A 23 5.00 -2.71 11.21
CA VAL A 23 3.66 -3.09 11.59
C VAL A 23 3.56 -4.62 11.63
N ALA A 24 4.25 -5.25 10.69
CA ALA A 24 4.25 -6.71 10.61
C ALA A 24 5.14 -7.27 11.72
N GLN A 25 6.31 -6.66 11.86
CA GLN A 25 7.26 -7.10 12.87
C GLN A 25 6.60 -7.08 14.26
N GLU A 26 5.68 -6.14 14.43
CA GLU A 26 4.98 -6.00 15.69
C GLU A 26 3.82 -7.01 15.77
N ASN A 27 3.65 -7.73 14.67
CA ASN A 27 2.59 -8.72 14.61
C ASN A 27 3.19 -10.08 14.25
N ASN A 28 4.51 -10.14 14.29
CA ASN A 28 5.22 -11.37 13.98
C ASN A 28 4.79 -11.85 12.59
N ILE A 29 4.52 -10.90 11.72
CA ILE A 29 4.11 -11.22 10.36
C ILE A 29 5.30 -11.11 9.42
N GLU A 30 5.54 -12.19 8.70
CA GLU A 30 6.65 -12.23 7.76
C GLU A 30 6.14 -12.11 6.32
N ASN A 31 4.85 -11.83 6.21
CA ASN A 31 4.22 -11.67 4.91
C ASN A 31 3.07 -10.67 5.00
N PRO A 32 3.45 -9.40 5.28
CA PRO A 32 2.46 -8.33 5.40
C PRO A 32 1.92 -7.92 4.02
N ILE A 33 0.63 -8.18 3.83
CA ILE A 33 -0.01 -7.84 2.57
C ILE A 33 -0.56 -6.42 2.65
N LEU A 34 0.15 -5.51 2.00
CA LEU A 34 -0.26 -4.11 1.98
C LEU A 34 -1.18 -3.86 0.79
N ARG A 35 -2.43 -3.58 1.09
CA ARG A 35 -3.41 -3.33 0.05
C ARG A 35 -3.77 -1.84 0.02
N ILE A 36 -3.80 -1.30 -1.19
CA ILE A 36 -4.14 0.11 -1.38
C ILE A 36 -5.65 0.25 -1.55
N ARG A 37 -6.26 0.86 -0.55
CA ARG A 37 -7.70 1.08 -0.57
C ARG A 37 -8.02 2.56 -0.37
N VAL A 38 -8.82 3.09 -1.29
CA VAL A 38 -9.21 4.49 -1.22
C VAL A 38 -10.07 4.71 0.03
N VAL A 39 -9.49 5.40 1.00
CA VAL A 39 -10.19 5.69 2.24
C VAL A 39 -10.59 7.17 2.26
N PRO A 40 -11.93 7.40 2.24
CA PRO A 40 -12.45 8.76 2.26
C PRO A 40 -12.34 9.38 3.65
N GLY A 41 -11.21 10.03 3.88
CA GLY A 41 -10.95 10.67 5.16
C GLY A 41 -10.82 12.18 5.00
N GLY A 42 -9.87 12.58 4.16
CA GLY A 42 -9.63 13.99 3.91
C GLY A 42 -10.79 14.61 3.14
N CYS A 43 -10.86 15.94 3.21
CA CYS A 43 -11.91 16.67 2.53
C CYS A 43 -11.55 16.78 1.06
N SER A 44 -10.32 17.24 0.81
CA SER A 44 -9.84 17.40 -0.54
C SER A 44 -8.68 16.44 -0.80
N GLY A 45 -7.75 16.41 0.15
CA GLY A 45 -6.59 15.54 0.04
C GLY A 45 -6.91 14.13 0.54
N PHE A 46 -7.49 13.34 -0.35
CA PHE A 46 -7.86 11.98 -0.02
C PHE A 46 -6.65 11.04 -0.14
N GLN A 47 -6.15 10.62 1.01
CA GLN A 47 -5.01 9.73 1.05
C GLN A 47 -5.46 8.28 1.22
N TYR A 48 -4.51 7.37 1.10
CA TYR A 48 -4.80 5.94 1.24
C TYR A 48 -4.10 5.36 2.46
N ALA A 49 -4.90 4.77 3.33
CA ALA A 49 -4.38 4.15 4.54
C ALA A 49 -3.82 2.78 4.20
N MET A 50 -2.94 2.30 5.08
CA MET A 50 -2.33 1.00 4.89
C MET A 50 -2.70 0.05 6.03
N GLY A 51 -2.67 -1.24 5.72
CA GLY A 51 -3.01 -2.26 6.70
C GLY A 51 -2.93 -3.66 6.09
N PHE A 52 -3.19 -4.66 6.93
CA PHE A 52 -3.15 -6.04 6.49
C PHE A 52 -4.56 -6.63 6.45
N ASP A 53 -5.15 -6.61 5.26
CA ASP A 53 -6.49 -7.14 5.06
C ASP A 53 -6.73 -7.35 3.57
N ASP A 54 -7.64 -8.29 3.29
CA ASP A 54 -7.97 -8.59 1.90
C ASP A 54 -6.80 -9.29 1.23
N THR A 55 -6.79 -10.62 1.33
CA THR A 55 -5.73 -11.40 0.75
C THR A 55 -5.55 -11.06 -0.73
N VAL A 56 -4.70 -11.83 -1.40
CA VAL A 56 -4.44 -11.61 -2.81
C VAL A 56 -5.63 -12.15 -3.62
N GLU A 57 -5.79 -11.56 -4.81
CA GLU A 57 -6.87 -11.96 -5.69
C GLU A 57 -6.31 -12.57 -6.97
N GLU A 58 -7.21 -13.13 -7.77
CA GLU A 58 -6.81 -13.74 -9.03
C GLU A 58 -6.72 -12.68 -10.12
N GLY A 59 -6.57 -11.44 -9.70
CA GLY A 59 -6.48 -10.33 -10.63
C GLY A 59 -6.08 -9.04 -9.91
N ASP A 60 -5.10 -9.16 -9.04
CA ASP A 60 -4.61 -8.02 -8.28
C ASP A 60 -3.15 -7.75 -8.64
N HIS A 61 -2.87 -6.49 -8.94
CA HIS A 61 -1.53 -6.08 -9.29
C HIS A 61 -0.60 -6.28 -8.10
N VAL A 62 -0.16 -7.52 -7.92
CA VAL A 62 0.73 -7.86 -6.83
C VAL A 62 2.16 -7.37 -7.16
N PHE A 63 2.68 -6.54 -6.27
CA PHE A 63 4.01 -6.00 -6.45
C PHE A 63 4.95 -6.43 -5.31
N GLU A 64 6.16 -6.79 -5.69
CA GLU A 64 7.15 -7.22 -4.71
C GLU A 64 7.89 -6.02 -4.15
N TYR A 65 8.25 -6.12 -2.88
CA TYR A 65 8.97 -5.05 -2.20
C TYR A 65 10.09 -5.60 -1.33
N ASP A 66 10.49 -4.80 -0.36
CA ASP A 66 11.55 -5.19 0.55
C ASP A 66 11.10 -6.42 1.36
N GLY A 67 11.06 -7.56 0.69
CA GLY A 67 10.65 -8.80 1.34
C GLY A 67 9.23 -8.68 1.89
N VAL A 68 8.35 -8.11 1.07
CA VAL A 68 6.97 -7.94 1.47
C VAL A 68 6.08 -7.97 0.21
N LYS A 69 4.85 -8.42 0.42
CA LYS A 69 3.90 -8.51 -0.67
C LYS A 69 2.99 -7.28 -0.65
N VAL A 70 2.70 -6.76 -1.83
CA VAL A 70 1.86 -5.60 -1.96
C VAL A 70 0.92 -5.78 -3.17
N VAL A 71 -0.31 -5.32 -2.99
CA VAL A 71 -1.30 -5.42 -4.06
C VAL A 71 -2.21 -4.18 -4.03
N ILE A 72 -2.81 -3.91 -5.17
CA ILE A 72 -3.70 -2.76 -5.28
C ILE A 72 -4.89 -3.14 -6.17
N ASP A 73 -6.07 -2.70 -5.75
CA ASP A 73 -7.28 -2.98 -6.50
C ASP A 73 -7.16 -2.37 -7.90
N PRO A 74 -8.01 -2.89 -8.83
CA PRO A 74 -8.00 -2.42 -10.20
C PRO A 74 -8.67 -1.05 -10.31
N PHE A 75 -9.52 -0.75 -9.33
CA PHE A 75 -10.22 0.51 -9.31
C PHE A 75 -9.36 1.61 -8.68
N SER A 76 -8.39 1.17 -7.89
CA SER A 76 -7.49 2.11 -7.23
C SER A 76 -6.29 2.39 -8.13
N MET A 77 -6.09 1.51 -9.09
CA MET A 77 -4.98 1.66 -10.03
C MET A 77 -5.02 3.02 -10.72
N PRO A 78 -6.23 3.35 -11.25
CA PRO A 78 -6.41 4.62 -11.95
C PRO A 78 -6.49 5.78 -10.95
N TYR A 79 -6.32 5.44 -9.68
CA TYR A 79 -6.36 6.44 -8.63
C TYR A 79 -4.95 6.83 -8.18
N VAL A 80 -4.10 5.82 -8.06
CA VAL A 80 -2.73 6.05 -7.64
C VAL A 80 -1.77 5.48 -8.70
N ASN A 81 -2.03 5.86 -9.94
CA ASN A 81 -1.21 5.40 -11.05
C ASN A 81 -0.07 6.40 -11.30
N GLY A 82 1.13 5.87 -11.41
CA GLY A 82 2.30 6.69 -11.66
C GLY A 82 2.35 7.87 -10.67
N ALA A 83 2.46 7.52 -9.40
CA ALA A 83 2.51 8.53 -8.35
C ALA A 83 3.27 7.96 -7.14
N GLU A 84 3.37 8.79 -6.11
CA GLU A 84 4.07 8.38 -4.90
C GLU A 84 3.28 8.81 -3.67
N LEU A 85 3.48 8.06 -2.59
CA LEU A 85 2.78 8.35 -1.34
C LEU A 85 3.77 8.24 -0.18
N ASP A 86 3.94 9.35 0.51
CA ASP A 86 4.85 9.39 1.64
C ASP A 86 4.07 9.18 2.94
N TYR A 87 4.33 8.04 3.57
CA TYR A 87 3.65 7.69 4.80
C TYR A 87 4.37 8.30 6.01
N VAL A 88 3.61 9.07 6.79
CA VAL A 88 4.16 9.72 7.97
C VAL A 88 3.87 8.85 9.20
N VAL A 89 4.81 8.88 10.14
CA VAL A 89 4.65 8.11 11.36
C VAL A 89 4.88 9.03 12.56
N ASP A 90 3.80 9.27 13.30
CA ASP A 90 3.86 10.13 14.47
C ASP A 90 2.59 9.93 15.31
N PHE A 91 2.20 11.00 15.98
CA PHE A 91 1.01 10.96 16.82
C PHE A 91 -0.22 10.55 16.00
N MET A 92 -0.07 10.60 14.69
CA MET A 92 -1.15 10.24 13.80
C MET A 92 -1.25 8.71 13.64
N GLY A 93 -0.39 8.02 14.37
CA GLY A 93 -0.37 6.57 14.33
C GLY A 93 -0.12 6.07 12.90
N GLY A 94 0.34 6.98 12.06
CA GLY A 94 0.63 6.65 10.68
C GLY A 94 -0.17 7.54 9.72
N GLY A 95 0.40 8.71 9.44
CA GLY A 95 -0.26 9.66 8.55
C GLY A 95 -0.02 9.28 7.08
N PHE A 96 -1.11 9.10 6.36
CA PHE A 96 -1.04 8.74 4.96
C PHE A 96 -1.09 9.99 4.07
N THR A 97 0.02 10.23 3.39
CA THR A 97 0.12 11.38 2.51
C THR A 97 0.46 10.93 1.08
N ILE A 98 -0.36 11.37 0.15
CA ILE A 98 -0.15 11.02 -1.25
C ILE A 98 0.28 12.27 -2.02
N ARG A 99 1.37 12.13 -2.77
CA ARG A 99 1.89 13.23 -3.55
C ARG A 99 1.58 13.01 -5.04
N ASN A 100 1.15 14.10 -5.67
CA ASN A 100 0.81 14.04 -7.08
C ASN A 100 1.52 15.18 -7.82
N PRO A 101 2.23 14.80 -8.91
CA PRO A 101 2.97 15.78 -9.70
C PRO A 101 2.01 16.60 -10.57
N MET A 1 -3.49 -22.30 -17.56
CA MET A 1 -2.48 -21.45 -18.15
C MET A 1 -3.02 -20.05 -18.42
N GLN A 2 -2.85 -19.19 -17.43
CA GLN A 2 -3.32 -17.82 -17.54
C GLN A 2 -2.25 -16.85 -17.01
N GLU A 3 -2.24 -15.65 -17.60
CA GLU A 3 -1.28 -14.64 -17.21
C GLU A 3 -2.01 -13.37 -16.79
N GLN A 4 -2.21 -13.24 -15.48
CA GLN A 4 -2.90 -12.08 -14.94
C GLN A 4 -1.90 -10.95 -14.69
N ALA A 5 -2.07 -9.88 -15.45
CA ALA A 5 -1.19 -8.72 -15.33
C ALA A 5 -1.29 -8.16 -13.91
N GLN A 6 -0.51 -8.76 -13.02
CA GLN A 6 -0.50 -8.33 -11.63
C GLN A 6 0.76 -7.52 -11.33
N GLN A 7 1.01 -6.54 -12.20
CA GLN A 7 2.17 -5.69 -12.04
C GLN A 7 1.74 -4.22 -11.92
N PHE A 8 1.69 -3.75 -10.69
CA PHE A 8 1.30 -2.38 -10.43
C PHE A 8 2.52 -1.46 -10.32
N ILE A 9 2.51 -0.41 -11.13
CA ILE A 9 3.60 0.54 -11.14
C ILE A 9 3.38 1.59 -10.05
N PHE A 10 4.20 1.52 -9.03
CA PHE A 10 4.11 2.46 -7.91
C PHE A 10 5.44 2.59 -7.19
N LYS A 11 5.64 3.76 -6.60
CA LYS A 11 6.87 4.03 -5.88
C LYS A 11 6.53 4.66 -4.52
N VAL A 12 6.75 3.87 -3.47
CA VAL A 12 6.47 4.34 -2.13
C VAL A 12 7.78 4.51 -1.37
N THR A 13 7.79 5.48 -0.47
CA THR A 13 8.98 5.77 0.33
C THR A 13 9.31 4.58 1.22
N ASP A 14 10.40 4.72 1.95
CA ASP A 14 10.84 3.67 2.86
C ASP A 14 9.98 3.68 4.12
N LYS A 15 9.37 4.84 4.37
CA LYS A 15 8.52 5.00 5.53
C LYS A 15 7.30 4.10 5.40
N ALA A 16 6.69 4.15 4.22
CA ALA A 16 5.51 3.35 3.94
C ALA A 16 5.87 1.87 4.12
N VAL A 17 6.88 1.43 3.37
CA VAL A 17 7.32 0.06 3.43
C VAL A 17 7.64 -0.31 4.88
N GLU A 18 8.35 0.59 5.54
CA GLU A 18 8.72 0.39 6.93
C GLU A 18 7.49 0.19 7.80
N GLU A 19 6.46 0.98 7.50
CA GLU A 19 5.21 0.92 8.24
C GLU A 19 4.66 -0.51 8.20
N ILE A 20 4.64 -1.07 7.00
CA ILE A 20 4.13 -2.42 6.81
C ILE A 20 4.88 -3.37 7.75
N LYS A 21 6.17 -3.13 7.88
CA LYS A 21 7.01 -3.95 8.74
C LYS A 21 6.55 -3.79 10.19
N LYS A 22 6.25 -2.56 10.55
CA LYS A 22 5.80 -2.26 11.90
C LYS A 22 4.62 -3.18 12.25
N VAL A 23 3.64 -3.20 11.36
CA VAL A 23 2.46 -4.03 11.57
C VAL A 23 2.84 -5.50 11.43
N ALA A 24 3.92 -5.74 10.71
CA ALA A 24 4.41 -7.09 10.49
C ALA A 24 5.09 -7.59 11.76
N GLN A 25 6.02 -6.79 12.26
CA GLN A 25 6.75 -7.13 13.46
C GLN A 25 5.77 -7.46 14.60
N GLU A 26 4.67 -6.72 14.62
CA GLU A 26 3.66 -6.92 15.64
C GLU A 26 2.95 -8.26 15.43
N ASN A 27 3.27 -8.89 14.32
CA ASN A 27 2.68 -10.18 13.99
C ASN A 27 3.76 -11.11 13.43
N ASN A 28 5.00 -10.72 13.66
CA ASN A 28 6.13 -11.51 13.19
C ASN A 28 5.84 -12.02 11.78
N ILE A 29 5.33 -11.11 10.95
CA ILE A 29 5.00 -11.46 9.58
C ILE A 29 6.17 -11.04 8.67
N GLU A 30 6.88 -12.05 8.18
CA GLU A 30 8.01 -11.80 7.30
C GLU A 30 7.54 -11.58 5.87
N ASN A 31 6.22 -11.54 5.73
CA ASN A 31 5.61 -11.34 4.42
C ASN A 31 4.26 -10.63 4.59
N PRO A 32 4.34 -9.35 5.01
CA PRO A 32 3.13 -8.56 5.22
C PRO A 32 2.53 -8.12 3.88
N ILE A 33 1.34 -8.61 3.61
CA ILE A 33 0.64 -8.28 2.39
C ILE A 33 -0.41 -7.20 2.67
N LEU A 34 -0.02 -5.96 2.44
CA LEU A 34 -0.92 -4.84 2.66
C LEU A 34 -1.50 -4.38 1.33
N ARG A 35 -2.69 -3.80 1.40
CA ARG A 35 -3.36 -3.31 0.21
C ARG A 35 -3.74 -1.83 0.38
N ILE A 36 -3.64 -1.10 -0.72
CA ILE A 36 -3.97 0.31 -0.71
C ILE A 36 -5.45 0.49 -1.04
N ARG A 37 -6.05 1.50 -0.41
CA ARG A 37 -7.46 1.78 -0.64
C ARG A 37 -7.69 3.29 -0.67
N VAL A 38 -8.84 3.67 -1.20
CA VAL A 38 -9.21 5.07 -1.30
C VAL A 38 -10.20 5.43 -0.19
N VAL A 39 -9.89 6.50 0.52
CA VAL A 39 -10.75 6.94 1.60
C VAL A 39 -11.21 8.38 1.32
N PRO A 40 -12.40 8.48 0.65
CA PRO A 40 -12.95 9.78 0.32
C PRO A 40 -13.55 10.45 1.55
N GLY A 41 -12.71 11.17 2.26
CA GLY A 41 -13.13 11.87 3.47
C GLY A 41 -12.05 11.84 4.54
N GLY A 42 -11.16 12.82 4.48
CA GLY A 42 -10.08 12.92 5.43
C GLY A 42 -10.05 14.29 6.11
N CYS A 43 -9.94 14.27 7.43
CA CYS A 43 -9.90 15.50 8.19
C CYS A 43 -8.75 16.36 7.67
N SER A 44 -7.59 15.73 7.55
CA SER A 44 -6.41 16.42 7.06
C SER A 44 -6.48 16.56 5.54
N GLY A 45 -6.95 15.51 4.90
CA GLY A 45 -7.07 15.50 3.45
C GLY A 45 -7.38 14.09 2.93
N PHE A 46 -7.68 14.02 1.65
CA PHE A 46 -8.00 12.75 1.02
C PHE A 46 -6.72 12.02 0.58
N GLN A 47 -6.43 10.93 1.26
CA GLN A 47 -5.25 10.15 0.95
C GLN A 47 -5.54 8.65 1.13
N TYR A 48 -4.53 7.84 0.85
CA TYR A 48 -4.66 6.41 0.99
C TYR A 48 -3.94 5.90 2.24
N ALA A 49 -4.63 5.02 2.96
CA ALA A 49 -4.07 4.46 4.18
C ALA A 49 -3.51 3.07 3.89
N MET A 50 -2.62 2.62 4.76
CA MET A 50 -1.99 1.32 4.61
C MET A 50 -2.43 0.37 5.72
N GLY A 51 -2.33 -0.92 5.43
CA GLY A 51 -2.70 -1.93 6.40
C GLY A 51 -2.53 -3.34 5.82
N PHE A 52 -1.87 -4.19 6.59
CA PHE A 52 -1.63 -5.56 6.16
C PHE A 52 -2.94 -6.35 6.11
N ASP A 53 -3.16 -6.99 4.97
CA ASP A 53 -4.36 -7.79 4.77
C ASP A 53 -4.10 -9.22 5.25
N ASP A 54 -5.16 -10.02 5.22
CA ASP A 54 -5.05 -11.41 5.64
C ASP A 54 -4.29 -12.20 4.59
N THR A 55 -4.58 -11.90 3.33
CA THR A 55 -3.92 -12.58 2.23
C THR A 55 -4.15 -11.81 0.92
N VAL A 56 -3.63 -12.38 -0.15
CA VAL A 56 -3.77 -11.76 -1.47
C VAL A 56 -5.13 -12.14 -2.06
N GLU A 57 -5.60 -11.30 -2.97
CA GLU A 57 -6.87 -11.54 -3.62
C GLU A 57 -6.67 -12.37 -4.89
N GLU A 58 -7.79 -12.81 -5.44
CA GLU A 58 -7.76 -13.63 -6.66
C GLU A 58 -7.76 -12.73 -7.89
N GLY A 59 -7.31 -11.49 -7.69
CA GLY A 59 -7.26 -10.53 -8.78
C GLY A 59 -6.78 -9.17 -8.28
N ASP A 60 -5.55 -9.14 -7.80
CA ASP A 60 -4.96 -7.92 -7.29
C ASP A 60 -3.52 -7.80 -7.79
N HIS A 61 -3.18 -6.59 -8.23
CA HIS A 61 -1.84 -6.34 -8.73
C HIS A 61 -0.84 -6.44 -7.59
N VAL A 62 -0.31 -7.65 -7.40
CA VAL A 62 0.66 -7.88 -6.35
C VAL A 62 2.02 -7.34 -6.79
N PHE A 63 2.51 -6.36 -6.02
CA PHE A 63 3.78 -5.75 -6.32
C PHE A 63 4.79 -6.02 -5.19
N GLU A 64 5.85 -6.72 -5.55
CA GLU A 64 6.90 -7.04 -4.59
C GLU A 64 7.58 -5.77 -4.10
N TYR A 65 7.86 -5.76 -2.80
CA TYR A 65 8.50 -4.60 -2.19
C TYR A 65 9.85 -5.00 -1.58
N ASP A 66 10.38 -4.10 -0.75
CA ASP A 66 11.65 -4.34 -0.10
C ASP A 66 11.49 -5.49 0.90
N GLY A 67 11.33 -6.69 0.35
CA GLY A 67 11.17 -7.87 1.17
C GLY A 67 9.74 -7.98 1.72
N VAL A 68 8.84 -7.28 1.05
CA VAL A 68 7.44 -7.28 1.45
C VAL A 68 6.56 -7.37 0.20
N LYS A 69 5.29 -7.68 0.43
CA LYS A 69 4.33 -7.80 -0.65
C LYS A 69 3.33 -6.65 -0.57
N VAL A 70 2.86 -6.23 -1.74
CA VAL A 70 1.91 -5.14 -1.81
C VAL A 70 0.90 -5.44 -2.92
N VAL A 71 -0.32 -4.92 -2.73
CA VAL A 71 -1.37 -5.12 -3.71
C VAL A 71 -2.28 -3.88 -3.73
N ILE A 72 -2.94 -3.70 -4.86
CA ILE A 72 -3.83 -2.55 -5.03
C ILE A 72 -5.04 -2.99 -5.86
N ASP A 73 -6.20 -2.49 -5.45
CA ASP A 73 -7.43 -2.81 -6.15
C ASP A 73 -7.34 -2.35 -7.59
N PRO A 74 -8.26 -2.89 -8.44
CA PRO A 74 -8.28 -2.55 -9.85
C PRO A 74 -8.87 -1.15 -10.06
N PHE A 75 -9.76 -0.78 -9.15
CA PHE A 75 -10.40 0.53 -9.22
C PHE A 75 -9.49 1.62 -8.66
N SER A 76 -8.53 1.19 -7.86
CA SER A 76 -7.59 2.12 -7.25
C SER A 76 -6.39 2.32 -8.17
N MET A 77 -6.24 1.40 -9.11
CA MET A 77 -5.14 1.47 -10.06
C MET A 77 -5.14 2.80 -10.81
N PRO A 78 -6.34 3.14 -11.36
CA PRO A 78 -6.49 4.39 -12.10
C PRO A 78 -6.54 5.58 -11.15
N TYR A 79 -6.35 5.30 -9.87
CA TYR A 79 -6.38 6.34 -8.87
C TYR A 79 -4.97 6.62 -8.33
N VAL A 80 -4.19 5.56 -8.23
CA VAL A 80 -2.83 5.68 -7.74
C VAL A 80 -1.87 5.05 -8.75
N ASN A 81 -2.03 5.46 -9.99
CA ASN A 81 -1.18 4.95 -11.07
C ASN A 81 -0.03 5.93 -11.33
N GLY A 82 1.16 5.38 -11.45
CA GLY A 82 2.34 6.18 -11.69
C GLY A 82 2.40 7.37 -10.73
N ALA A 83 2.51 7.05 -9.45
CA ALA A 83 2.57 8.08 -8.42
C ALA A 83 3.32 7.52 -7.21
N GLU A 84 3.44 8.36 -6.20
CA GLU A 84 4.12 7.97 -4.97
C GLU A 84 3.33 8.45 -3.75
N LEU A 85 3.35 7.63 -2.71
CA LEU A 85 2.64 7.95 -1.48
C LEU A 85 3.60 7.79 -0.30
N ASP A 86 3.85 8.91 0.37
CA ASP A 86 4.74 8.92 1.52
C ASP A 86 3.90 8.79 2.80
N TYR A 87 3.96 7.60 3.39
CA TYR A 87 3.22 7.35 4.61
C TYR A 87 4.03 7.78 5.84
N VAL A 88 3.40 8.64 6.64
CA VAL A 88 4.04 9.13 7.84
C VAL A 88 3.54 8.35 9.05
N VAL A 89 4.41 8.22 10.04
CA VAL A 89 4.06 7.49 11.26
C VAL A 89 4.41 8.35 12.48
N ASP A 90 3.37 8.91 13.07
CA ASP A 90 3.54 9.75 14.24
C ASP A 90 2.28 9.68 15.11
N PHE A 91 2.01 10.77 15.80
CA PHE A 91 0.84 10.84 16.66
C PHE A 91 -0.44 10.58 15.88
N MET A 92 -0.31 10.63 14.57
CA MET A 92 -1.45 10.40 13.69
C MET A 92 -1.64 8.90 13.42
N GLY A 93 -0.98 8.10 14.24
CA GLY A 93 -1.06 6.66 14.09
C GLY A 93 -0.93 6.24 12.63
N GLY A 94 -0.27 7.09 11.87
CA GLY A 94 -0.07 6.83 10.45
C GLY A 94 -0.60 7.99 9.60
N GLY A 95 0.22 9.01 9.47
CA GLY A 95 -0.14 10.18 8.69
C GLY A 95 0.05 9.92 7.19
N PHE A 96 -1.07 9.91 6.48
CA PHE A 96 -1.03 9.67 5.04
C PHE A 96 -0.68 10.95 4.29
N THR A 97 0.08 10.78 3.21
CA THR A 97 0.49 11.91 2.40
C THR A 97 0.90 11.43 1.00
N ILE A 98 0.48 12.21 0.01
CA ILE A 98 0.79 11.88 -1.37
C ILE A 98 1.53 13.05 -2.02
N ARG A 99 2.54 12.72 -2.81
CA ARG A 99 3.32 13.73 -3.50
C ARG A 99 3.37 13.44 -5.00
N ASN A 100 2.51 14.13 -5.73
CA ASN A 100 2.43 13.96 -7.17
C ASN A 100 3.82 14.24 -7.77
N PRO A 101 4.20 13.38 -8.75
CA PRO A 101 5.48 13.53 -9.41
C PRO A 101 5.46 14.68 -10.41
N MET A 1 -8.82 -15.47 -21.04
CA MET A 1 -7.43 -15.09 -21.16
C MET A 1 -6.61 -15.60 -19.98
N GLN A 2 -5.30 -15.63 -20.18
CA GLN A 2 -4.40 -16.08 -19.14
C GLN A 2 -4.59 -15.25 -17.86
N GLU A 3 -3.62 -15.36 -16.98
CA GLU A 3 -3.68 -14.63 -15.71
C GLU A 3 -3.50 -13.13 -15.96
N GLN A 4 -4.01 -12.34 -15.04
CA GLN A 4 -3.92 -10.89 -15.14
C GLN A 4 -2.59 -10.41 -14.58
N ALA A 5 -2.05 -9.37 -15.21
CA ALA A 5 -0.78 -8.81 -14.79
C ALA A 5 -0.88 -8.42 -13.31
N GLN A 6 0.05 -8.97 -12.53
CA GLN A 6 0.08 -8.69 -11.10
C GLN A 6 1.21 -7.70 -10.78
N GLN A 7 1.45 -6.81 -11.72
CA GLN A 7 2.50 -5.81 -11.54
C GLN A 7 1.94 -4.41 -11.77
N PHE A 8 1.90 -3.64 -10.69
CA PHE A 8 1.39 -2.28 -10.75
C PHE A 8 2.53 -1.27 -10.65
N ILE A 9 2.39 -0.20 -11.43
CA ILE A 9 3.41 0.84 -11.44
C ILE A 9 3.09 1.86 -10.34
N PHE A 10 3.91 1.83 -9.30
CA PHE A 10 3.72 2.73 -8.17
C PHE A 10 5.00 2.82 -7.33
N LYS A 11 5.16 3.96 -6.68
CA LYS A 11 6.32 4.18 -5.84
C LYS A 11 5.87 4.54 -4.42
N VAL A 12 6.53 3.93 -3.45
CA VAL A 12 6.20 4.16 -2.05
C VAL A 12 7.49 4.40 -1.27
N THR A 13 7.45 5.43 -0.43
CA THR A 13 8.61 5.76 0.39
C THR A 13 9.01 4.58 1.27
N ASP A 14 10.14 4.74 1.94
CA ASP A 14 10.65 3.69 2.81
C ASP A 14 9.84 3.69 4.11
N LYS A 15 9.29 4.85 4.43
CA LYS A 15 8.50 5.00 5.64
C LYS A 15 7.23 4.14 5.52
N ALA A 16 6.59 4.24 4.37
CA ALA A 16 5.38 3.49 4.11
C ALA A 16 5.68 1.99 4.22
N VAL A 17 6.61 1.54 3.39
CA VAL A 17 6.99 0.15 3.39
C VAL A 17 7.43 -0.26 4.80
N GLU A 18 8.29 0.56 5.38
CA GLU A 18 8.79 0.31 6.72
C GLU A 18 7.63 0.04 7.68
N GLU A 19 6.67 0.95 7.67
CA GLU A 19 5.50 0.83 8.52
C GLU A 19 4.96 -0.60 8.47
N ILE A 20 4.78 -1.09 7.25
CA ILE A 20 4.26 -2.44 7.04
C ILE A 20 5.30 -3.45 7.56
N LYS A 21 6.55 -3.17 7.25
CA LYS A 21 7.63 -4.05 7.68
C LYS A 21 7.63 -4.16 9.20
N LYS A 22 7.46 -3.01 9.85
CA LYS A 22 7.44 -2.96 11.30
C LYS A 22 6.12 -3.56 11.81
N VAL A 23 5.04 -3.11 11.20
CA VAL A 23 3.72 -3.60 11.58
C VAL A 23 3.72 -5.12 11.57
N ALA A 24 4.09 -5.69 10.43
CA ALA A 24 4.14 -7.13 10.28
C ALA A 24 5.13 -7.70 11.29
N GLN A 25 6.27 -7.04 11.41
CA GLN A 25 7.31 -7.47 12.33
C GLN A 25 6.74 -7.57 13.75
N GLU A 26 5.83 -6.67 14.06
CA GLU A 26 5.21 -6.65 15.37
C GLU A 26 4.15 -7.75 15.47
N ASN A 27 3.90 -8.39 14.34
CA ASN A 27 2.92 -9.46 14.30
C ASN A 27 3.61 -10.77 13.94
N ASN A 28 4.94 -10.72 13.93
CA ASN A 28 5.73 -11.90 13.60
C ASN A 28 5.43 -12.33 12.16
N ILE A 29 5.16 -11.34 11.32
CA ILE A 29 4.85 -11.59 9.92
C ILE A 29 6.09 -11.35 9.08
N GLU A 30 6.24 -12.15 8.04
CA GLU A 30 7.37 -12.03 7.14
C GLU A 30 6.90 -11.89 5.70
N ASN A 31 5.60 -11.76 5.55
CA ASN A 31 5.00 -11.61 4.23
C ASN A 31 3.71 -10.81 4.34
N PRO A 32 3.86 -9.51 4.71
CA PRO A 32 2.72 -8.62 4.86
C PRO A 32 2.17 -8.20 3.49
N ILE A 33 0.92 -7.76 3.50
CA ILE A 33 0.27 -7.33 2.28
C ILE A 33 -0.27 -5.91 2.47
N LEU A 34 0.31 -4.98 1.73
CA LEU A 34 -0.10 -3.60 1.81
C LEU A 34 -1.17 -3.32 0.74
N ARG A 35 -2.37 -3.02 1.21
CA ARG A 35 -3.47 -2.74 0.30
C ARG A 35 -3.84 -1.26 0.36
N ILE A 36 -3.69 -0.60 -0.78
CA ILE A 36 -4.00 0.82 -0.87
C ILE A 36 -5.46 0.99 -1.31
N ARG A 37 -6.26 1.51 -0.39
CA ARG A 37 -7.67 1.72 -0.67
C ARG A 37 -8.00 3.21 -0.60
N VAL A 38 -9.05 3.58 -1.32
CA VAL A 38 -9.48 4.97 -1.36
C VAL A 38 -10.40 5.25 -0.17
N VAL A 39 -10.12 6.35 0.51
CA VAL A 39 -10.91 6.74 1.67
C VAL A 39 -11.60 8.08 1.38
N PRO A 40 -12.79 7.98 0.71
CA PRO A 40 -13.56 9.16 0.37
C PRO A 40 -14.26 9.74 1.61
N GLY A 41 -13.46 10.01 2.63
CA GLY A 41 -13.99 10.56 3.87
C GLY A 41 -14.30 12.04 3.73
N GLY A 42 -13.29 12.85 3.99
CA GLY A 42 -13.42 14.29 3.89
C GLY A 42 -13.63 14.73 2.45
N CYS A 43 -14.44 15.76 2.28
CA CYS A 43 -14.74 16.28 0.96
C CYS A 43 -13.44 16.83 0.35
N SER A 44 -12.60 17.36 1.23
CA SER A 44 -11.33 17.93 0.81
C SER A 44 -10.20 16.96 1.16
N GLY A 45 -10.37 16.26 2.27
CA GLY A 45 -9.37 15.32 2.72
C GLY A 45 -9.81 13.87 2.44
N PHE A 46 -8.95 13.15 1.75
CA PHE A 46 -9.24 11.76 1.41
C PHE A 46 -8.01 11.07 0.82
N GLN A 47 -7.13 10.64 1.71
CA GLN A 47 -5.91 9.96 1.29
C GLN A 47 -6.09 8.45 1.41
N TYR A 48 -5.06 7.74 0.93
CA TYR A 48 -5.09 6.29 0.97
C TYR A 48 -4.40 5.76 2.23
N ALA A 49 -5.17 5.05 3.05
CA ALA A 49 -4.65 4.50 4.28
C ALA A 49 -3.93 3.18 3.98
N MET A 50 -3.05 2.79 4.88
CA MET A 50 -2.30 1.55 4.73
C MET A 50 -2.79 0.48 5.69
N GLY A 51 -2.22 -0.71 5.54
CA GLY A 51 -2.59 -1.83 6.40
C GLY A 51 -1.81 -3.09 6.01
N PHE A 52 -2.20 -4.19 6.64
CA PHE A 52 -1.56 -5.47 6.38
C PHE A 52 -2.59 -6.59 6.26
N ASP A 53 -2.54 -7.27 5.12
CA ASP A 53 -3.47 -8.37 4.87
C ASP A 53 -2.68 -9.68 4.78
N ASP A 54 -3.42 -10.77 4.68
CA ASP A 54 -2.80 -12.09 4.58
C ASP A 54 -3.61 -12.94 3.59
N THR A 55 -3.95 -12.33 2.48
CA THR A 55 -4.72 -13.03 1.46
C THR A 55 -4.68 -12.25 0.13
N VAL A 56 -4.82 -12.99 -0.95
CA VAL A 56 -4.80 -12.39 -2.28
C VAL A 56 -6.24 -12.13 -2.73
N GLU A 57 -6.37 -11.16 -3.63
CA GLU A 57 -7.68 -10.80 -4.14
C GLU A 57 -7.90 -11.45 -5.51
N GLU A 58 -9.14 -11.35 -5.99
CA GLU A 58 -9.48 -11.92 -7.27
C GLU A 58 -9.03 -11.01 -8.41
N GLY A 59 -7.79 -10.55 -8.29
CA GLY A 59 -7.22 -9.67 -9.30
C GLY A 59 -6.60 -8.43 -8.65
N ASP A 60 -5.53 -8.66 -7.90
CA ASP A 60 -4.83 -7.58 -7.23
C ASP A 60 -3.35 -7.61 -7.61
N HIS A 61 -2.88 -6.47 -8.09
CA HIS A 61 -1.48 -6.36 -8.50
C HIS A 61 -0.57 -6.54 -7.29
N VAL A 62 0.03 -7.72 -7.22
CA VAL A 62 0.93 -8.03 -6.12
C VAL A 62 2.36 -7.65 -6.51
N PHE A 63 3.00 -6.89 -5.62
CA PHE A 63 4.36 -6.45 -5.86
C PHE A 63 5.30 -6.98 -4.78
N GLU A 64 6.43 -7.48 -5.22
CA GLU A 64 7.43 -8.02 -4.31
C GLU A 64 8.43 -6.94 -3.90
N TYR A 65 8.29 -6.49 -2.67
CA TYR A 65 9.17 -5.45 -2.15
C TYR A 65 10.28 -6.05 -1.29
N ASP A 66 10.87 -5.21 -0.46
CA ASP A 66 11.94 -5.65 0.42
C ASP A 66 11.37 -6.60 1.48
N GLY A 67 11.00 -7.78 1.02
CA GLY A 67 10.43 -8.78 1.90
C GLY A 67 9.02 -8.41 2.33
N VAL A 68 8.31 -7.77 1.41
CA VAL A 68 6.95 -7.35 1.68
C VAL A 68 6.14 -7.39 0.38
N LYS A 69 4.83 -7.49 0.54
CA LYS A 69 3.94 -7.54 -0.61
C LYS A 69 2.98 -6.35 -0.57
N VAL A 70 2.69 -5.82 -1.75
CA VAL A 70 1.79 -4.68 -1.85
C VAL A 70 0.72 -4.98 -2.91
N VAL A 71 -0.45 -4.41 -2.69
CA VAL A 71 -1.56 -4.60 -3.61
C VAL A 71 -2.39 -3.31 -3.68
N ILE A 72 -3.02 -3.11 -4.83
CA ILE A 72 -3.84 -1.94 -5.04
C ILE A 72 -5.03 -2.29 -5.93
N ASP A 73 -6.22 -2.09 -5.39
CA ASP A 73 -7.44 -2.39 -6.12
C ASP A 73 -7.27 -1.99 -7.58
N PRO A 74 -8.10 -2.61 -8.45
CA PRO A 74 -8.06 -2.32 -9.87
C PRO A 74 -8.68 -0.96 -10.17
N PHE A 75 -9.51 -0.49 -9.25
CA PHE A 75 -10.17 0.79 -9.41
C PHE A 75 -9.31 1.92 -8.85
N SER A 76 -8.52 1.59 -7.85
CA SER A 76 -7.65 2.57 -7.22
C SER A 76 -6.30 2.60 -7.95
N MET A 77 -6.04 1.53 -8.68
CA MET A 77 -4.79 1.43 -9.44
C MET A 77 -4.61 2.62 -10.38
N PRO A 78 -5.69 2.89 -11.17
CA PRO A 78 -5.66 3.99 -12.12
C PRO A 78 -5.81 5.33 -11.40
N TYR A 79 -5.90 5.25 -10.08
CA TYR A 79 -6.04 6.46 -9.27
C TYR A 79 -4.74 6.76 -8.51
N VAL A 80 -3.92 5.73 -8.37
CA VAL A 80 -2.65 5.86 -7.67
C VAL A 80 -1.56 5.16 -8.47
N ASN A 81 -1.53 5.45 -9.76
CA ASN A 81 -0.55 4.85 -10.64
C ASN A 81 0.57 5.87 -10.91
N GLY A 82 1.79 5.36 -10.92
CA GLY A 82 2.95 6.20 -11.16
C GLY A 82 2.92 7.44 -10.27
N ALA A 83 2.93 7.20 -8.97
CA ALA A 83 2.92 8.27 -8.00
C ALA A 83 3.60 7.81 -6.70
N GLU A 84 4.03 8.79 -5.93
CA GLU A 84 4.71 8.49 -4.67
C GLU A 84 3.73 8.68 -3.50
N LEU A 85 3.74 7.71 -2.60
CA LEU A 85 2.87 7.76 -1.43
C LEU A 85 3.72 7.73 -0.16
N ASP A 86 3.81 8.88 0.48
CA ASP A 86 4.58 9.01 1.71
C ASP A 86 3.66 8.88 2.92
N TYR A 87 3.66 7.70 3.51
CA TYR A 87 2.82 7.44 4.67
C TYR A 87 3.51 7.89 5.96
N VAL A 88 2.97 8.94 6.55
CA VAL A 88 3.52 9.48 7.78
C VAL A 88 3.21 8.52 8.94
N VAL A 89 4.13 8.46 9.89
CA VAL A 89 3.96 7.59 11.04
C VAL A 89 4.17 8.41 12.32
N ASP A 90 3.11 8.47 13.12
CA ASP A 90 3.16 9.21 14.36
C ASP A 90 1.97 8.81 15.24
N PHE A 91 1.85 9.50 16.36
CA PHE A 91 0.76 9.23 17.29
C PHE A 91 0.42 7.73 17.32
N MET A 92 -0.87 7.45 17.40
CA MET A 92 -1.32 6.07 17.44
C MET A 92 -1.60 5.54 16.03
N GLY A 93 -1.05 6.24 15.05
CA GLY A 93 -1.22 5.85 13.66
C GLY A 93 -0.21 6.57 12.76
N GLY A 94 -0.68 7.64 12.13
CA GLY A 94 0.17 8.41 11.24
C GLY A 94 -0.67 9.33 10.34
N GLY A 95 -0.09 9.65 9.19
CA GLY A 95 -0.77 10.51 8.24
C GLY A 95 -0.49 10.06 6.80
N PHE A 96 -1.54 9.62 6.13
CA PHE A 96 -1.42 9.16 4.75
C PHE A 96 -1.31 10.34 3.80
N THR A 97 -0.20 10.37 3.07
CA THR A 97 0.04 11.43 2.11
C THR A 97 0.43 10.85 0.75
N ILE A 98 -0.28 11.30 -0.27
CA ILE A 98 -0.03 10.82 -1.63
C ILE A 98 0.20 12.03 -2.55
N ARG A 99 1.35 12.03 -3.19
CA ARG A 99 1.70 13.11 -4.10
C ARG A 99 1.51 12.67 -5.55
N ASN A 100 0.80 13.50 -6.30
CA ASN A 100 0.54 13.21 -7.70
C ASN A 100 1.03 14.37 -8.56
N PRO A 101 1.51 14.01 -9.79
CA PRO A 101 2.02 15.02 -10.72
C PRO A 101 0.86 15.79 -11.35
N MET A 1 -9.97 -18.57 -18.16
CA MET A 1 -9.34 -18.85 -19.45
C MET A 1 -8.49 -17.66 -19.92
N GLN A 2 -7.61 -17.22 -19.03
CA GLN A 2 -6.73 -16.11 -19.33
C GLN A 2 -5.80 -15.83 -18.15
N GLU A 3 -4.90 -14.87 -18.36
CA GLU A 3 -3.96 -14.50 -17.33
C GLU A 3 -4.38 -13.17 -16.68
N GLN A 4 -3.90 -12.98 -15.45
CA GLN A 4 -4.21 -11.77 -14.72
C GLN A 4 -2.93 -11.07 -14.27
N ALA A 5 -2.59 -10.01 -14.98
CA ALA A 5 -1.39 -9.25 -14.67
C ALA A 5 -1.43 -8.82 -13.21
N GLN A 6 -0.33 -9.07 -12.52
CA GLN A 6 -0.23 -8.72 -11.11
C GLN A 6 1.00 -7.82 -10.87
N GLN A 7 1.24 -6.96 -11.85
CA GLN A 7 2.37 -6.05 -11.76
C GLN A 7 1.90 -4.60 -11.93
N PHE A 8 1.84 -3.90 -10.82
CA PHE A 8 1.40 -2.51 -10.82
C PHE A 8 2.50 -1.59 -10.27
N ILE A 9 2.86 -0.60 -11.07
CA ILE A 9 3.88 0.35 -10.68
C ILE A 9 3.31 1.31 -9.63
N PHE A 10 4.10 1.54 -8.60
CA PHE A 10 3.69 2.44 -7.52
C PHE A 10 4.89 2.94 -6.73
N LYS A 11 4.96 4.26 -6.59
CA LYS A 11 6.06 4.89 -5.88
C LYS A 11 5.65 5.08 -4.41
N VAL A 12 6.34 4.37 -3.53
CA VAL A 12 6.07 4.47 -2.11
C VAL A 12 7.37 4.68 -1.35
N THR A 13 7.39 5.73 -0.55
CA THR A 13 8.57 6.06 0.23
C THR A 13 8.93 4.90 1.16
N ASP A 14 10.22 4.79 1.45
CA ASP A 14 10.71 3.74 2.31
C ASP A 14 9.94 3.78 3.64
N LYS A 15 9.49 4.97 3.99
CA LYS A 15 8.74 5.16 5.23
C LYS A 15 7.43 4.37 5.15
N ALA A 16 6.82 4.39 3.96
CA ALA A 16 5.57 3.69 3.75
C ALA A 16 5.82 2.18 3.85
N VAL A 17 6.71 1.70 3.00
CA VAL A 17 7.04 0.29 2.99
C VAL A 17 7.47 -0.15 4.39
N GLU A 18 8.33 0.66 4.99
CA GLU A 18 8.82 0.36 6.33
C GLU A 18 7.64 0.25 7.31
N GLU A 19 6.68 1.14 7.13
CA GLU A 19 5.51 1.15 7.98
C GLU A 19 4.95 -0.28 8.13
N ILE A 20 5.09 -1.05 7.06
CA ILE A 20 4.61 -2.42 7.06
C ILE A 20 5.56 -3.29 7.86
N LYS A 21 6.85 -3.06 7.64
CA LYS A 21 7.88 -3.82 8.34
C LYS A 21 7.60 -3.79 9.84
N LYS A 22 7.16 -2.64 10.30
CA LYS A 22 6.85 -2.46 11.72
C LYS A 22 5.52 -3.13 12.03
N VAL A 23 4.53 -2.86 11.19
CA VAL A 23 3.21 -3.43 11.37
C VAL A 23 3.32 -4.96 11.37
N ALA A 24 4.17 -5.46 10.48
CA ALA A 24 4.38 -6.89 10.37
C ALA A 24 5.22 -7.38 11.54
N GLN A 25 6.23 -6.59 11.87
CA GLN A 25 7.12 -6.92 12.98
C GLN A 25 6.30 -7.28 14.22
N GLU A 26 5.33 -6.44 14.51
CA GLU A 26 4.48 -6.66 15.67
C GLU A 26 3.59 -7.89 15.45
N ASN A 27 3.55 -8.33 14.20
CA ASN A 27 2.76 -9.50 13.85
C ASN A 27 3.68 -10.67 13.52
N ASN A 28 4.97 -10.40 13.61
CA ASN A 28 5.97 -11.42 13.33
C ASN A 28 5.69 -12.04 11.96
N ILE A 29 5.33 -11.17 11.02
CA ILE A 29 5.03 -11.62 9.66
C ILE A 29 6.25 -11.36 8.77
N GLU A 30 6.45 -12.28 7.83
CA GLU A 30 7.56 -12.17 6.90
C GLU A 30 7.06 -11.94 5.49
N ASN A 31 5.75 -11.79 5.38
CA ASN A 31 5.13 -11.56 4.08
C ASN A 31 3.83 -10.76 4.28
N PRO A 32 4.01 -9.49 4.74
CA PRO A 32 2.88 -8.61 4.98
C PRO A 32 2.30 -8.09 3.65
N ILE A 33 1.05 -8.44 3.41
CA ILE A 33 0.38 -8.01 2.19
C ILE A 33 -0.62 -6.90 2.52
N LEU A 34 -0.16 -5.68 2.37
CA LEU A 34 -1.00 -4.52 2.65
C LEU A 34 -1.59 -3.99 1.34
N ARG A 35 -2.83 -3.55 1.41
CA ARG A 35 -3.51 -3.02 0.25
C ARG A 35 -3.66 -1.50 0.37
N ILE A 36 -3.61 -0.84 -0.78
CA ILE A 36 -3.74 0.61 -0.82
C ILE A 36 -5.01 0.98 -1.56
N ARG A 37 -5.97 1.50 -0.82
CA ARG A 37 -7.24 1.90 -1.40
C ARG A 37 -7.50 3.40 -1.13
N VAL A 38 -8.55 3.90 -1.76
CA VAL A 38 -8.92 5.30 -1.60
C VAL A 38 -9.70 5.47 -0.30
N VAL A 39 -9.21 6.38 0.53
CA VAL A 39 -9.85 6.65 1.81
C VAL A 39 -10.14 8.14 1.93
N PRO A 40 -11.44 8.46 2.18
CA PRO A 40 -11.86 9.85 2.31
C PRO A 40 -11.41 10.43 3.66
N GLY A 41 -10.34 11.20 3.62
CA GLY A 41 -9.80 11.81 4.81
C GLY A 41 -8.35 12.25 4.61
N GLY A 42 -7.80 12.84 5.66
CA GLY A 42 -6.41 13.30 5.61
C GLY A 42 -6.35 14.83 5.68
N CYS A 43 -5.16 15.36 5.38
CA CYS A 43 -4.95 16.79 5.41
C CYS A 43 -5.81 17.41 4.30
N SER A 44 -5.67 16.86 3.11
CA SER A 44 -6.42 17.35 1.95
C SER A 44 -7.75 16.62 1.85
N GLY A 45 -7.68 15.29 1.99
CA GLY A 45 -8.87 14.47 1.91
C GLY A 45 -8.85 13.58 0.67
N PHE A 46 -7.78 12.80 0.56
CA PHE A 46 -7.62 11.90 -0.56
C PHE A 46 -6.38 11.02 -0.38
N GLN A 47 -6.18 10.57 0.85
CA GLN A 47 -5.05 9.72 1.17
C GLN A 47 -5.46 8.25 1.15
N TYR A 48 -4.47 7.39 0.98
CA TYR A 48 -4.73 5.96 0.94
C TYR A 48 -4.07 5.25 2.13
N ALA A 49 -4.92 4.67 2.97
CA ALA A 49 -4.44 3.97 4.14
C ALA A 49 -4.17 2.50 3.78
N MET A 50 -3.35 1.87 4.60
CA MET A 50 -3.00 0.48 4.39
C MET A 50 -3.29 -0.36 5.63
N GLY A 51 -3.37 -1.67 5.42
CA GLY A 51 -3.66 -2.59 6.50
C GLY A 51 -3.64 -4.04 6.02
N PHE A 52 -2.96 -4.88 6.79
CA PHE A 52 -2.85 -6.30 6.45
C PHE A 52 -4.21 -6.99 6.59
N ASP A 53 -4.62 -7.63 5.50
CA ASP A 53 -5.89 -8.34 5.49
C ASP A 53 -5.63 -9.85 5.53
N ASP A 54 -6.70 -10.60 5.62
CA ASP A 54 -6.62 -12.06 5.67
C ASP A 54 -5.53 -12.52 4.69
N THR A 55 -5.65 -12.05 3.45
CA THR A 55 -4.69 -12.41 2.42
C THR A 55 -4.98 -11.64 1.14
N VAL A 56 -4.20 -11.94 0.11
CA VAL A 56 -4.36 -11.30 -1.18
C VAL A 56 -5.58 -11.89 -1.90
N GLU A 57 -6.14 -11.09 -2.79
CA GLU A 57 -7.30 -11.51 -3.56
C GLU A 57 -6.87 -12.40 -4.73
N GLU A 58 -7.87 -13.00 -5.37
CA GLU A 58 -7.60 -13.86 -6.51
C GLU A 58 -7.47 -13.04 -7.79
N GLY A 59 -7.12 -11.78 -7.60
CA GLY A 59 -6.94 -10.87 -8.73
C GLY A 59 -6.63 -9.45 -8.24
N ASP A 60 -5.56 -9.36 -7.45
CA ASP A 60 -5.15 -8.07 -6.93
C ASP A 60 -3.71 -7.78 -7.39
N HIS A 61 -3.51 -6.54 -7.84
CA HIS A 61 -2.20 -6.12 -8.31
C HIS A 61 -1.20 -6.19 -7.16
N VAL A 62 -0.64 -7.38 -6.97
CA VAL A 62 0.33 -7.58 -5.91
C VAL A 62 1.73 -7.29 -6.45
N PHE A 63 2.49 -6.56 -5.65
CA PHE A 63 3.85 -6.19 -6.04
C PHE A 63 4.86 -6.77 -5.04
N GLU A 64 6.07 -7.00 -5.54
CA GLU A 64 7.13 -7.53 -4.71
C GLU A 64 8.05 -6.41 -4.23
N TYR A 65 8.10 -6.26 -2.91
CA TYR A 65 8.93 -5.22 -2.31
C TYR A 65 10.15 -5.84 -1.62
N ASP A 66 10.78 -5.03 -0.77
CA ASP A 66 11.96 -5.48 -0.05
C ASP A 66 11.55 -6.58 0.94
N GLY A 67 11.21 -7.73 0.39
CA GLY A 67 10.81 -8.86 1.21
C GLY A 67 9.35 -8.70 1.68
N VAL A 68 8.78 -7.55 1.35
CA VAL A 68 7.40 -7.27 1.73
C VAL A 68 6.52 -7.36 0.49
N LYS A 69 5.21 -7.46 0.75
CA LYS A 69 4.24 -7.55 -0.32
C LYS A 69 3.21 -6.44 -0.17
N VAL A 70 2.70 -5.99 -1.31
CA VAL A 70 1.70 -4.94 -1.31
C VAL A 70 0.72 -5.17 -2.48
N VAL A 71 -0.45 -4.56 -2.35
CA VAL A 71 -1.47 -4.69 -3.38
C VAL A 71 -2.24 -3.37 -3.50
N ILE A 72 -2.89 -3.20 -4.65
CA ILE A 72 -3.65 -1.99 -4.90
C ILE A 72 -4.85 -2.34 -5.77
N ASP A 73 -6.02 -1.90 -5.32
CA ASP A 73 -7.26 -2.15 -6.05
C ASP A 73 -7.03 -1.86 -7.54
N PRO A 74 -7.83 -2.55 -8.38
CA PRO A 74 -7.73 -2.39 -9.83
C PRO A 74 -8.35 -1.05 -10.26
N PHE A 75 -9.25 -0.55 -9.43
CA PHE A 75 -9.92 0.71 -9.72
C PHE A 75 -9.15 1.88 -9.12
N SER A 76 -8.46 1.61 -8.03
CA SER A 76 -7.67 2.62 -7.36
C SER A 76 -6.26 2.66 -7.92
N MET A 77 -5.89 1.56 -8.57
CA MET A 77 -4.56 1.45 -9.15
C MET A 77 -4.32 2.57 -10.16
N PRO A 78 -5.31 2.77 -11.07
CA PRO A 78 -5.20 3.80 -12.08
C PRO A 78 -5.44 5.19 -11.48
N TYR A 79 -5.66 5.21 -10.17
CA TYR A 79 -5.89 6.45 -9.46
C TYR A 79 -4.64 6.90 -8.71
N VAL A 80 -3.59 6.09 -8.82
CA VAL A 80 -2.34 6.39 -8.15
C VAL A 80 -1.18 5.77 -8.95
N ASN A 81 -1.46 5.54 -10.23
CA ASN A 81 -0.45 4.95 -11.11
C ASN A 81 0.89 5.65 -10.87
N GLY A 82 1.89 4.83 -10.56
CA GLY A 82 3.23 5.35 -10.31
C GLY A 82 3.17 6.61 -9.44
N ALA A 83 2.14 6.67 -8.62
CA ALA A 83 1.96 7.81 -7.73
C ALA A 83 2.95 7.71 -6.56
N GLU A 84 3.14 8.84 -5.89
CA GLU A 84 4.06 8.89 -4.77
C GLU A 84 3.28 9.06 -3.47
N LEU A 85 3.18 7.98 -2.72
CA LEU A 85 2.47 8.00 -1.45
C LEU A 85 3.48 8.01 -0.31
N ASP A 86 3.58 9.16 0.35
CA ASP A 86 4.51 9.31 1.46
C ASP A 86 3.75 9.11 2.78
N TYR A 87 3.89 7.91 3.33
CA TYR A 87 3.24 7.57 4.58
C TYR A 87 4.07 8.04 5.78
N VAL A 88 3.41 8.79 6.65
CA VAL A 88 4.08 9.30 7.84
C VAL A 88 4.02 8.23 8.95
N VAL A 89 4.99 8.31 9.84
CA VAL A 89 5.07 7.37 10.94
C VAL A 89 5.17 8.14 12.26
N ASP A 90 4.21 7.88 13.14
CA ASP A 90 4.18 8.54 14.44
C ASP A 90 3.21 7.79 15.35
N PHE A 91 3.02 8.35 16.54
CA PHE A 91 2.12 7.76 17.52
C PHE A 91 2.16 6.23 17.44
N MET A 92 0.99 5.64 17.58
CA MET A 92 0.87 4.19 17.53
C MET A 92 0.54 3.71 16.12
N GLY A 93 0.83 4.57 15.15
CA GLY A 93 0.55 4.26 13.76
C GLY A 93 1.35 5.18 12.82
N GLY A 94 0.62 6.10 12.20
CA GLY A 94 1.25 7.04 11.28
C GLY A 94 0.19 7.89 10.58
N GLY A 95 0.66 8.71 9.64
CA GLY A 95 -0.22 9.58 8.89
C GLY A 95 -0.30 9.15 7.42
N PHE A 96 -1.06 9.91 6.65
CA PHE A 96 -1.22 9.62 5.23
C PHE A 96 -0.95 10.88 4.39
N THR A 97 -0.08 10.72 3.40
CA THR A 97 0.27 11.82 2.53
C THR A 97 0.63 11.29 1.14
N ILE A 98 -0.14 11.74 0.15
CA ILE A 98 0.09 11.32 -1.22
C ILE A 98 0.35 12.55 -2.08
N ARG A 99 1.25 12.39 -3.04
CA ARG A 99 1.60 13.47 -3.94
C ARG A 99 1.47 13.03 -5.40
N ASN A 100 0.72 13.82 -6.15
CA ASN A 100 0.50 13.51 -7.56
C ASN A 100 1.46 14.34 -8.41
N PRO A 101 1.98 13.69 -9.49
CA PRO A 101 2.91 14.35 -10.39
C PRO A 101 2.18 15.36 -11.28
N MET A 1 0.14 -23.20 -14.58
CA MET A 1 -0.30 -23.52 -13.24
C MET A 1 -0.69 -22.26 -12.47
N GLN A 2 -1.92 -21.81 -12.70
CA GLN A 2 -2.42 -20.62 -12.03
C GLN A 2 -1.38 -19.51 -12.06
N GLU A 3 -1.50 -18.67 -13.08
CA GLU A 3 -0.57 -17.55 -13.23
C GLU A 3 -1.33 -16.28 -13.61
N GLN A 4 -1.37 -15.35 -12.67
CA GLN A 4 -2.05 -14.09 -12.88
C GLN A 4 -1.03 -12.98 -13.12
N ALA A 5 -0.59 -12.88 -14.36
CA ALA A 5 0.38 -11.86 -14.73
C ALA A 5 -0.24 -10.48 -14.56
N GLN A 6 0.44 -9.64 -13.80
CA GLN A 6 -0.03 -8.29 -13.55
C GLN A 6 1.09 -7.43 -12.95
N GLN A 7 1.58 -6.53 -13.78
CA GLN A 7 2.65 -5.64 -13.36
C GLN A 7 2.19 -4.18 -13.43
N PHE A 8 1.80 -3.66 -12.28
CA PHE A 8 1.34 -2.28 -12.18
C PHE A 8 2.45 -1.36 -11.65
N ILE A 9 2.38 -0.11 -12.08
CA ILE A 9 3.37 0.87 -11.65
C ILE A 9 2.96 1.43 -10.29
N PHE A 10 3.93 1.45 -9.38
CA PHE A 10 3.69 1.96 -8.04
C PHE A 10 5.00 2.36 -7.37
N LYS A 11 4.95 3.48 -6.66
CA LYS A 11 6.11 3.99 -5.97
C LYS A 11 5.71 4.43 -4.55
N VAL A 12 6.27 3.73 -3.58
CA VAL A 12 5.99 4.03 -2.18
C VAL A 12 7.29 4.37 -1.45
N THR A 13 7.21 5.37 -0.59
CA THR A 13 8.37 5.80 0.16
C THR A 13 8.85 4.67 1.08
N ASP A 14 10.13 4.73 1.42
CA ASP A 14 10.73 3.72 2.27
C ASP A 14 9.99 3.69 3.61
N LYS A 15 9.50 4.86 4.01
CA LYS A 15 8.78 4.98 5.26
C LYS A 15 7.48 4.18 5.17
N ALA A 16 6.83 4.29 4.01
CA ALA A 16 5.58 3.59 3.79
C ALA A 16 5.82 2.08 3.89
N VAL A 17 6.90 1.64 3.25
CA VAL A 17 7.26 0.23 3.27
C VAL A 17 7.63 -0.18 4.69
N GLU A 18 8.52 0.60 5.29
CA GLU A 18 8.97 0.33 6.64
C GLU A 18 7.77 0.17 7.59
N GLU A 19 6.83 1.10 7.46
CA GLU A 19 5.65 1.09 8.28
C GLU A 19 5.01 -0.30 8.26
N ILE A 20 5.14 -0.96 7.11
CA ILE A 20 4.58 -2.30 6.94
C ILE A 20 5.40 -3.29 7.77
N LYS A 21 6.71 -3.15 7.68
CA LYS A 21 7.61 -4.03 8.40
C LYS A 21 7.44 -3.79 9.90
N LYS A 22 7.19 -2.54 10.25
CA LYS A 22 7.00 -2.17 11.63
C LYS A 22 5.73 -2.83 12.18
N VAL A 23 4.70 -2.83 11.33
CA VAL A 23 3.44 -3.43 11.71
C VAL A 23 3.55 -4.95 11.65
N ALA A 24 4.33 -5.42 10.69
CA ALA A 24 4.54 -6.85 10.52
C ALA A 24 5.42 -7.37 11.65
N GLN A 25 6.53 -6.68 11.86
CA GLN A 25 7.46 -7.07 12.91
C GLN A 25 6.76 -7.06 14.28
N GLU A 26 5.63 -6.38 14.31
CA GLU A 26 4.85 -6.29 15.54
C GLU A 26 3.87 -7.46 15.63
N ASN A 27 3.74 -8.18 14.53
CA ASN A 27 2.84 -9.31 14.48
C ASN A 27 3.63 -10.57 14.14
N ASN A 28 4.93 -10.38 13.98
CA ASN A 28 5.81 -11.49 13.66
C ASN A 28 5.42 -12.07 12.30
N ILE A 29 5.14 -11.18 11.37
CA ILE A 29 4.75 -11.59 10.03
C ILE A 29 5.95 -11.51 9.09
N GLU A 30 6.06 -12.50 8.23
CA GLU A 30 7.16 -12.55 7.28
C GLU A 30 6.65 -12.35 5.85
N ASN A 31 5.35 -12.08 5.76
CA ASN A 31 4.72 -11.87 4.47
C ASN A 31 3.53 -10.92 4.64
N PRO A 32 3.84 -9.66 5.02
CA PRO A 32 2.81 -8.66 5.22
C PRO A 32 2.26 -8.15 3.87
N ILE A 33 0.95 -8.30 3.72
CA ILE A 33 0.30 -7.86 2.49
C ILE A 33 -0.32 -6.48 2.71
N LEU A 34 0.39 -5.47 2.22
CA LEU A 34 -0.07 -4.10 2.35
C LEU A 34 -0.94 -3.73 1.13
N ARG A 35 -2.21 -3.50 1.40
CA ARG A 35 -3.14 -3.14 0.34
C ARG A 35 -3.40 -1.63 0.36
N ILE A 36 -3.12 -1.00 -0.77
CA ILE A 36 -3.33 0.43 -0.90
C ILE A 36 -4.75 0.70 -1.40
N ARG A 37 -5.56 1.23 -0.50
CA ARG A 37 -6.95 1.53 -0.81
C ARG A 37 -7.25 3.00 -0.54
N VAL A 38 -8.24 3.52 -1.24
CA VAL A 38 -8.63 4.91 -1.09
C VAL A 38 -9.44 5.05 0.21
N VAL A 39 -9.45 6.28 0.72
CA VAL A 39 -10.18 6.56 1.95
C VAL A 39 -11.08 7.78 1.73
N PRO A 40 -12.36 7.63 2.15
CA PRO A 40 -13.33 8.70 1.99
C PRO A 40 -13.09 9.80 3.03
N GLY A 41 -11.98 10.51 2.86
CA GLY A 41 -11.62 11.58 3.77
C GLY A 41 -11.00 12.76 3.00
N GLY A 42 -9.91 12.47 2.32
CA GLY A 42 -9.22 13.49 1.55
C GLY A 42 -10.19 14.25 0.65
N CYS A 43 -10.43 15.50 1.03
CA CYS A 43 -11.34 16.35 0.27
C CYS A 43 -10.61 16.82 -0.99
N SER A 44 -9.35 17.18 -0.81
CA SER A 44 -8.53 17.65 -1.91
C SER A 44 -7.73 16.50 -2.49
N GLY A 45 -7.20 15.67 -1.60
CA GLY A 45 -6.40 14.53 -2.02
C GLY A 45 -6.78 13.28 -1.21
N PHE A 46 -7.47 12.37 -1.89
CA PHE A 46 -7.89 11.13 -1.25
C PHE A 46 -6.69 10.23 -0.94
N GLN A 47 -6.10 10.46 0.22
CA GLN A 47 -4.95 9.68 0.64
C GLN A 47 -5.38 8.26 0.99
N TYR A 48 -4.54 7.31 0.59
CA TYR A 48 -4.82 5.91 0.85
C TYR A 48 -4.36 5.51 2.26
N ALA A 49 -5.12 4.62 2.86
CA ALA A 49 -4.79 4.14 4.20
C ALA A 49 -3.91 2.90 4.09
N MET A 50 -3.21 2.62 5.19
CA MET A 50 -2.33 1.46 5.23
C MET A 50 -2.90 0.37 6.13
N GLY A 51 -2.63 -0.87 5.76
CA GLY A 51 -3.10 -2.01 6.52
C GLY A 51 -2.59 -3.32 5.93
N PHE A 52 -2.89 -4.40 6.62
CA PHE A 52 -2.46 -5.72 6.19
C PHE A 52 -3.67 -6.61 5.90
N ASP A 53 -3.68 -7.16 4.69
CA ASP A 53 -4.76 -8.04 4.27
C ASP A 53 -4.45 -9.46 4.70
N ASP A 54 -5.41 -10.35 4.45
CA ASP A 54 -5.24 -11.75 4.80
C ASP A 54 -4.58 -12.49 3.64
N THR A 55 -4.88 -12.03 2.43
CA THR A 55 -4.33 -12.63 1.24
C THR A 55 -4.55 -11.73 0.03
N VAL A 56 -3.92 -12.11 -1.08
CA VAL A 56 -4.05 -11.34 -2.31
C VAL A 56 -5.37 -11.70 -3.00
N GLU A 57 -5.84 -10.76 -3.80
CA GLU A 57 -7.09 -10.96 -4.53
C GLU A 57 -6.84 -11.72 -5.83
N GLU A 58 -7.93 -12.11 -6.47
CA GLU A 58 -7.84 -12.83 -7.72
C GLU A 58 -7.67 -11.87 -8.90
N GLY A 59 -7.08 -10.72 -8.59
CA GLY A 59 -6.85 -9.70 -9.60
C GLY A 59 -6.32 -8.41 -8.97
N ASP A 60 -5.26 -8.56 -8.20
CA ASP A 60 -4.66 -7.42 -7.53
C ASP A 60 -3.23 -7.23 -8.04
N HIS A 61 -2.67 -6.07 -7.73
CA HIS A 61 -1.31 -5.76 -8.15
C HIS A 61 -0.31 -6.48 -7.24
N VAL A 62 0.45 -7.37 -7.84
CA VAL A 62 1.45 -8.12 -7.09
C VAL A 62 2.81 -7.43 -7.21
N PHE A 63 3.14 -6.68 -6.18
CA PHE A 63 4.39 -5.95 -6.16
C PHE A 63 5.28 -6.44 -5.01
N GLU A 64 6.36 -7.12 -5.38
CA GLU A 64 7.29 -7.64 -4.40
C GLU A 64 8.20 -6.52 -3.89
N TYR A 65 8.20 -6.37 -2.56
CA TYR A 65 9.01 -5.34 -1.93
C TYR A 65 10.18 -5.97 -1.17
N ASP A 66 10.81 -5.14 -0.34
CA ASP A 66 11.94 -5.60 0.45
C ASP A 66 11.45 -6.61 1.49
N GLY A 67 11.08 -7.79 0.99
CA GLY A 67 10.59 -8.85 1.86
C GLY A 67 9.15 -8.59 2.27
N VAL A 68 8.41 -7.93 1.39
CA VAL A 68 7.02 -7.62 1.64
C VAL A 68 6.25 -7.59 0.33
N LYS A 69 4.94 -7.72 0.44
CA LYS A 69 4.08 -7.71 -0.73
C LYS A 69 3.02 -6.62 -0.58
N VAL A 70 2.50 -6.19 -1.71
CA VAL A 70 1.47 -5.15 -1.71
C VAL A 70 0.42 -5.49 -2.77
N VAL A 71 -0.77 -4.94 -2.56
CA VAL A 71 -1.87 -5.18 -3.49
C VAL A 71 -2.74 -3.93 -3.55
N ILE A 72 -2.70 -3.27 -4.70
CA ILE A 72 -3.48 -2.06 -4.91
C ILE A 72 -4.80 -2.43 -5.60
N ASP A 73 -5.75 -1.51 -5.50
CA ASP A 73 -7.06 -1.72 -6.11
C ASP A 73 -6.96 -1.45 -7.61
N PRO A 74 -7.81 -2.18 -8.39
CA PRO A 74 -7.83 -2.03 -9.82
C PRO A 74 -8.52 -0.72 -10.23
N PHE A 75 -9.37 -0.24 -9.34
CA PHE A 75 -10.10 0.99 -9.58
C PHE A 75 -9.37 2.20 -8.98
N SER A 76 -8.57 1.91 -7.96
CA SER A 76 -7.82 2.96 -7.29
C SER A 76 -6.44 3.11 -7.94
N MET A 77 -5.98 2.02 -8.53
CA MET A 77 -4.69 2.02 -9.19
C MET A 77 -4.62 3.08 -10.29
N PRO A 78 -5.71 3.12 -11.10
CA PRO A 78 -5.79 4.07 -12.20
C PRO A 78 -6.10 5.48 -11.67
N TYR A 79 -6.16 5.57 -10.35
CA TYR A 79 -6.44 6.85 -9.71
C TYR A 79 -5.15 7.52 -9.23
N VAL A 80 -4.13 6.69 -9.06
CA VAL A 80 -2.84 7.18 -8.61
C VAL A 80 -1.72 6.45 -9.35
N ASN A 81 -1.93 6.30 -10.65
CA ASN A 81 -0.95 5.61 -11.49
C ASN A 81 0.45 6.17 -11.19
N GLY A 82 1.40 5.26 -11.10
CA GLY A 82 2.78 5.64 -10.81
C GLY A 82 2.83 6.80 -9.82
N ALA A 83 1.85 6.82 -8.93
CA ALA A 83 1.77 7.87 -7.92
C ALA A 83 2.81 7.60 -6.84
N GLU A 84 2.82 8.48 -5.84
CA GLU A 84 3.75 8.35 -4.74
C GLU A 84 3.03 8.50 -3.41
N LEU A 85 2.93 7.38 -2.69
CA LEU A 85 2.26 7.37 -1.40
C LEU A 85 3.30 7.55 -0.30
N ASP A 86 3.30 8.74 0.28
CA ASP A 86 4.23 9.05 1.35
C ASP A 86 3.51 8.90 2.70
N TYR A 87 3.79 7.78 3.36
CA TYR A 87 3.19 7.50 4.65
C TYR A 87 4.00 8.14 5.78
N VAL A 88 3.31 8.93 6.58
CA VAL A 88 3.95 9.61 7.70
C VAL A 88 3.92 8.70 8.93
N VAL A 89 5.00 8.73 9.68
CA VAL A 89 5.11 7.92 10.89
C VAL A 89 5.52 8.80 12.06
N ASP A 90 4.60 8.96 12.99
CA ASP A 90 4.85 9.77 14.17
C ASP A 90 3.77 9.49 15.22
N PHE A 91 3.48 10.52 16.01
CA PHE A 91 2.48 10.39 17.05
C PHE A 91 1.14 9.90 16.48
N MET A 92 1.03 9.98 15.15
CA MET A 92 -0.18 9.56 14.48
C MET A 92 -0.16 8.05 14.23
N GLY A 93 0.82 7.39 14.84
CA GLY A 93 0.96 5.95 14.69
C GLY A 93 0.86 5.53 13.21
N GLY A 94 1.13 6.50 12.35
CA GLY A 94 1.07 6.24 10.91
C GLY A 94 -0.04 7.08 10.26
N GLY A 95 0.37 7.93 9.33
CA GLY A 95 -0.57 8.77 8.63
C GLY A 95 -0.65 8.41 7.15
N PHE A 96 -1.48 9.14 6.43
CA PHE A 96 -1.65 8.90 5.00
C PHE A 96 -1.47 10.20 4.21
N THR A 97 -0.46 10.20 3.37
CA THR A 97 -0.16 11.37 2.55
C THR A 97 0.21 10.94 1.13
N ILE A 98 -0.49 11.52 0.16
CA ILE A 98 -0.25 11.22 -1.23
C ILE A 98 0.25 12.47 -1.95
N ARG A 99 1.42 12.33 -2.57
CA ARG A 99 2.02 13.44 -3.30
C ARG A 99 2.34 13.02 -4.73
N ASN A 100 1.46 13.41 -5.64
CA ASN A 100 1.63 13.09 -7.04
C ASN A 100 2.81 13.88 -7.60
N PRO A 101 3.41 13.32 -8.68
CA PRO A 101 4.56 13.97 -9.32
C PRO A 101 4.11 15.18 -10.15
N MET A 1 -3.14 -18.89 -21.96
CA MET A 1 -2.22 -18.90 -20.85
C MET A 1 -2.88 -18.36 -19.57
N GLN A 2 -2.37 -18.81 -18.44
CA GLN A 2 -2.91 -18.39 -17.16
C GLN A 2 -2.82 -16.86 -17.03
N GLU A 3 -3.97 -16.22 -17.15
CA GLU A 3 -4.03 -14.77 -17.06
C GLU A 3 -4.17 -14.35 -15.59
N GLN A 4 -3.22 -13.53 -15.15
CA GLN A 4 -3.24 -13.05 -13.78
C GLN A 4 -3.33 -11.52 -13.76
N ALA A 5 -3.52 -10.99 -12.56
CA ALA A 5 -3.63 -9.55 -12.39
C ALA A 5 -2.40 -8.87 -13.00
N GLN A 6 -2.51 -7.56 -13.17
CA GLN A 6 -1.42 -6.79 -13.74
C GLN A 6 -0.71 -5.99 -12.65
N GLN A 7 0.59 -5.82 -12.83
CA GLN A 7 1.39 -5.08 -11.87
C GLN A 7 1.48 -3.61 -12.29
N PHE A 8 0.68 -2.78 -11.62
CA PHE A 8 0.66 -1.36 -11.90
C PHE A 8 1.92 -0.67 -11.38
N ILE A 9 2.19 0.50 -11.93
CA ILE A 9 3.36 1.26 -11.51
C ILE A 9 3.04 2.04 -10.23
N PHE A 10 3.72 1.66 -9.17
CA PHE A 10 3.52 2.31 -7.89
C PHE A 10 4.75 2.15 -6.99
N LYS A 11 5.18 3.26 -6.41
CA LYS A 11 6.34 3.26 -5.53
C LYS A 11 5.95 3.87 -4.18
N VAL A 12 6.18 3.10 -3.13
CA VAL A 12 5.86 3.56 -1.79
C VAL A 12 7.16 3.95 -1.07
N THR A 13 7.10 5.06 -0.35
CA THR A 13 8.25 5.55 0.39
C THR A 13 8.77 4.45 1.34
N ASP A 14 10.08 4.48 1.54
CA ASP A 14 10.71 3.49 2.42
C ASP A 14 10.01 3.51 3.78
N LYS A 15 9.54 4.68 4.15
CA LYS A 15 8.85 4.85 5.42
C LYS A 15 7.54 4.05 5.39
N ALA A 16 6.88 4.10 4.24
CA ALA A 16 5.63 3.39 4.07
C ALA A 16 5.88 1.88 4.12
N VAL A 17 6.88 1.45 3.36
CA VAL A 17 7.24 0.06 3.31
C VAL A 17 7.78 -0.38 4.67
N GLU A 18 8.76 0.37 5.15
CA GLU A 18 9.38 0.08 6.44
C GLU A 18 8.30 -0.03 7.52
N GLU A 19 7.25 0.75 7.35
CA GLU A 19 6.15 0.76 8.30
C GLU A 19 5.45 -0.60 8.31
N ILE A 20 5.37 -1.20 7.13
CA ILE A 20 4.74 -2.49 6.99
C ILE A 20 5.58 -3.55 7.71
N LYS A 21 6.89 -3.33 7.69
CA LYS A 21 7.81 -4.25 8.34
C LYS A 21 7.66 -4.14 9.85
N LYS A 22 7.51 -2.91 10.30
CA LYS A 22 7.35 -2.64 11.73
C LYS A 22 6.00 -3.19 12.19
N VAL A 23 4.97 -2.79 11.48
CA VAL A 23 3.62 -3.23 11.82
C VAL A 23 3.59 -4.76 11.92
N ALA A 24 4.29 -5.39 10.99
CA ALA A 24 4.36 -6.84 10.98
C ALA A 24 5.22 -7.33 12.14
N GLN A 25 6.30 -6.60 12.37
CA GLN A 25 7.21 -6.95 13.46
C GLN A 25 6.46 -7.01 14.79
N GLU A 26 5.29 -6.37 14.80
CA GLU A 26 4.47 -6.36 16.00
C GLU A 26 3.46 -7.50 15.97
N ASN A 27 3.24 -8.02 14.77
CA ASN A 27 2.30 -9.11 14.58
C ASN A 27 3.08 -10.40 14.28
N ASN A 28 4.38 -10.34 14.52
CA ASN A 28 5.24 -11.48 14.28
C ASN A 28 5.07 -11.95 12.84
N ILE A 29 4.82 -10.98 11.96
CA ILE A 29 4.64 -11.28 10.55
C ILE A 29 5.94 -10.97 9.80
N GLU A 30 6.17 -11.74 8.75
CA GLU A 30 7.37 -11.56 7.95
C GLU A 30 6.99 -11.41 6.46
N ASN A 31 5.69 -11.34 6.22
CA ASN A 31 5.19 -11.19 4.86
C ASN A 31 3.87 -10.43 4.88
N PRO A 32 3.96 -9.13 5.29
CA PRO A 32 2.78 -8.29 5.35
C PRO A 32 2.32 -7.87 3.96
N ILE A 33 1.02 -7.87 3.76
CA ILE A 33 0.44 -7.49 2.49
C ILE A 33 -0.15 -6.08 2.60
N LEU A 34 0.47 -5.15 1.89
CA LEU A 34 0.01 -3.77 1.89
C LEU A 34 -0.96 -3.56 0.74
N ARG A 35 -2.21 -3.33 1.09
CA ARG A 35 -3.25 -3.10 0.09
C ARG A 35 -3.59 -1.61 0.00
N ILE A 36 -3.51 -1.09 -1.22
CA ILE A 36 -3.81 0.31 -1.44
C ILE A 36 -5.29 0.47 -1.76
N ARG A 37 -5.98 1.18 -0.88
CA ARG A 37 -7.41 1.41 -1.06
C ARG A 37 -7.72 2.91 -0.95
N VAL A 38 -8.82 3.30 -1.58
CA VAL A 38 -9.24 4.69 -1.56
C VAL A 38 -10.29 4.88 -0.46
N VAL A 39 -9.96 5.76 0.48
CA VAL A 39 -10.87 6.04 1.58
C VAL A 39 -10.78 7.52 1.94
N PRO A 40 -11.95 8.12 2.27
CA PRO A 40 -12.01 9.52 2.64
C PRO A 40 -11.47 9.74 4.05
N GLY A 41 -10.18 10.01 4.12
CA GLY A 41 -9.53 10.25 5.39
C GLY A 41 -10.42 11.09 6.31
N GLY A 42 -10.69 12.30 5.85
CA GLY A 42 -11.52 13.22 6.62
C GLY A 42 -10.96 14.64 6.57
N CYS A 43 -10.94 15.28 7.74
CA CYS A 43 -10.43 16.63 7.84
C CYS A 43 -8.93 16.61 7.56
N SER A 44 -8.30 15.49 7.94
CA SER A 44 -6.87 15.33 7.74
C SER A 44 -6.53 15.46 6.26
N GLY A 45 -7.42 14.92 5.43
CA GLY A 45 -7.22 14.97 3.99
C GLY A 45 -7.54 13.62 3.34
N PHE A 46 -7.90 13.68 2.07
CA PHE A 46 -8.23 12.48 1.33
C PHE A 46 -6.97 11.76 0.86
N GLN A 47 -6.56 10.77 1.65
CA GLN A 47 -5.37 10.00 1.32
C GLN A 47 -5.63 8.50 1.54
N TYR A 48 -4.89 7.69 0.81
CA TYR A 48 -5.02 6.25 0.91
C TYR A 48 -4.30 5.72 2.14
N ALA A 49 -5.08 5.12 3.03
CA ALA A 49 -4.53 4.56 4.25
C ALA A 49 -3.91 3.19 3.96
N MET A 50 -3.01 2.77 4.84
CA MET A 50 -2.35 1.49 4.68
C MET A 50 -2.87 0.47 5.70
N GLY A 51 -2.39 -0.76 5.56
CA GLY A 51 -2.81 -1.82 6.45
C GLY A 51 -2.04 -3.11 6.15
N PHE A 52 -2.48 -4.19 6.81
CA PHE A 52 -1.85 -5.49 6.61
C PHE A 52 -2.89 -6.59 6.56
N ASP A 53 -2.81 -7.40 5.50
CA ASP A 53 -3.74 -8.50 5.32
C ASP A 53 -2.95 -9.80 5.16
N ASP A 54 -3.69 -10.90 5.08
CA ASP A 54 -3.07 -12.21 4.92
C ASP A 54 -3.85 -13.00 3.87
N THR A 55 -3.81 -12.51 2.64
CA THR A 55 -4.51 -13.17 1.55
C THR A 55 -4.28 -12.41 0.25
N VAL A 56 -4.67 -13.04 -0.85
CA VAL A 56 -4.53 -12.44 -2.16
C VAL A 56 -5.82 -12.63 -2.95
N GLU A 57 -6.03 -11.74 -3.92
CA GLU A 57 -7.21 -11.80 -4.75
C GLU A 57 -6.90 -12.52 -6.07
N GLU A 58 -7.96 -12.79 -6.82
CA GLU A 58 -7.80 -13.47 -8.10
C GLU A 58 -7.52 -12.46 -9.21
N GLY A 59 -6.98 -11.32 -8.80
CA GLY A 59 -6.66 -10.26 -9.74
C GLY A 59 -6.29 -8.97 -9.01
N ASP A 60 -5.18 -9.01 -8.30
CA ASP A 60 -4.71 -7.86 -7.56
C ASP A 60 -3.30 -7.50 -8.02
N HIS A 61 -3.02 -6.20 -8.03
CA HIS A 61 -1.71 -5.72 -8.44
C HIS A 61 -0.66 -6.18 -7.43
N VAL A 62 -0.33 -7.47 -7.51
CA VAL A 62 0.65 -8.04 -6.62
C VAL A 62 2.05 -7.61 -7.07
N PHE A 63 2.65 -6.72 -6.28
CA PHE A 63 3.97 -6.22 -6.59
C PHE A 63 4.97 -6.62 -5.50
N GLU A 64 6.19 -6.91 -5.93
CA GLU A 64 7.24 -7.30 -5.02
C GLU A 64 7.97 -6.07 -4.47
N TYR A 65 8.29 -6.13 -3.19
CA TYR A 65 8.97 -5.02 -2.54
C TYR A 65 10.22 -5.52 -1.79
N ASP A 66 10.76 -4.64 -0.96
CA ASP A 66 11.94 -4.97 -0.19
C ASP A 66 11.59 -6.06 0.83
N GLY A 67 11.36 -7.26 0.32
CA GLY A 67 11.01 -8.38 1.16
C GLY A 67 9.61 -8.21 1.76
N VAL A 68 8.71 -7.69 0.94
CA VAL A 68 7.34 -7.47 1.36
C VAL A 68 6.41 -7.61 0.16
N LYS A 69 5.17 -8.00 0.44
CA LYS A 69 4.18 -8.16 -0.60
C LYS A 69 3.19 -6.99 -0.54
N VAL A 70 2.77 -6.57 -1.73
CA VAL A 70 1.83 -5.47 -1.83
C VAL A 70 0.78 -5.79 -2.91
N VAL A 71 -0.38 -5.17 -2.76
CA VAL A 71 -1.46 -5.38 -3.70
C VAL A 71 -2.24 -4.08 -3.88
N ILE A 72 -2.80 -3.93 -5.08
CA ILE A 72 -3.58 -2.73 -5.39
C ILE A 72 -4.76 -3.11 -6.28
N ASP A 73 -5.85 -2.40 -6.09
CA ASP A 73 -7.06 -2.65 -6.87
C ASP A 73 -6.93 -1.97 -8.23
N PRO A 74 -7.81 -2.39 -9.17
CA PRO A 74 -7.81 -1.84 -10.51
C PRO A 74 -8.42 -0.42 -10.52
N PHE A 75 -9.22 -0.16 -9.51
CA PHE A 75 -9.87 1.14 -9.39
C PHE A 75 -8.92 2.17 -8.79
N SER A 76 -7.83 1.67 -8.22
CA SER A 76 -6.84 2.54 -7.61
C SER A 76 -5.80 2.96 -8.65
N MET A 77 -5.74 2.18 -9.72
CA MET A 77 -4.80 2.47 -10.79
C MET A 77 -5.01 3.88 -11.34
N PRO A 78 -6.29 4.18 -11.69
CA PRO A 78 -6.64 5.48 -12.23
C PRO A 78 -6.66 6.55 -11.13
N TYR A 79 -6.30 6.12 -9.93
CA TYR A 79 -6.27 7.01 -8.79
C TYR A 79 -4.83 7.24 -8.30
N VAL A 80 -4.00 6.23 -8.54
CA VAL A 80 -2.61 6.30 -8.13
C VAL A 80 -1.72 5.88 -9.30
N ASN A 81 -2.03 6.43 -10.47
CA ASN A 81 -1.26 6.12 -11.66
C ASN A 81 0.19 6.56 -11.46
N GLY A 82 1.03 5.57 -11.18
CA GLY A 82 2.44 5.84 -10.95
C GLY A 82 2.64 6.76 -9.75
N ALA A 83 1.57 6.96 -9.00
CA ALA A 83 1.61 7.80 -7.83
C ALA A 83 2.33 7.07 -6.69
N GLU A 84 2.90 7.84 -5.79
CA GLU A 84 3.61 7.28 -4.65
C GLU A 84 2.86 7.59 -3.35
N LEU A 85 2.91 6.62 -2.44
CA LEU A 85 2.25 6.77 -1.15
C LEU A 85 3.30 7.06 -0.07
N ASP A 86 3.30 8.31 0.38
CA ASP A 86 4.25 8.72 1.40
C ASP A 86 3.57 8.66 2.77
N TYR A 87 3.84 7.57 3.47
CA TYR A 87 3.26 7.37 4.80
C TYR A 87 4.11 8.06 5.87
N VAL A 88 3.50 9.06 6.51
CA VAL A 88 4.17 9.80 7.55
C VAL A 88 4.21 8.95 8.83
N VAL A 89 5.24 9.20 9.63
CA VAL A 89 5.41 8.48 10.88
C VAL A 89 5.59 9.47 12.02
N ASP A 90 4.71 9.36 13.00
CA ASP A 90 4.75 10.25 14.16
C ASP A 90 3.88 9.67 15.27
N PHE A 91 3.74 10.45 16.33
CA PHE A 91 2.93 10.05 17.47
C PHE A 91 3.03 8.54 17.69
N MET A 92 1.90 7.94 18.04
CA MET A 92 1.85 6.51 18.29
C MET A 92 1.49 5.75 17.02
N GLY A 93 1.83 6.34 15.88
CA GLY A 93 1.55 5.73 14.60
C GLY A 93 2.11 6.58 13.45
N GLY A 94 1.20 7.20 12.73
CA GLY A 94 1.58 8.05 11.61
C GLY A 94 0.36 8.46 10.79
N GLY A 95 0.64 9.10 9.65
CA GLY A 95 -0.43 9.54 8.77
C GLY A 95 -0.08 9.28 7.31
N PHE A 96 -0.96 8.55 6.64
CA PHE A 96 -0.76 8.22 5.24
C PHE A 96 -0.99 9.44 4.35
N THR A 97 0.08 9.84 3.67
CA THR A 97 0.02 10.99 2.78
C THR A 97 0.46 10.60 1.37
N ILE A 98 -0.15 11.26 0.39
CA ILE A 98 0.17 11.00 -1.00
C ILE A 98 0.24 12.31 -1.77
N ARG A 99 1.14 12.36 -2.74
CA ARG A 99 1.32 13.55 -3.55
C ARG A 99 1.11 13.22 -5.03
N ASN A 100 0.68 14.22 -5.77
CA ASN A 100 0.44 14.06 -7.20
C ASN A 100 1.09 15.22 -7.96
N PRO A 101 1.91 14.85 -8.98
CA PRO A 101 2.59 15.85 -9.79
C PRO A 101 1.62 16.52 -10.76
N MET A 1 -4.17 -23.35 -13.17
CA MET A 1 -3.35 -22.36 -13.86
C MET A 1 -3.89 -20.95 -13.65
N GLN A 2 -3.33 -20.27 -12.65
CA GLN A 2 -3.74 -18.92 -12.33
C GLN A 2 -2.67 -18.22 -11.50
N GLU A 3 -2.26 -17.06 -11.98
CA GLU A 3 -1.24 -16.27 -11.29
C GLU A 3 -1.46 -14.79 -11.53
N GLN A 4 -0.96 -13.98 -10.61
CA GLN A 4 -1.09 -12.54 -10.70
C GLN A 4 -0.12 -12.00 -11.75
N ALA A 5 -0.52 -12.14 -13.01
CA ALA A 5 0.31 -11.65 -14.11
C ALA A 5 0.21 -10.13 -14.19
N GLN A 6 1.11 -9.55 -14.96
CA GLN A 6 1.14 -8.11 -15.14
C GLN A 6 1.55 -7.42 -13.82
N GLN A 7 2.46 -6.47 -13.94
CA GLN A 7 2.94 -5.74 -12.78
C GLN A 7 2.70 -4.24 -12.97
N PHE A 8 1.79 -3.72 -12.16
CA PHE A 8 1.47 -2.31 -12.22
C PHE A 8 2.60 -1.45 -11.66
N ILE A 9 2.64 -0.20 -12.09
CA ILE A 9 3.66 0.73 -11.65
C ILE A 9 3.21 1.37 -10.33
N PHE A 10 4.17 1.50 -9.42
CA PHE A 10 3.89 2.10 -8.13
C PHE A 10 5.18 2.61 -7.48
N LYS A 11 5.04 3.70 -6.74
CA LYS A 11 6.17 4.30 -6.05
C LYS A 11 5.78 4.63 -4.61
N VAL A 12 6.47 3.97 -3.68
CA VAL A 12 6.20 4.18 -2.28
C VAL A 12 7.52 4.43 -1.54
N THR A 13 7.52 5.47 -0.72
CA THR A 13 8.70 5.83 0.03
C THR A 13 9.13 4.67 0.94
N ASP A 14 10.33 4.80 1.49
CA ASP A 14 10.86 3.78 2.38
C ASP A 14 10.04 3.75 3.67
N LYS A 15 9.47 4.90 4.00
CA LYS A 15 8.67 5.02 5.20
C LYS A 15 7.42 4.15 5.07
N ALA A 16 6.79 4.26 3.91
CA ALA A 16 5.58 3.49 3.63
C ALA A 16 5.90 2.00 3.73
N VAL A 17 6.95 1.61 3.04
CA VAL A 17 7.38 0.21 3.03
C VAL A 17 7.74 -0.20 4.46
N GLU A 18 8.46 0.67 5.14
CA GLU A 18 8.88 0.40 6.51
C GLU A 18 7.65 0.18 7.40
N GLU A 19 6.64 1.01 7.17
CA GLU A 19 5.42 0.93 7.94
C GLU A 19 4.86 -0.49 7.89
N ILE A 20 5.16 -1.17 6.79
CA ILE A 20 4.69 -2.53 6.60
C ILE A 20 5.59 -3.49 7.39
N LYS A 21 6.87 -3.17 7.42
CA LYS A 21 7.84 -3.98 8.14
C LYS A 21 7.58 -3.87 9.64
N LYS A 22 7.56 -2.62 10.11
CA LYS A 22 7.33 -2.35 11.52
C LYS A 22 6.01 -3.02 11.95
N VAL A 23 5.04 -2.97 11.05
CA VAL A 23 3.74 -3.55 11.32
C VAL A 23 3.88 -5.08 11.41
N ALA A 24 4.31 -5.66 10.30
CA ALA A 24 4.48 -7.10 10.24
C ALA A 24 5.36 -7.56 11.41
N GLN A 25 6.50 -6.89 11.54
CA GLN A 25 7.44 -7.21 12.59
C GLN A 25 6.70 -7.32 13.94
N GLU A 26 5.73 -6.44 14.11
CA GLU A 26 4.94 -6.44 15.35
C GLU A 26 3.87 -7.52 15.29
N ASN A 27 3.53 -7.93 14.07
CA ASN A 27 2.53 -8.95 13.87
C ASN A 27 3.22 -10.31 13.71
N ASN A 28 4.54 -10.28 13.77
CA ASN A 28 5.32 -11.49 13.62
C ASN A 28 5.06 -12.10 12.25
N ILE A 29 4.71 -11.24 11.30
CA ILE A 29 4.43 -11.68 9.95
C ILE A 29 5.64 -11.41 9.06
N GLU A 30 5.87 -12.31 8.12
CA GLU A 30 6.98 -12.18 7.20
C GLU A 30 6.48 -11.96 5.78
N ASN A 31 5.17 -11.84 5.66
CA ASN A 31 4.54 -11.64 4.36
C ASN A 31 3.32 -10.73 4.53
N PRO A 32 3.59 -9.43 4.86
CA PRO A 32 2.54 -8.46 5.04
C PRO A 32 1.94 -8.03 3.71
N ILE A 33 0.63 -8.18 3.60
CA ILE A 33 -0.06 -7.80 2.38
C ILE A 33 -0.83 -6.50 2.61
N LEU A 34 -0.19 -5.40 2.23
CA LEU A 34 -0.80 -4.09 2.39
C LEU A 34 -1.57 -3.73 1.12
N ARG A 35 -2.88 -3.63 1.27
CA ARG A 35 -3.74 -3.29 0.15
C ARG A 35 -4.12 -1.82 0.19
N ILE A 36 -3.98 -1.16 -0.96
CA ILE A 36 -4.30 0.24 -1.05
C ILE A 36 -5.78 0.40 -1.41
N ARG A 37 -6.51 1.02 -0.51
CA ARG A 37 -7.93 1.25 -0.71
C ARG A 37 -8.27 2.73 -0.52
N VAL A 38 -8.68 3.35 -1.62
CA VAL A 38 -9.03 4.75 -1.60
C VAL A 38 -9.93 5.03 -0.39
N VAL A 39 -9.59 6.09 0.33
CA VAL A 39 -10.35 6.46 1.50
C VAL A 39 -10.79 7.92 1.37
N PRO A 40 -11.90 8.12 0.61
CA PRO A 40 -12.45 9.45 0.40
C PRO A 40 -13.16 9.96 1.65
N GLY A 41 -12.38 10.39 2.61
CA GLY A 41 -12.93 10.91 3.86
C GLY A 41 -11.88 11.69 4.64
N GLY A 42 -12.35 12.71 5.35
CA GLY A 42 -11.46 13.54 6.14
C GLY A 42 -11.31 14.93 5.50
N CYS A 43 -10.58 15.79 6.19
CA CYS A 43 -10.34 17.14 5.72
C CYS A 43 -9.48 17.05 4.45
N SER A 44 -8.65 16.02 4.40
CA SER A 44 -7.77 15.81 3.27
C SER A 44 -8.30 14.67 2.40
N GLY A 45 -8.65 13.58 3.06
CA GLY A 45 -9.16 12.41 2.37
C GLY A 45 -8.35 12.11 1.11
N PHE A 46 -9.01 11.50 0.14
CA PHE A 46 -8.36 11.15 -1.11
C PHE A 46 -7.38 10.00 -0.92
N GLN A 47 -6.41 10.23 -0.06
CA GLN A 47 -5.40 9.21 0.22
C GLN A 47 -6.06 7.96 0.82
N TYR A 48 -5.32 6.87 0.80
CA TYR A 48 -5.80 5.62 1.34
C TYR A 48 -4.93 5.14 2.50
N ALA A 49 -5.59 4.53 3.48
CA ALA A 49 -4.89 4.02 4.64
C ALA A 49 -4.35 2.62 4.34
N MET A 50 -3.36 2.22 5.11
CA MET A 50 -2.75 0.90 4.94
C MET A 50 -3.23 -0.07 6.02
N GLY A 51 -3.10 -1.35 5.72
CA GLY A 51 -3.51 -2.39 6.64
C GLY A 51 -3.29 -3.77 6.04
N PHE A 52 -2.79 -4.67 6.87
CA PHE A 52 -2.53 -6.04 6.44
C PHE A 52 -3.80 -6.87 6.47
N ASP A 53 -4.05 -7.56 5.37
CA ASP A 53 -5.24 -8.40 5.26
C ASP A 53 -4.84 -9.86 5.50
N ASP A 54 -5.85 -10.71 5.52
CA ASP A 54 -5.64 -12.13 5.73
C ASP A 54 -4.69 -12.66 4.66
N THR A 55 -4.95 -12.24 3.43
CA THR A 55 -4.13 -12.67 2.30
C THR A 55 -4.37 -11.76 1.09
N VAL A 56 -3.69 -12.08 0.00
CA VAL A 56 -3.83 -11.31 -1.22
C VAL A 56 -5.13 -11.72 -1.93
N GLU A 57 -5.62 -10.81 -2.76
CA GLU A 57 -6.85 -11.05 -3.51
C GLU A 57 -6.54 -11.88 -4.76
N GLU A 58 -7.60 -12.32 -5.40
CA GLU A 58 -7.47 -13.10 -6.61
C GLU A 58 -7.34 -12.20 -7.84
N GLY A 59 -6.93 -10.97 -7.57
CA GLY A 59 -6.75 -9.99 -8.64
C GLY A 59 -6.20 -8.67 -8.08
N ASP A 60 -5.08 -8.78 -7.38
CA ASP A 60 -4.45 -7.61 -6.80
C ASP A 60 -3.04 -7.46 -7.37
N HIS A 61 -2.65 -6.21 -7.58
CA HIS A 61 -1.34 -5.92 -8.12
C HIS A 61 -0.26 -6.36 -7.12
N VAL A 62 0.17 -7.60 -7.27
CA VAL A 62 1.18 -8.15 -6.39
C VAL A 62 2.54 -7.58 -6.78
N PHE A 63 3.08 -6.75 -5.89
CA PHE A 63 4.38 -6.13 -6.13
C PHE A 63 5.39 -6.57 -5.06
N GLU A 64 6.56 -6.97 -5.54
CA GLU A 64 7.62 -7.42 -4.65
C GLU A 64 8.39 -6.21 -4.09
N TYR A 65 8.51 -6.19 -2.77
CA TYR A 65 9.21 -5.10 -2.11
C TYR A 65 10.35 -5.64 -1.25
N ASP A 66 10.84 -4.77 -0.37
CA ASP A 66 11.93 -5.14 0.53
C ASP A 66 11.44 -6.22 1.50
N GLY A 67 11.26 -7.41 0.96
CA GLY A 67 10.79 -8.53 1.77
C GLY A 67 9.36 -8.31 2.23
N VAL A 68 8.55 -7.76 1.34
CA VAL A 68 7.15 -7.50 1.64
C VAL A 68 6.33 -7.60 0.37
N LYS A 69 5.03 -7.82 0.56
CA LYS A 69 4.12 -7.94 -0.57
C LYS A 69 3.10 -6.79 -0.53
N VAL A 70 3.26 -5.88 -1.48
CA VAL A 70 2.36 -4.74 -1.56
C VAL A 70 1.34 -4.97 -2.67
N VAL A 71 0.14 -4.44 -2.46
CA VAL A 71 -0.93 -4.57 -3.43
C VAL A 71 -1.77 -3.30 -3.45
N ILE A 72 -2.47 -3.11 -4.55
CA ILE A 72 -3.32 -1.94 -4.70
C ILE A 72 -4.56 -2.31 -5.51
N ASP A 73 -5.69 -1.76 -5.10
CA ASP A 73 -6.95 -2.03 -5.77
C ASP A 73 -6.86 -1.55 -7.23
N PRO A 74 -7.70 -2.18 -8.09
CA PRO A 74 -7.71 -1.83 -9.50
C PRO A 74 -8.43 -0.49 -9.73
N PHE A 75 -9.23 -0.11 -8.74
CA PHE A 75 -9.97 1.13 -8.81
C PHE A 75 -9.13 2.30 -8.28
N SER A 76 -8.24 1.98 -7.36
CA SER A 76 -7.38 2.98 -6.76
C SER A 76 -6.10 3.11 -7.58
N MET A 77 -5.83 2.10 -8.38
CA MET A 77 -4.64 2.09 -9.21
C MET A 77 -4.58 3.33 -10.10
N PRO A 78 -5.74 3.61 -10.77
CA PRO A 78 -5.83 4.76 -11.65
C PRO A 78 -5.93 6.06 -10.85
N TYR A 79 -5.83 5.91 -9.54
CA TYR A 79 -5.91 7.07 -8.66
C TYR A 79 -4.53 7.44 -8.11
N VAL A 80 -3.54 6.65 -8.51
CA VAL A 80 -2.18 6.88 -8.07
C VAL A 80 -1.22 6.18 -9.02
N ASN A 81 -1.56 6.22 -10.30
CA ASN A 81 -0.74 5.59 -11.32
C ASN A 81 0.73 5.92 -11.06
N GLY A 82 1.49 4.88 -10.70
CA GLY A 82 2.90 5.05 -10.42
C GLY A 82 3.15 6.33 -9.60
N ALA A 83 2.14 6.71 -8.85
CA ALA A 83 2.24 7.91 -8.02
C ALA A 83 3.10 7.60 -6.79
N GLU A 84 3.39 8.65 -6.04
CA GLU A 84 4.19 8.51 -4.84
C GLU A 84 3.31 8.53 -3.60
N LEU A 85 3.51 7.55 -2.74
CA LEU A 85 2.73 7.44 -1.52
C LEU A 85 3.67 7.59 -0.31
N ASP A 86 3.60 8.75 0.31
CA ASP A 86 4.43 9.02 1.47
C ASP A 86 3.59 8.84 2.75
N TYR A 87 3.74 7.66 3.34
CA TYR A 87 3.02 7.35 4.56
C TYR A 87 3.77 7.85 5.79
N VAL A 88 3.25 8.92 6.37
CA VAL A 88 3.86 9.50 7.56
C VAL A 88 3.70 8.55 8.73
N VAL A 89 4.66 8.59 9.63
CA VAL A 89 4.64 7.74 10.81
C VAL A 89 4.83 8.59 12.06
N ASP A 90 3.84 8.55 12.92
CA ASP A 90 3.88 9.30 14.16
C ASP A 90 2.80 8.80 15.11
N PHE A 91 2.66 9.49 16.24
CA PHE A 91 1.67 9.12 17.23
C PHE A 91 1.50 7.59 17.30
N MET A 92 0.26 7.17 17.46
CA MET A 92 -0.04 5.75 17.54
C MET A 92 -0.41 5.19 16.16
N GLY A 93 0.11 5.86 15.14
CA GLY A 93 -0.16 5.43 13.77
C GLY A 93 0.72 6.19 12.79
N GLY A 94 0.12 7.16 12.12
CA GLY A 94 0.83 7.97 11.14
C GLY A 94 -0.13 8.84 10.34
N GLY A 95 0.37 9.37 9.23
CA GLY A 95 -0.43 10.21 8.37
C GLY A 95 -0.31 9.77 6.91
N PHE A 96 -1.47 9.54 6.30
CA PHE A 96 -1.51 9.11 4.92
C PHE A 96 -1.36 10.30 3.97
N THR A 97 -0.30 10.27 3.20
CA THR A 97 -0.03 11.34 2.25
C THR A 97 0.38 10.76 0.89
N ILE A 98 -0.37 11.14 -0.13
CA ILE A 98 -0.10 10.66 -1.48
C ILE A 98 0.12 11.87 -2.40
N ARG A 99 1.26 11.87 -3.06
CA ARG A 99 1.60 12.95 -3.98
C ARG A 99 1.69 12.42 -5.41
N ASN A 100 0.70 12.80 -6.21
CA ASN A 100 0.65 12.38 -7.60
C ASN A 100 0.91 13.58 -8.50
N PRO A 101 1.78 13.36 -9.53
CA PRO A 101 2.13 14.41 -10.47
C PRO A 101 0.97 14.66 -11.45
N MET A 1 2.81 -19.65 -13.27
CA MET A 1 2.09 -20.59 -14.13
C MET A 1 0.59 -20.32 -14.09
N GLN A 2 0.12 -19.62 -15.12
CA GLN A 2 -1.30 -19.29 -15.21
C GLN A 2 -1.70 -18.35 -14.08
N GLU A 3 -1.22 -17.11 -14.18
CA GLU A 3 -1.53 -16.11 -13.17
C GLU A 3 -1.60 -14.72 -13.80
N GLN A 4 -2.36 -13.85 -13.16
CA GLN A 4 -2.53 -12.50 -13.65
C GLN A 4 -1.23 -11.71 -13.48
N ALA A 5 -0.31 -11.95 -14.40
CA ALA A 5 0.98 -11.26 -14.36
C ALA A 5 0.80 -9.82 -14.83
N GLN A 6 1.13 -8.89 -13.94
CA GLN A 6 1.01 -7.49 -14.26
C GLN A 6 1.63 -6.64 -13.14
N GLN A 7 2.54 -5.77 -13.54
CA GLN A 7 3.22 -4.90 -12.60
C GLN A 7 2.99 -3.44 -12.96
N PHE A 8 2.08 -2.81 -12.21
CA PHE A 8 1.75 -1.42 -12.44
C PHE A 8 2.88 -0.50 -11.94
N ILE A 9 2.87 0.72 -12.44
CA ILE A 9 3.86 1.70 -12.05
C ILE A 9 3.47 2.32 -10.71
N PHE A 10 4.24 1.99 -9.69
CA PHE A 10 3.99 2.51 -8.35
C PHE A 10 5.25 2.43 -7.48
N LYS A 11 5.51 3.51 -6.76
CA LYS A 11 6.67 3.57 -5.90
C LYS A 11 6.27 4.23 -4.57
N VAL A 12 6.35 3.44 -3.51
CA VAL A 12 6.00 3.93 -2.19
C VAL A 12 7.28 4.21 -1.40
N THR A 13 7.20 5.21 -0.54
CA THR A 13 8.34 5.59 0.28
C THR A 13 8.81 4.41 1.13
N ASP A 14 10.08 4.45 1.48
CA ASP A 14 10.66 3.39 2.30
C ASP A 14 10.01 3.41 3.68
N LYS A 15 9.51 4.58 4.05
CA LYS A 15 8.87 4.74 5.35
C LYS A 15 7.59 3.91 5.38
N ALA A 16 6.85 3.96 4.29
CA ALA A 16 5.61 3.22 4.18
C ALA A 16 5.90 1.73 4.38
N VAL A 17 6.74 1.20 3.51
CA VAL A 17 7.11 -0.20 3.56
C VAL A 17 7.68 -0.52 4.95
N GLU A 18 8.50 0.40 5.43
CA GLU A 18 9.13 0.24 6.73
C GLU A 18 8.06 0.18 7.83
N GLU A 19 7.01 0.97 7.63
CA GLU A 19 5.92 1.02 8.59
C GLU A 19 5.28 -0.36 8.74
N ILE A 20 4.85 -0.90 7.60
CA ILE A 20 4.22 -2.20 7.59
C ILE A 20 5.22 -3.26 8.07
N LYS A 21 6.48 -2.99 7.80
CA LYS A 21 7.54 -3.91 8.19
C LYS A 21 7.55 -4.03 9.73
N LYS A 22 7.54 -2.87 10.38
CA LYS A 22 7.54 -2.84 11.83
C LYS A 22 6.16 -3.22 12.35
N VAL A 23 5.15 -2.62 11.73
CA VAL A 23 3.77 -2.89 12.12
C VAL A 23 3.51 -4.39 12.09
N ALA A 24 3.80 -4.99 10.95
CA ALA A 24 3.60 -6.42 10.77
C ALA A 24 4.54 -7.17 11.73
N GLN A 25 5.78 -6.71 11.79
CA GLN A 25 6.77 -7.33 12.66
C GLN A 25 6.27 -7.32 14.11
N GLU A 26 5.59 -6.24 14.47
CA GLU A 26 5.07 -6.10 15.82
C GLU A 26 3.80 -6.94 15.98
N ASN A 27 3.40 -7.58 14.88
CA ASN A 27 2.22 -8.40 14.90
C ASN A 27 2.62 -9.87 14.75
N ASN A 28 3.93 -10.09 14.74
CA ASN A 28 4.46 -11.44 14.60
C ASN A 28 4.27 -11.92 13.16
N ILE A 29 4.29 -10.96 12.25
CA ILE A 29 4.12 -11.26 10.84
C ILE A 29 5.48 -11.28 10.16
N GLU A 30 5.62 -12.15 9.18
CA GLU A 30 6.87 -12.28 8.44
C GLU A 30 6.60 -12.22 6.94
N ASN A 31 5.35 -11.95 6.60
CA ASN A 31 4.95 -11.86 5.20
C ASN A 31 3.76 -10.90 5.07
N PRO A 32 4.04 -9.60 5.37
CA PRO A 32 3.00 -8.59 5.29
C PRO A 32 2.70 -8.23 3.84
N ILE A 33 1.55 -7.59 3.65
CA ILE A 33 1.13 -7.18 2.32
C ILE A 33 0.54 -5.77 2.38
N LEU A 34 0.97 -4.94 1.44
CA LEU A 34 0.50 -3.57 1.38
C LEU A 34 -0.74 -3.51 0.47
N ARG A 35 -1.84 -3.09 1.08
CA ARG A 35 -3.09 -2.98 0.34
C ARG A 35 -3.52 -1.51 0.25
N ILE A 36 -3.52 -1.01 -0.97
CA ILE A 36 -3.92 0.37 -1.21
C ILE A 36 -5.43 0.45 -1.41
N ARG A 37 -6.08 1.14 -0.49
CA ARG A 37 -7.52 1.29 -0.55
C ARG A 37 -7.91 2.77 -0.47
N VAL A 38 -9.03 3.10 -1.11
CA VAL A 38 -9.50 4.48 -1.12
C VAL A 38 -10.64 4.62 -0.11
N VAL A 39 -10.35 5.35 0.95
CA VAL A 39 -11.33 5.57 2.00
C VAL A 39 -11.69 7.06 2.05
N PRO A 40 -13.01 7.33 2.19
CA PRO A 40 -13.49 8.70 2.26
C PRO A 40 -13.19 9.33 3.63
N GLY A 41 -11.90 9.39 3.94
CA GLY A 41 -11.46 9.95 5.21
C GLY A 41 -10.99 11.40 5.02
N GLY A 42 -11.94 12.26 4.71
CA GLY A 42 -11.63 13.67 4.50
C GLY A 42 -11.65 14.03 3.02
N CYS A 43 -12.52 14.98 2.68
CA CYS A 43 -12.64 15.42 1.30
C CYS A 43 -11.36 16.14 0.91
N SER A 44 -10.61 16.55 1.93
CA SER A 44 -9.35 17.25 1.70
C SER A 44 -8.19 16.27 1.74
N GLY A 45 -8.42 15.15 2.43
CA GLY A 45 -7.40 14.12 2.55
C GLY A 45 -7.62 13.00 1.54
N PHE A 46 -8.73 12.30 1.71
CA PHE A 46 -9.07 11.20 0.81
C PHE A 46 -7.83 10.38 0.46
N GLN A 47 -6.88 10.37 1.40
CA GLN A 47 -5.64 9.63 1.20
C GLN A 47 -5.92 8.12 1.29
N TYR A 48 -4.86 7.35 1.07
CA TYR A 48 -4.96 5.91 1.12
C TYR A 48 -4.31 5.36 2.39
N ALA A 49 -5.14 4.77 3.25
CA ALA A 49 -4.66 4.21 4.49
C ALA A 49 -4.06 2.83 4.23
N MET A 50 -3.22 2.40 5.15
CA MET A 50 -2.57 1.10 5.03
C MET A 50 -3.35 0.02 5.77
N GLY A 51 -2.94 -1.23 5.58
CA GLY A 51 -3.59 -2.35 6.21
C GLY A 51 -2.94 -3.67 5.80
N PHE A 52 -2.03 -4.13 6.63
CA PHE A 52 -1.33 -5.38 6.36
C PHE A 52 -2.28 -6.57 6.46
N ASP A 53 -2.59 -7.15 5.31
CA ASP A 53 -3.48 -8.29 5.26
C ASP A 53 -2.69 -9.53 4.85
N ASP A 54 -3.38 -10.67 4.88
CA ASP A 54 -2.75 -11.93 4.53
C ASP A 54 -3.59 -12.63 3.45
N THR A 55 -3.78 -11.91 2.35
CA THR A 55 -4.55 -12.45 1.24
C THR A 55 -4.33 -11.61 -0.02
N VAL A 56 -4.98 -12.03 -1.09
CA VAL A 56 -4.86 -11.33 -2.36
C VAL A 56 -6.23 -11.27 -3.03
N GLU A 57 -6.41 -10.25 -3.86
CA GLU A 57 -7.66 -10.05 -4.57
C GLU A 57 -7.59 -10.71 -5.94
N GLU A 58 -8.75 -10.77 -6.60
CA GLU A 58 -8.84 -11.35 -7.92
C GLU A 58 -8.40 -10.36 -8.99
N GLY A 59 -7.69 -9.32 -8.53
CA GLY A 59 -7.20 -8.30 -9.43
C GLY A 59 -6.28 -7.32 -8.70
N ASP A 60 -5.43 -7.88 -7.85
CA ASP A 60 -4.50 -7.07 -7.09
C ASP A 60 -3.14 -7.05 -7.80
N HIS A 61 -2.52 -5.89 -7.77
CA HIS A 61 -1.22 -5.73 -8.41
C HIS A 61 -0.13 -6.37 -7.55
N VAL A 62 0.36 -7.51 -8.03
CA VAL A 62 1.39 -8.23 -7.31
C VAL A 62 2.74 -7.52 -7.51
N PHE A 63 3.13 -6.76 -6.50
CA PHE A 63 4.39 -6.03 -6.55
C PHE A 63 5.34 -6.50 -5.46
N GLU A 64 6.41 -7.15 -5.89
CA GLU A 64 7.40 -7.67 -4.97
C GLU A 64 8.35 -6.55 -4.53
N TYR A 65 8.45 -6.37 -3.22
CA TYR A 65 9.31 -5.35 -2.67
C TYR A 65 10.51 -5.96 -1.93
N ASP A 66 11.07 -5.18 -1.02
CA ASP A 66 12.20 -5.64 -0.24
C ASP A 66 11.77 -6.79 0.66
N GLY A 67 11.48 -7.93 0.03
CA GLY A 67 11.05 -9.10 0.77
C GLY A 67 9.54 -9.09 0.99
N VAL A 68 8.99 -7.88 1.07
CA VAL A 68 7.57 -7.72 1.28
C VAL A 68 6.87 -7.54 -0.08
N LYS A 69 5.59 -7.86 -0.09
CA LYS A 69 4.81 -7.75 -1.30
C LYS A 69 3.75 -6.66 -1.12
N VAL A 70 3.37 -6.05 -2.24
CA VAL A 70 2.38 -4.99 -2.22
C VAL A 70 1.23 -5.36 -3.16
N VAL A 71 0.07 -4.78 -2.88
CA VAL A 71 -1.11 -5.04 -3.69
C VAL A 71 -1.95 -3.76 -3.76
N ILE A 72 -2.68 -3.63 -4.87
CA ILE A 72 -3.53 -2.47 -5.08
C ILE A 72 -4.85 -2.93 -5.70
N ASP A 73 -5.83 -2.03 -5.62
CA ASP A 73 -7.14 -2.33 -6.17
C ASP A 73 -7.18 -1.92 -7.64
N PRO A 74 -8.18 -2.47 -8.38
CA PRO A 74 -8.34 -2.17 -9.79
C PRO A 74 -8.93 -0.77 -9.99
N PHE A 75 -9.58 -0.29 -8.95
CA PHE A 75 -10.18 1.03 -8.99
C PHE A 75 -9.25 2.10 -8.43
N SER A 76 -8.16 1.62 -7.84
CA SER A 76 -7.17 2.52 -7.26
C SER A 76 -6.13 2.90 -8.31
N MET A 77 -6.06 2.07 -9.35
CA MET A 77 -5.11 2.32 -10.43
C MET A 77 -5.32 3.70 -11.04
N PRO A 78 -6.59 3.99 -11.40
CA PRO A 78 -6.94 5.27 -12.00
C PRO A 78 -6.95 6.38 -10.95
N TYR A 79 -6.65 5.99 -9.72
CA TYR A 79 -6.61 6.93 -8.61
C TYR A 79 -5.21 7.06 -8.04
N VAL A 80 -4.34 6.14 -8.45
CA VAL A 80 -2.96 6.15 -7.99
C VAL A 80 -2.05 5.65 -9.12
N ASN A 81 -2.34 6.14 -10.32
CA ASN A 81 -1.56 5.75 -11.48
C ASN A 81 -0.36 6.68 -11.62
N GLY A 82 0.83 6.09 -11.60
CA GLY A 82 2.05 6.85 -11.71
C GLY A 82 2.16 7.89 -10.59
N ALA A 83 2.14 7.39 -9.36
CA ALA A 83 2.23 8.26 -8.20
C ALA A 83 2.81 7.48 -7.03
N GLU A 84 3.34 8.21 -6.06
CA GLU A 84 3.92 7.59 -4.88
C GLU A 84 3.07 7.90 -3.65
N LEU A 85 3.14 7.00 -2.69
CA LEU A 85 2.39 7.15 -1.45
C LEU A 85 3.35 7.20 -0.27
N ASP A 86 3.48 8.39 0.30
CA ASP A 86 4.37 8.59 1.44
C ASP A 86 3.56 8.47 2.73
N TYR A 87 3.71 7.34 3.39
CA TYR A 87 3.00 7.09 4.63
C TYR A 87 3.77 7.65 5.83
N VAL A 88 3.11 8.52 6.57
CA VAL A 88 3.72 9.13 7.74
C VAL A 88 3.79 8.11 8.87
N VAL A 89 4.78 8.30 9.73
CA VAL A 89 4.96 7.41 10.86
C VAL A 89 5.05 8.23 12.15
N ASP A 90 4.11 7.95 13.05
CA ASP A 90 4.07 8.65 14.32
C ASP A 90 3.16 7.89 15.29
N PHE A 91 2.99 8.46 16.48
CA PHE A 91 2.15 7.86 17.49
C PHE A 91 2.25 6.33 17.44
N MET A 92 1.10 5.70 17.63
CA MET A 92 1.03 4.24 17.61
C MET A 92 0.77 3.73 16.19
N GLY A 93 0.84 4.65 15.24
CA GLY A 93 0.61 4.31 13.84
C GLY A 93 1.37 5.27 12.92
N GLY A 94 0.61 6.20 12.37
CA GLY A 94 1.18 7.19 11.46
C GLY A 94 0.08 7.95 10.72
N GLY A 95 0.45 8.48 9.56
CA GLY A 95 -0.48 9.23 8.74
C GLY A 95 -0.42 8.79 7.27
N PHE A 96 -1.27 9.40 6.46
CA PHE A 96 -1.33 9.08 5.05
C PHE A 96 -1.14 10.34 4.20
N THR A 97 -0.20 10.24 3.26
CA THR A 97 0.08 11.35 2.38
C THR A 97 0.33 10.85 0.95
N ILE A 98 -0.12 11.65 -0.01
CA ILE A 98 0.04 11.31 -1.41
C ILE A 98 0.85 12.40 -2.10
N ARG A 99 1.81 11.96 -2.91
CA ARG A 99 2.66 12.89 -3.63
C ARG A 99 2.49 12.68 -5.14
N ASN A 100 2.55 13.79 -5.86
CA ASN A 100 2.40 13.75 -7.31
C ASN A 100 3.65 14.36 -7.96
N PRO A 101 3.98 13.85 -9.17
CA PRO A 101 5.13 14.34 -9.91
C PRO A 101 4.85 15.71 -10.52
#